data_1IUZ
# 
_entry.id   1IUZ 
# 
_audit_conform.dict_name       mmcif_pdbx.dic 
_audit_conform.dict_version    5.386 
_audit_conform.dict_location   http://mmcif.pdb.org/dictionaries/ascii/mmcif_pdbx.dic 
# 
loop_
_database_2.database_id 
_database_2.database_code 
_database_2.pdbx_database_accession 
_database_2.pdbx_DOI 
PDB   1IUZ         pdb_00001iuz 10.2210/pdb1iuz/pdb 
WWPDB D_1000174272 ?            ?                   
# 
loop_
_pdbx_audit_revision_history.ordinal 
_pdbx_audit_revision_history.data_content_type 
_pdbx_audit_revision_history.major_revision 
_pdbx_audit_revision_history.minor_revision 
_pdbx_audit_revision_history.revision_date 
1 'Structure model' 1 0 1997-08-20 
2 'Structure model' 1 1 2008-03-24 
3 'Structure model' 1 2 2011-07-13 
4 'Structure model' 1 3 2011-11-16 
5 'Structure model' 1 4 2024-02-07 
# 
_pdbx_audit_revision_details.ordinal             1 
_pdbx_audit_revision_details.revision_ordinal    1 
_pdbx_audit_revision_details.data_content_type   'Structure model' 
_pdbx_audit_revision_details.provider            repository 
_pdbx_audit_revision_details.type                'Initial release' 
_pdbx_audit_revision_details.description         ? 
_pdbx_audit_revision_details.details             ? 
# 
loop_
_pdbx_audit_revision_group.ordinal 
_pdbx_audit_revision_group.revision_ordinal 
_pdbx_audit_revision_group.data_content_type 
_pdbx_audit_revision_group.group 
1 2 'Structure model' 'Version format compliance' 
2 3 'Structure model' 'Version format compliance' 
3 4 'Structure model' 'Atomic model'              
4 5 'Structure model' 'Data collection'           
5 5 'Structure model' 'Database references'       
6 5 'Structure model' 'Derived calculations'      
7 5 'Structure model' Other                       
# 
loop_
_pdbx_audit_revision_category.ordinal 
_pdbx_audit_revision_category.revision_ordinal 
_pdbx_audit_revision_category.data_content_type 
_pdbx_audit_revision_category.category 
1 5 'Structure model' chem_comp_atom       
2 5 'Structure model' chem_comp_bond       
3 5 'Structure model' database_2           
4 5 'Structure model' pdbx_database_status 
5 5 'Structure model' struct_conn          
6 5 'Structure model' struct_site          
# 
loop_
_pdbx_audit_revision_item.ordinal 
_pdbx_audit_revision_item.revision_ordinal 
_pdbx_audit_revision_item.data_content_type 
_pdbx_audit_revision_item.item 
1  5 'Structure model' '_database_2.pdbx_DOI'                
2  5 'Structure model' '_database_2.pdbx_database_accession' 
3  5 'Structure model' '_pdbx_database_status.process_site'  
4  5 'Structure model' '_struct_conn.ptnr1_auth_comp_id'     
5  5 'Structure model' '_struct_conn.ptnr1_auth_seq_id'      
6  5 'Structure model' '_struct_conn.ptnr1_label_asym_id'    
7  5 'Structure model' '_struct_conn.ptnr1_label_atom_id'    
8  5 'Structure model' '_struct_conn.ptnr1_label_comp_id'    
9  5 'Structure model' '_struct_conn.ptnr1_label_seq_id'     
10 5 'Structure model' '_struct_conn.ptnr2_auth_comp_id'     
11 5 'Structure model' '_struct_conn.ptnr2_auth_seq_id'      
12 5 'Structure model' '_struct_conn.ptnr2_label_asym_id'    
13 5 'Structure model' '_struct_conn.ptnr2_label_atom_id'    
14 5 'Structure model' '_struct_conn.ptnr2_label_comp_id'    
15 5 'Structure model' '_struct_conn.ptnr2_label_seq_id'     
16 5 'Structure model' '_struct_site.pdbx_auth_asym_id'      
17 5 'Structure model' '_struct_site.pdbx_auth_comp_id'      
18 5 'Structure model' '_struct_site.pdbx_auth_seq_id'       
# 
_pdbx_database_status.status_code                     REL 
_pdbx_database_status.entry_id                        1IUZ 
_pdbx_database_status.recvd_initial_deposition_date   1996-10-06 
_pdbx_database_status.deposit_site                    ? 
_pdbx_database_status.process_site                    BNL 
_pdbx_database_status.status_code_sf                  REL 
_pdbx_database_status.status_code_mr                  ? 
_pdbx_database_status.SG_entry                        ? 
_pdbx_database_status.pdb_format_compatible           Y 
_pdbx_database_status.status_code_cs                  ? 
_pdbx_database_status.status_code_nmr_data            ? 
_pdbx_database_status.methods_development_category    ? 
# 
_audit_author.name           'Shibata, N.' 
_audit_author.pdbx_ordinal   1 
# 
_citation.id                        primary 
_citation.title                     
;Novel insight into the copper-ligand geometry in the crystal structure of Ulva pertusa plastocyanin at 1.6-A resolution. Structural basis for regulation of the copper site by residue 88.
;
_citation.journal_abbrev            J.Biol.Chem. 
_citation.journal_volume            274 
_citation.page_first                4225 
_citation.page_last                 4230 
_citation.year                      1999 
_citation.journal_id_ASTM           JBCHA3 
_citation.country                   US 
_citation.journal_id_ISSN           0021-9258 
_citation.journal_id_CSD            0071 
_citation.book_publisher            ? 
_citation.pdbx_database_id_PubMed   9933621 
_citation.pdbx_database_id_DOI      10.1074/jbc.274.7.4225 
# 
loop_
_citation_author.citation_id 
_citation_author.name 
_citation_author.ordinal 
_citation_author.identifier_ORCID 
primary 'Shibata, N.'   1 ? 
primary 'Inoue, T.'     2 ? 
primary 'Nagano, C.'    3 ? 
primary 'Nishio, N.'    4 ? 
primary 'Kohzuma, T.'   5 ? 
primary 'Onodera, K.'   6 ? 
primary 'Yoshizaki, F.' 7 ? 
primary 'Sugimura, Y.'  8 ? 
primary 'Kai, Y.'       9 ? 
# 
loop_
_entity.id 
_entity.type 
_entity.src_method 
_entity.pdbx_description 
_entity.formula_weight 
_entity.pdbx_number_of_molecules 
_entity.pdbx_ec 
_entity.pdbx_mutation 
_entity.pdbx_fragment 
_entity.details 
1 polymer     nat PLASTOCYANIN      10197.375 1   ? ? ? ? 
2 non-polymer syn 'COPPER (II) ION' 63.546    1   ? ? ? ? 
3 non-polymer syn 'SULFATE ION'     96.063    1   ? ? ? ? 
4 water       nat water             18.015    105 ? ? ? ? 
# 
_entity_poly.entity_id                      1 
_entity_poly.type                           'polypeptide(L)' 
_entity_poly.nstd_linkage                   no 
_entity_poly.nstd_monomer                   no 
_entity_poly.pdbx_seq_one_letter_code       
;AQIVKLGGDDGSLAFVPSKISVAAGEAIEFVNNAGFPHNIVFDEDAVPAGVDADAISYDDYLNSKGETVVRKLSTPGVYG
VYCEPHAGAGMKMTITVQ
;
_entity_poly.pdbx_seq_one_letter_code_can   
;AQIVKLGGDDGSLAFVPSKISVAAGEAIEFVNNAGFPHNIVFDEDAVPAGVDADAISYDDYLNSKGETVVRKLSTPGVYG
VYCEPHAGAGMKMTITVQ
;
_entity_poly.pdbx_strand_id                 A 
_entity_poly.pdbx_target_identifier         ? 
# 
loop_
_pdbx_entity_nonpoly.entity_id 
_pdbx_entity_nonpoly.name 
_pdbx_entity_nonpoly.comp_id 
2 'COPPER (II) ION' CU  
3 'SULFATE ION'     SO4 
4 water             HOH 
# 
loop_
_entity_poly_seq.entity_id 
_entity_poly_seq.num 
_entity_poly_seq.mon_id 
_entity_poly_seq.hetero 
1 1  ALA n 
1 2  GLN n 
1 3  ILE n 
1 4  VAL n 
1 5  LYS n 
1 6  LEU n 
1 7  GLY n 
1 8  GLY n 
1 9  ASP n 
1 10 ASP n 
1 11 GLY n 
1 12 SER n 
1 13 LEU n 
1 14 ALA n 
1 15 PHE n 
1 16 VAL n 
1 17 PRO n 
1 18 SER n 
1 19 LYS n 
1 20 ILE n 
1 21 SER n 
1 22 VAL n 
1 23 ALA n 
1 24 ALA n 
1 25 GLY n 
1 26 GLU n 
1 27 ALA n 
1 28 ILE n 
1 29 GLU n 
1 30 PHE n 
1 31 VAL n 
1 32 ASN n 
1 33 ASN n 
1 34 ALA n 
1 35 GLY n 
1 36 PHE n 
1 37 PRO n 
1 38 HIS n 
1 39 ASN n 
1 40 ILE n 
1 41 VAL n 
1 42 PHE n 
1 43 ASP n 
1 44 GLU n 
1 45 ASP n 
1 46 ALA n 
1 47 VAL n 
1 48 PRO n 
1 49 ALA n 
1 50 GLY n 
1 51 VAL n 
1 52 ASP n 
1 53 ALA n 
1 54 ASP n 
1 55 ALA n 
1 56 ILE n 
1 57 SER n 
1 58 TYR n 
1 59 ASP n 
1 60 ASP n 
1 61 TYR n 
1 62 LEU n 
1 63 ASN n 
1 64 SER n 
1 65 LYS n 
1 66 GLY n 
1 67 GLU n 
1 68 THR n 
1 69 VAL n 
1 70 VAL n 
1 71 ARG n 
1 72 LYS n 
1 73 LEU n 
1 74 SER n 
1 75 THR n 
1 76 PRO n 
1 77 GLY n 
1 78 VAL n 
1 79 TYR n 
1 80 GLY n 
1 81 VAL n 
1 82 TYR n 
1 83 CYS n 
1 84 GLU n 
1 85 PRO n 
1 86 HIS n 
1 87 ALA n 
1 88 GLY n 
1 89 ALA n 
1 90 GLY n 
1 91 MET n 
1 92 LYS n 
1 93 MET n 
1 94 THR n 
1 95 ILE n 
1 96 THR n 
1 97 VAL n 
1 98 GLN n 
# 
_entity_src_nat.entity_id                  1 
_entity_src_nat.pdbx_src_id                1 
_entity_src_nat.pdbx_alt_source_flag       sample 
_entity_src_nat.pdbx_beg_seq_num           ? 
_entity_src_nat.pdbx_end_seq_num           ? 
_entity_src_nat.common_name                ? 
_entity_src_nat.pdbx_organism_scientific   'Ulva pertusa' 
_entity_src_nat.pdbx_ncbi_taxonomy_id      3120 
_entity_src_nat.genus                      Ulva 
_entity_src_nat.species                    ? 
_entity_src_nat.strain                     ? 
_entity_src_nat.tissue                     ? 
_entity_src_nat.tissue_fraction            ? 
_entity_src_nat.pdbx_secretion             ? 
_entity_src_nat.pdbx_fragment              ? 
_entity_src_nat.pdbx_variant               ? 
_entity_src_nat.pdbx_cell_line             ? 
_entity_src_nat.pdbx_atcc                  ? 
_entity_src_nat.pdbx_cellular_location     ? 
_entity_src_nat.pdbx_organ                 ? 
_entity_src_nat.pdbx_organelle             ? 
_entity_src_nat.pdbx_cell                  ? 
_entity_src_nat.pdbx_plasmid_name          ? 
_entity_src_nat.pdbx_plasmid_details       ? 
_entity_src_nat.details                    ? 
# 
loop_
_chem_comp.id 
_chem_comp.type 
_chem_comp.mon_nstd_flag 
_chem_comp.name 
_chem_comp.pdbx_synonyms 
_chem_comp.formula 
_chem_comp.formula_weight 
ALA 'L-peptide linking' y ALANINE           ? 'C3 H7 N O2'     89.093  
ARG 'L-peptide linking' y ARGININE          ? 'C6 H15 N4 O2 1' 175.209 
ASN 'L-peptide linking' y ASPARAGINE        ? 'C4 H8 N2 O3'    132.118 
ASP 'L-peptide linking' y 'ASPARTIC ACID'   ? 'C4 H7 N O4'     133.103 
CU  non-polymer         . 'COPPER (II) ION' ? 'Cu 2'           63.546  
CYS 'L-peptide linking' y CYSTEINE          ? 'C3 H7 N O2 S'   121.158 
GLN 'L-peptide linking' y GLUTAMINE         ? 'C5 H10 N2 O3'   146.144 
GLU 'L-peptide linking' y 'GLUTAMIC ACID'   ? 'C5 H9 N O4'     147.129 
GLY 'peptide linking'   y GLYCINE           ? 'C2 H5 N O2'     75.067  
HIS 'L-peptide linking' y HISTIDINE         ? 'C6 H10 N3 O2 1' 156.162 
HOH non-polymer         . WATER             ? 'H2 O'           18.015  
ILE 'L-peptide linking' y ISOLEUCINE        ? 'C6 H13 N O2'    131.173 
LEU 'L-peptide linking' y LEUCINE           ? 'C6 H13 N O2'    131.173 
LYS 'L-peptide linking' y LYSINE            ? 'C6 H15 N2 O2 1' 147.195 
MET 'L-peptide linking' y METHIONINE        ? 'C5 H11 N O2 S'  149.211 
PHE 'L-peptide linking' y PHENYLALANINE     ? 'C9 H11 N O2'    165.189 
PRO 'L-peptide linking' y PROLINE           ? 'C5 H9 N O2'     115.130 
SER 'L-peptide linking' y SERINE            ? 'C3 H7 N O3'     105.093 
SO4 non-polymer         . 'SULFATE ION'     ? 'O4 S -2'        96.063  
THR 'L-peptide linking' y THREONINE         ? 'C4 H9 N O3'     119.119 
TYR 'L-peptide linking' y TYROSINE          ? 'C9 H11 N O3'    181.189 
VAL 'L-peptide linking' y VALINE            ? 'C5 H11 N O2'    117.146 
# 
loop_
_pdbx_poly_seq_scheme.asym_id 
_pdbx_poly_seq_scheme.entity_id 
_pdbx_poly_seq_scheme.seq_id 
_pdbx_poly_seq_scheme.mon_id 
_pdbx_poly_seq_scheme.ndb_seq_num 
_pdbx_poly_seq_scheme.pdb_seq_num 
_pdbx_poly_seq_scheme.auth_seq_num 
_pdbx_poly_seq_scheme.pdb_mon_id 
_pdbx_poly_seq_scheme.auth_mon_id 
_pdbx_poly_seq_scheme.pdb_strand_id 
_pdbx_poly_seq_scheme.pdb_ins_code 
_pdbx_poly_seq_scheme.hetero 
A 1 1  ALA 1  0  0  ALA ALA A . n 
A 1 2  GLN 2  1  1  GLN GLN A . n 
A 1 3  ILE 3  2  2  ILE ILE A . n 
A 1 4  VAL 4  3  3  VAL VAL A . n 
A 1 5  LYS 5  4  4  LYS LYS A . n 
A 1 6  LEU 6  5  5  LEU LEU A . n 
A 1 7  GLY 7  6  6  GLY GLY A . n 
A 1 8  GLY 8  7  7  GLY GLY A . n 
A 1 9  ASP 9  8  8  ASP ASP A . n 
A 1 10 ASP 10 9  9  ASP ASP A . n 
A 1 11 GLY 11 10 10 GLY GLY A . n 
A 1 12 SER 12 11 11 SER SER A . n 
A 1 13 LEU 13 12 12 LEU LEU A . n 
A 1 14 ALA 14 13 13 ALA ALA A . n 
A 1 15 PHE 15 14 14 PHE PHE A . n 
A 1 16 VAL 16 15 15 VAL VAL A . n 
A 1 17 PRO 17 16 16 PRO PRO A . n 
A 1 18 SER 18 17 17 SER SER A . n 
A 1 19 LYS 19 18 18 LYS LYS A . n 
A 1 20 ILE 20 19 19 ILE ILE A . n 
A 1 21 SER 21 20 20 SER SER A . n 
A 1 22 VAL 22 21 21 VAL VAL A . n 
A 1 23 ALA 23 22 22 ALA ALA A . n 
A 1 24 ALA 24 23 23 ALA ALA A . n 
A 1 25 GLY 25 24 24 GLY GLY A . n 
A 1 26 GLU 26 25 25 GLU GLU A . n 
A 1 27 ALA 27 26 26 ALA ALA A . n 
A 1 28 ILE 28 27 27 ILE ILE A . n 
A 1 29 GLU 29 28 28 GLU GLU A . n 
A 1 30 PHE 30 29 29 PHE PHE A . n 
A 1 31 VAL 31 30 30 VAL VAL A . n 
A 1 32 ASN 32 31 31 ASN ASN A . n 
A 1 33 ASN 33 32 32 ASN ASN A . n 
A 1 34 ALA 34 33 33 ALA ALA A . n 
A 1 35 GLY 35 34 34 GLY GLY A . n 
A 1 36 PHE 36 35 35 PHE PHE A . n 
A 1 37 PRO 37 36 36 PRO PRO A . n 
A 1 38 HIS 38 37 37 HIS HIS A . n 
A 1 39 ASN 39 38 38 ASN ASN A . n 
A 1 40 ILE 40 39 39 ILE ILE A . n 
A 1 41 VAL 41 40 40 VAL VAL A . n 
A 1 42 PHE 42 41 41 PHE PHE A . n 
A 1 43 ASP 43 42 42 ASP ASP A . n 
A 1 44 GLU 44 43 43 GLU GLU A . n 
A 1 45 ASP 45 44 44 ASP ASP A . n 
A 1 46 ALA 46 45 45 ALA ALA A . n 
A 1 47 VAL 47 46 46 VAL VAL A . n 
A 1 48 PRO 48 47 47 PRO PRO A . n 
A 1 49 ALA 49 48 48 ALA ALA A . n 
A 1 50 GLY 50 49 49 GLY GLY A . n 
A 1 51 VAL 51 50 50 VAL VAL A . n 
A 1 52 ASP 52 51 51 ASP ASP A . n 
A 1 53 ALA 53 52 52 ALA ALA A . n 
A 1 54 ASP 54 53 53 ASP ASP A . n 
A 1 55 ALA 55 54 54 ALA ALA A . n 
A 1 56 ILE 56 55 55 ILE ILE A . n 
A 1 57 SER 57 56 56 SER SER A . n 
A 1 58 TYR 58 57 57 TYR TYR A . n 
A 1 59 ASP 59 59 59 ASP ASP A . n 
A 1 60 ASP 60 61 61 ASP ASP A . n 
A 1 61 TYR 61 62 62 TYR TYR A . n 
A 1 62 LEU 62 63 63 LEU LEU A . n 
A 1 63 ASN 63 64 64 ASN ASN A . n 
A 1 64 SER 64 65 65 SER SER A . n 
A 1 65 LYS 65 66 66 LYS LYS A . n 
A 1 66 GLY 66 67 67 GLY GLY A . n 
A 1 67 GLU 67 68 68 GLU GLU A . n 
A 1 68 THR 68 69 69 THR THR A . n 
A 1 69 VAL 69 70 70 VAL VAL A . n 
A 1 70 VAL 70 71 71 VAL VAL A . n 
A 1 71 ARG 71 72 72 ARG ARG A . n 
A 1 72 LYS 72 73 73 LYS LYS A . n 
A 1 73 LEU 73 74 74 LEU LEU A . n 
A 1 74 SER 74 75 75 SER SER A . n 
A 1 75 THR 75 76 76 THR THR A . n 
A 1 76 PRO 76 77 77 PRO PRO A . n 
A 1 77 GLY 77 78 78 GLY GLY A . n 
A 1 78 VAL 78 79 79 VAL VAL A . n 
A 1 79 TYR 79 80 80 TYR TYR A . n 
A 1 80 GLY 80 81 81 GLY GLY A . n 
A 1 81 VAL 81 82 82 VAL VAL A . n 
A 1 82 TYR 82 83 83 TYR TYR A . n 
A 1 83 CYS 83 84 84 CYS CYS A . n 
A 1 84 GLU 84 85 85 GLU GLU A . n 
A 1 85 PRO 85 86 86 PRO PRO A . n 
A 1 86 HIS 86 87 87 HIS HIS A . n 
A 1 87 ALA 87 88 88 ALA ALA A . n 
A 1 88 GLY 88 89 89 GLY GLY A . n 
A 1 89 ALA 89 90 90 ALA ALA A . n 
A 1 90 GLY 90 91 91 GLY GLY A . n 
A 1 91 MET 91 92 92 MET MET A . n 
A 1 92 LYS 92 93 93 LYS LYS A . n 
A 1 93 MET 93 94 94 MET MET A . n 
A 1 94 THR 94 95 95 THR THR A . n 
A 1 95 ILE 95 96 96 ILE ILE A . n 
A 1 96 THR 96 97 97 THR THR A . n 
A 1 97 VAL 97 98 98 VAL VAL A . n 
A 1 98 GLN 98 99 99 GLN GLN A . n 
# 
loop_
_pdbx_nonpoly_scheme.asym_id 
_pdbx_nonpoly_scheme.entity_id 
_pdbx_nonpoly_scheme.mon_id 
_pdbx_nonpoly_scheme.ndb_seq_num 
_pdbx_nonpoly_scheme.pdb_seq_num 
_pdbx_nonpoly_scheme.auth_seq_num 
_pdbx_nonpoly_scheme.pdb_mon_id 
_pdbx_nonpoly_scheme.auth_mon_id 
_pdbx_nonpoly_scheme.pdb_strand_id 
_pdbx_nonpoly_scheme.pdb_ins_code 
B 2 CU  1   100 100 CU  CU  A . 
C 3 SO4 1   200 200 SO4 SO4 A . 
D 4 HOH 1   201 201 HOH HOH A . 
D 4 HOH 2   202 202 HOH HOH A . 
D 4 HOH 3   203 203 HOH HOH A . 
D 4 HOH 4   204 204 HOH HOH A . 
D 4 HOH 5   205 205 HOH HOH A . 
D 4 HOH 6   206 206 HOH HOH A . 
D 4 HOH 7   207 207 HOH HOH A . 
D 4 HOH 8   208 208 HOH HOH A . 
D 4 HOH 9   209 209 HOH HOH A . 
D 4 HOH 10  210 210 HOH HOH A . 
D 4 HOH 11  211 211 HOH HOH A . 
D 4 HOH 12  212 212 HOH HOH A . 
D 4 HOH 13  213 213 HOH HOH A . 
D 4 HOH 14  214 214 HOH HOH A . 
D 4 HOH 15  215 215 HOH HOH A . 
D 4 HOH 16  216 216 HOH HOH A . 
D 4 HOH 17  217 217 HOH HOH A . 
D 4 HOH 18  218 218 HOH HOH A . 
D 4 HOH 19  219 219 HOH HOH A . 
D 4 HOH 20  220 220 HOH HOH A . 
D 4 HOH 21  221 221 HOH HOH A . 
D 4 HOH 22  222 222 HOH HOH A . 
D 4 HOH 23  223 223 HOH HOH A . 
D 4 HOH 24  224 224 HOH HOH A . 
D 4 HOH 25  225 225 HOH HOH A . 
D 4 HOH 26  226 226 HOH HOH A . 
D 4 HOH 27  227 227 HOH HOH A . 
D 4 HOH 28  228 228 HOH HOH A . 
D 4 HOH 29  229 229 HOH HOH A . 
D 4 HOH 30  230 230 HOH HOH A . 
D 4 HOH 31  231 231 HOH HOH A . 
D 4 HOH 32  232 232 HOH HOH A . 
D 4 HOH 33  233 233 HOH HOH A . 
D 4 HOH 34  234 234 HOH HOH A . 
D 4 HOH 35  235 235 HOH HOH A . 
D 4 HOH 36  236 236 HOH HOH A . 
D 4 HOH 37  237 237 HOH HOH A . 
D 4 HOH 38  238 238 HOH HOH A . 
D 4 HOH 39  239 239 HOH HOH A . 
D 4 HOH 40  240 240 HOH HOH A . 
D 4 HOH 41  241 241 HOH HOH A . 
D 4 HOH 42  242 242 HOH HOH A . 
D 4 HOH 43  243 243 HOH HOH A . 
D 4 HOH 44  244 244 HOH HOH A . 
D 4 HOH 45  245 245 HOH HOH A . 
D 4 HOH 46  246 246 HOH HOH A . 
D 4 HOH 47  247 247 HOH HOH A . 
D 4 HOH 48  248 248 HOH HOH A . 
D 4 HOH 49  249 249 HOH HOH A . 
D 4 HOH 50  250 250 HOH HOH A . 
D 4 HOH 51  251 251 HOH HOH A . 
D 4 HOH 52  252 252 HOH HOH A . 
D 4 HOH 53  253 253 HOH HOH A . 
D 4 HOH 54  254 254 HOH HOH A . 
D 4 HOH 55  255 255 HOH HOH A . 
D 4 HOH 56  256 256 HOH HOH A . 
D 4 HOH 57  257 257 HOH HOH A . 
D 4 HOH 58  258 258 HOH HOH A . 
D 4 HOH 59  259 259 HOH HOH A . 
D 4 HOH 60  260 260 HOH HOH A . 
D 4 HOH 61  261 261 HOH HOH A . 
D 4 HOH 62  262 262 HOH HOH A . 
D 4 HOH 63  263 263 HOH HOH A . 
D 4 HOH 64  264 264 HOH HOH A . 
D 4 HOH 65  265 265 HOH HOH A . 
D 4 HOH 66  266 266 HOH HOH A . 
D 4 HOH 67  267 267 HOH HOH A . 
D 4 HOH 68  268 268 HOH HOH A . 
D 4 HOH 69  269 269 HOH HOH A . 
D 4 HOH 70  270 270 HOH HOH A . 
D 4 HOH 71  271 271 HOH HOH A . 
D 4 HOH 72  272 272 HOH HOH A . 
D 4 HOH 73  273 273 HOH HOH A . 
D 4 HOH 74  274 274 HOH HOH A . 
D 4 HOH 75  275 275 HOH HOH A . 
D 4 HOH 76  276 276 HOH HOH A . 
D 4 HOH 77  277 277 HOH HOH A . 
D 4 HOH 78  278 278 HOH HOH A . 
D 4 HOH 79  279 279 HOH HOH A . 
D 4 HOH 80  280 280 HOH HOH A . 
D 4 HOH 81  281 281 HOH HOH A . 
D 4 HOH 82  282 282 HOH HOH A . 
D 4 HOH 83  283 283 HOH HOH A . 
D 4 HOH 84  284 284 HOH HOH A . 
D 4 HOH 85  285 285 HOH HOH A . 
D 4 HOH 86  286 286 HOH HOH A . 
D 4 HOH 87  287 287 HOH HOH A . 
D 4 HOH 88  288 288 HOH HOH A . 
D 4 HOH 89  289 289 HOH HOH A . 
D 4 HOH 90  290 290 HOH HOH A . 
D 4 HOH 91  291 291 HOH HOH A . 
D 4 HOH 92  292 292 HOH HOH A . 
D 4 HOH 93  293 293 HOH HOH A . 
D 4 HOH 94  294 294 HOH HOH A . 
D 4 HOH 95  295 295 HOH HOH A . 
D 4 HOH 96  296 296 HOH HOH A . 
D 4 HOH 97  297 297 HOH HOH A . 
D 4 HOH 98  298 298 HOH HOH A . 
D 4 HOH 99  299 299 HOH HOH A . 
D 4 HOH 100 300 300 HOH HOH A . 
D 4 HOH 101 301 301 HOH HOH A . 
D 4 HOH 102 302 302 HOH HOH A . 
D 4 HOH 103 303 303 HOH HOH A . 
D 4 HOH 104 304 304 HOH HOH A . 
D 4 HOH 105 305 305 HOH HOH A . 
# 
loop_
_software.name 
_software.classification 
_software.version 
_software.citation_id 
_software.pdbx_ordinal 
X-PLOR    'model building' 3.0 ? 1 
X-PLOR    refinement       3.0 ? 2 
DENZO     'data reduction' .   ? 3 
SCALEPACK 'data scaling'   .   ? 4 
X-PLOR    phasing          3.0 ? 5 
# 
_cell.entry_id           1IUZ 
_cell.length_a           88.300 
_cell.length_b           88.300 
_cell.length_c           88.300 
_cell.angle_alpha        90.00 
_cell.angle_beta         90.00 
_cell.angle_gamma        90.00 
_cell.Z_PDB              24 
_cell.pdbx_unique_axis   ? 
# 
_symmetry.entry_id                         1IUZ 
_symmetry.space_group_name_H-M             'P 43 3 2' 
_symmetry.pdbx_full_space_group_name_H-M   ? 
_symmetry.cell_setting                     ? 
_symmetry.Int_Tables_number                212 
# 
_exptl.entry_id          1IUZ 
_exptl.method            'X-RAY DIFFRACTION' 
_exptl.crystals_number   ? 
# 
_exptl_crystal.id                    1 
_exptl_crystal.density_meas          ? 
_exptl_crystal.density_Matthews      2.81 
_exptl_crystal.density_percent_sol   55. 
_exptl_crystal.description           ? 
# 
_diffrn.id                     1 
_diffrn.ambient_temp           ? 
_diffrn.ambient_temp_details   ? 
_diffrn.crystal_id             1 
# 
_diffrn_detector.diffrn_id              1 
_diffrn_detector.detector               DIFFRACTOMETER 
_diffrn_detector.type                   WEISSENBERG 
_diffrn_detector.pdbx_collection_date   1996-06-22 
_diffrn_detector.details                ? 
# 
_diffrn_radiation.diffrn_id                        1 
_diffrn_radiation.wavelength_id                    1 
_diffrn_radiation.pdbx_monochromatic_or_laue_m_l   M 
_diffrn_radiation.monochromator                    ? 
_diffrn_radiation.pdbx_diffrn_protocol             ? 
_diffrn_radiation.pdbx_scattering_type             x-ray 
# 
_diffrn_radiation_wavelength.id           1 
_diffrn_radiation_wavelength.wavelength   1.0 
_diffrn_radiation_wavelength.wt           1.0 
# 
_diffrn_source.diffrn_id                   1 
_diffrn_source.source                      SYNCHROTRON 
_diffrn_source.type                        'PHOTON FACTORY BEAMLINE BL-6A' 
_diffrn_source.pdbx_synchrotron_site       'Photon Factory' 
_diffrn_source.pdbx_synchrotron_beamline   BL-6A 
_diffrn_source.pdbx_wavelength             1.0 
_diffrn_source.pdbx_wavelength_list        ? 
# 
_reflns.entry_id                     1IUZ 
_reflns.observed_criterion_sigma_I   1. 
_reflns.observed_criterion_sigma_F   ? 
_reflns.d_resolution_low             ? 
_reflns.d_resolution_high            ? 
_reflns.number_obs                   14759 
_reflns.number_all                   ? 
_reflns.percent_possible_obs         0.92 
_reflns.pdbx_Rmerge_I_obs            0.0820000 
_reflns.pdbx_Rsym_value              ? 
_reflns.pdbx_netI_over_sigmaI        ? 
_reflns.B_iso_Wilson_estimate        ? 
_reflns.pdbx_redundancy              7.86 
_reflns.pdbx_diffrn_id               1 
_reflns.pdbx_ordinal                 1 
# 
_refine.entry_id                                 1IUZ 
_refine.ls_number_reflns_obs                     ? 
_refine.ls_number_reflns_all                     ? 
_refine.pdbx_ls_sigma_I                          ? 
_refine.pdbx_ls_sigma_F                          2.0 
_refine.pdbx_data_cutoff_high_absF               ? 
_refine.pdbx_data_cutoff_low_absF                ? 
_refine.pdbx_data_cutoff_high_rms_absF           ? 
_refine.ls_d_res_low                             10.0 
_refine.ls_d_res_high                            1.6 
_refine.ls_percent_reflns_obs                    ? 
_refine.ls_R_factor_obs                          0.1760000 
_refine.ls_R_factor_all                          ? 
_refine.ls_R_factor_R_work                       0.1760000 
_refine.ls_R_factor_R_free                       0.2110000 
_refine.ls_R_factor_R_free_error                 ? 
_refine.ls_R_factor_R_free_error_details         ? 
_refine.ls_percent_reflns_R_free                 5. 
_refine.ls_number_reflns_R_free                  684 
_refine.ls_number_parameters                     ? 
_refine.ls_number_restraints                     ? 
_refine.occupancy_min                            ? 
_refine.occupancy_max                            ? 
_refine.B_iso_mean                               20.9 
_refine.aniso_B[1][1]                            ? 
_refine.aniso_B[2][2]                            ? 
_refine.aniso_B[3][3]                            ? 
_refine.aniso_B[1][2]                            ? 
_refine.aniso_B[1][3]                            ? 
_refine.aniso_B[2][3]                            ? 
_refine.solvent_model_details                    ? 
_refine.solvent_model_param_ksol                 ? 
_refine.solvent_model_param_bsol                 ? 
_refine.pdbx_ls_cross_valid_method               ? 
_refine.details                                  ? 
_refine.pdbx_starting_model                      ? 
_refine.pdbx_method_to_determine_struct          ? 
_refine.pdbx_isotropic_thermal_model             ? 
_refine.pdbx_stereochemistry_target_values       ? 
_refine.pdbx_stereochem_target_val_spec_case     ? 
_refine.pdbx_R_Free_selection_details            ? 
_refine.pdbx_overall_ESU_R                       ? 
_refine.pdbx_overall_ESU_R_Free                  ? 
_refine.overall_SU_ML                            ? 
_refine.overall_SU_B                             ? 
_refine.pdbx_refine_id                           'X-RAY DIFFRACTION' 
_refine.pdbx_diffrn_id                           1 
_refine.pdbx_TLS_residual_ADP_flag               ? 
_refine.correlation_coeff_Fo_to_Fc               ? 
_refine.correlation_coeff_Fo_to_Fc_free          ? 
_refine.pdbx_solvent_vdw_probe_radii             ? 
_refine.pdbx_solvent_ion_probe_radii             ? 
_refine.pdbx_solvent_shrinkage_radii             ? 
_refine.pdbx_overall_phase_error                 ? 
_refine.overall_SU_R_Cruickshank_DPI             ? 
_refine.pdbx_overall_SU_R_free_Cruickshank_DPI   ? 
_refine.pdbx_overall_SU_R_Blow_DPI               ? 
_refine.pdbx_overall_SU_R_free_Blow_DPI          ? 
# 
_refine_analyze.entry_id                        1IUZ 
_refine_analyze.Luzzati_coordinate_error_obs    0.2 
_refine_analyze.Luzzati_sigma_a_obs             ? 
_refine_analyze.Luzzati_d_res_low_obs           ? 
_refine_analyze.Luzzati_coordinate_error_free   ? 
_refine_analyze.Luzzati_sigma_a_free            ? 
_refine_analyze.Luzzati_d_res_low_free          ? 
_refine_analyze.number_disordered_residues      ? 
_refine_analyze.occupancy_sum_hydrogen          ? 
_refine_analyze.occupancy_sum_non_hydrogen      ? 
_refine_analyze.pdbx_refine_id                  'X-RAY DIFFRACTION' 
# 
_refine_hist.pdbx_refine_id                   'X-RAY DIFFRACTION' 
_refine_hist.cycle_id                         LAST 
_refine_hist.pdbx_number_atoms_protein        717 
_refine_hist.pdbx_number_atoms_nucleic_acid   0 
_refine_hist.pdbx_number_atoms_ligand         1 
_refine_hist.number_atoms_solvent             110 
_refine_hist.number_atoms_total               828 
_refine_hist.d_res_high                       1.6 
_refine_hist.d_res_low                        10.0 
# 
loop_
_refine_ls_restr.type 
_refine_ls_restr.dev_ideal 
_refine_ls_restr.dev_ideal_target 
_refine_ls_restr.weight 
_refine_ls_restr.number 
_refine_ls_restr.pdbx_refine_id 
_refine_ls_restr.pdbx_restraint_function 
x_bond_d                0.012 ? ? ? 'X-RAY DIFFRACTION' ? 
x_bond_d_na             ?     ? ? ? 'X-RAY DIFFRACTION' ? 
x_bond_d_prot           ?     ? ? ? 'X-RAY DIFFRACTION' ? 
x_angle_d               ?     ? ? ? 'X-RAY DIFFRACTION' ? 
x_angle_d_na            ?     ? ? ? 'X-RAY DIFFRACTION' ? 
x_angle_d_prot          ?     ? ? ? 'X-RAY DIFFRACTION' ? 
x_angle_deg             5.6   ? ? ? 'X-RAY DIFFRACTION' ? 
x_angle_deg_na          ?     ? ? ? 'X-RAY DIFFRACTION' ? 
x_angle_deg_prot        ?     ? ? ? 'X-RAY DIFFRACTION' ? 
x_dihedral_angle_d      29.0  ? ? ? 'X-RAY DIFFRACTION' ? 
x_dihedral_angle_d_na   ?     ? ? ? 'X-RAY DIFFRACTION' ? 
x_dihedral_angle_d_prot ?     ? ? ? 'X-RAY DIFFRACTION' ? 
x_improper_angle_d      1.1   ? ? ? 'X-RAY DIFFRACTION' ? 
x_improper_angle_d_na   ?     ? ? ? 'X-RAY DIFFRACTION' ? 
x_improper_angle_d_prot ?     ? ? ? 'X-RAY DIFFRACTION' ? 
x_mcbond_it             ?     ? ? ? 'X-RAY DIFFRACTION' ? 
x_mcangle_it            ?     ? ? ? 'X-RAY DIFFRACTION' ? 
x_scbond_it             ?     ? ? ? 'X-RAY DIFFRACTION' ? 
x_scangle_it            ?     ? ? ? 'X-RAY DIFFRACTION' ? 
# 
_struct.entry_id                  1IUZ 
_struct.title                     PLASTOCYANIN 
_struct.pdbx_model_details        ? 
_struct.pdbx_CASP_flag            ? 
_struct.pdbx_model_type_details   ? 
# 
_struct_keywords.entry_id        1IUZ 
_struct_keywords.pdbx_keywords   'ELECTRON TRANSPORT' 
_struct_keywords.text            'ELECTRON TRANSPORT' 
# 
loop_
_struct_asym.id 
_struct_asym.pdbx_blank_PDB_chainid_flag 
_struct_asym.pdbx_modified 
_struct_asym.entity_id 
_struct_asym.details 
A N N 1 ? 
B N N 2 ? 
C N N 3 ? 
D N N 4 ? 
# 
_struct_ref.id                         1 
_struct_ref.db_name                    UNP 
_struct_ref.db_code                    PLAS_ULVPE 
_struct_ref.entity_id                  1 
_struct_ref.pdbx_db_accession          P56274 
_struct_ref.pdbx_align_begin           1 
_struct_ref.pdbx_seq_one_letter_code   
;AQIVKLGGDDGSLAFVPSKISVAAGEAIEFVNNAGFPHNIVFDEDAVPAGVDADAISYDDYLNSKGETVVRKLSTPGVYG
VYCEPHAGAGMKMTITVQ
;
_struct_ref.pdbx_db_isoform            ? 
# 
_struct_ref_seq.align_id                      1 
_struct_ref_seq.ref_id                        1 
_struct_ref_seq.pdbx_PDB_id_code              1IUZ 
_struct_ref_seq.pdbx_strand_id                A 
_struct_ref_seq.seq_align_beg                 1 
_struct_ref_seq.pdbx_seq_align_beg_ins_code   ? 
_struct_ref_seq.seq_align_end                 98 
_struct_ref_seq.pdbx_seq_align_end_ins_code   ? 
_struct_ref_seq.pdbx_db_accession             P56274 
_struct_ref_seq.db_align_beg                  1 
_struct_ref_seq.pdbx_db_align_beg_ins_code    ? 
_struct_ref_seq.db_align_end                  98 
_struct_ref_seq.pdbx_db_align_end_ins_code    ? 
_struct_ref_seq.pdbx_auth_seq_align_beg       0 
_struct_ref_seq.pdbx_auth_seq_align_end       99 
# 
_pdbx_struct_assembly.id                   1 
_pdbx_struct_assembly.details              author_defined_assembly 
_pdbx_struct_assembly.method_details       ? 
_pdbx_struct_assembly.oligomeric_details   monomeric 
_pdbx_struct_assembly.oligomeric_count     1 
# 
_pdbx_struct_assembly_gen.assembly_id       1 
_pdbx_struct_assembly_gen.oper_expression   1 
_pdbx_struct_assembly_gen.asym_id_list      A,B,C,D 
# 
_pdbx_struct_oper_list.id                   1 
_pdbx_struct_oper_list.type                 'identity operation' 
_pdbx_struct_oper_list.name                 1_555 
_pdbx_struct_oper_list.symmetry_operation   x,y,z 
_pdbx_struct_oper_list.matrix[1][1]         1.0000000000 
_pdbx_struct_oper_list.matrix[1][2]         0.0000000000 
_pdbx_struct_oper_list.matrix[1][3]         0.0000000000 
_pdbx_struct_oper_list.vector[1]            0.0000000000 
_pdbx_struct_oper_list.matrix[2][1]         0.0000000000 
_pdbx_struct_oper_list.matrix[2][2]         1.0000000000 
_pdbx_struct_oper_list.matrix[2][3]         0.0000000000 
_pdbx_struct_oper_list.vector[2]            0.0000000000 
_pdbx_struct_oper_list.matrix[3][1]         0.0000000000 
_pdbx_struct_oper_list.matrix[3][2]         0.0000000000 
_pdbx_struct_oper_list.matrix[3][3]         1.0000000000 
_pdbx_struct_oper_list.vector[3]            0.0000000000 
# 
_struct_biol.id   1 
# 
loop_
_struct_conf.conf_type_id 
_struct_conf.id 
_struct_conf.pdbx_PDB_helix_id 
_struct_conf.beg_label_comp_id 
_struct_conf.beg_label_asym_id 
_struct_conf.beg_label_seq_id 
_struct_conf.pdbx_beg_PDB_ins_code 
_struct_conf.end_label_comp_id 
_struct_conf.end_label_asym_id 
_struct_conf.end_label_seq_id 
_struct_conf.pdbx_end_PDB_ins_code 
_struct_conf.beg_auth_comp_id 
_struct_conf.beg_auth_asym_id 
_struct_conf.beg_auth_seq_id 
_struct_conf.end_auth_comp_id 
_struct_conf.end_auth_asym_id 
_struct_conf.end_auth_seq_id 
_struct_conf.pdbx_PDB_helix_class 
_struct_conf.details 
_struct_conf.pdbx_PDB_helix_length 
HELX_P HELX_P1 1 ASP A 52 ? SER A 57 ? ASP A 51 SER A 56 1 ? 6 
HELX_P HELX_P2 2 HIS A 86 ? GLY A 90 ? HIS A 87 GLY A 91 5 ? 5 
# 
_struct_conf_type.id          HELX_P 
_struct_conf_type.criteria    ? 
_struct_conf_type.reference   ? 
# 
loop_
_struct_conn.id 
_struct_conn.conn_type_id 
_struct_conn.pdbx_leaving_atom_flag 
_struct_conn.pdbx_PDB_id 
_struct_conn.ptnr1_label_asym_id 
_struct_conn.ptnr1_label_comp_id 
_struct_conn.ptnr1_label_seq_id 
_struct_conn.ptnr1_label_atom_id 
_struct_conn.pdbx_ptnr1_label_alt_id 
_struct_conn.pdbx_ptnr1_PDB_ins_code 
_struct_conn.pdbx_ptnr1_standard_comp_id 
_struct_conn.ptnr1_symmetry 
_struct_conn.ptnr2_label_asym_id 
_struct_conn.ptnr2_label_comp_id 
_struct_conn.ptnr2_label_seq_id 
_struct_conn.ptnr2_label_atom_id 
_struct_conn.pdbx_ptnr2_label_alt_id 
_struct_conn.pdbx_ptnr2_PDB_ins_code 
_struct_conn.ptnr1_auth_asym_id 
_struct_conn.ptnr1_auth_comp_id 
_struct_conn.ptnr1_auth_seq_id 
_struct_conn.ptnr2_auth_asym_id 
_struct_conn.ptnr2_auth_comp_id 
_struct_conn.ptnr2_auth_seq_id 
_struct_conn.ptnr2_symmetry 
_struct_conn.pdbx_ptnr3_label_atom_id 
_struct_conn.pdbx_ptnr3_label_seq_id 
_struct_conn.pdbx_ptnr3_label_comp_id 
_struct_conn.pdbx_ptnr3_label_asym_id 
_struct_conn.pdbx_ptnr3_label_alt_id 
_struct_conn.pdbx_ptnr3_PDB_ins_code 
_struct_conn.details 
_struct_conn.pdbx_dist_value 
_struct_conn.pdbx_value_order 
_struct_conn.pdbx_role 
metalc1 metalc ? ? A HIS 38 ND1 ? ? ? 1_555 B CU . CU ? ? A HIS 37 A CU 100 1_555 ? ? ? ? ? ? ? 2.084 ? ? 
metalc2 metalc ? ? A CYS 83 SG  ? ? ? 1_555 B CU . CU ? ? A CYS 84 A CU 100 1_555 ? ? ? ? ? ? ? 2.180 ? ? 
metalc3 metalc ? ? A HIS 86 ND1 ? ? ? 1_555 B CU . CU ? ? A HIS 87 A CU 100 1_555 ? ? ? ? ? ? ? 2.064 ? ? 
metalc4 metalc ? ? A MET 91 SD  ? ? ? 1_555 B CU . CU ? ? A MET 92 A CU 100 1_555 ? ? ? ? ? ? ? 2.689 ? ? 
# 
_struct_conn_type.id          metalc 
_struct_conn_type.criteria    ? 
_struct_conn_type.reference   ? 
# 
loop_
_pdbx_struct_conn_angle.id 
_pdbx_struct_conn_angle.ptnr1_label_atom_id 
_pdbx_struct_conn_angle.ptnr1_label_alt_id 
_pdbx_struct_conn_angle.ptnr1_label_asym_id 
_pdbx_struct_conn_angle.ptnr1_label_comp_id 
_pdbx_struct_conn_angle.ptnr1_label_seq_id 
_pdbx_struct_conn_angle.ptnr1_auth_atom_id 
_pdbx_struct_conn_angle.ptnr1_auth_asym_id 
_pdbx_struct_conn_angle.ptnr1_auth_comp_id 
_pdbx_struct_conn_angle.ptnr1_auth_seq_id 
_pdbx_struct_conn_angle.ptnr1_PDB_ins_code 
_pdbx_struct_conn_angle.ptnr1_symmetry 
_pdbx_struct_conn_angle.ptnr2_label_atom_id 
_pdbx_struct_conn_angle.ptnr2_label_alt_id 
_pdbx_struct_conn_angle.ptnr2_label_asym_id 
_pdbx_struct_conn_angle.ptnr2_label_comp_id 
_pdbx_struct_conn_angle.ptnr2_label_seq_id 
_pdbx_struct_conn_angle.ptnr2_auth_atom_id 
_pdbx_struct_conn_angle.ptnr2_auth_asym_id 
_pdbx_struct_conn_angle.ptnr2_auth_comp_id 
_pdbx_struct_conn_angle.ptnr2_auth_seq_id 
_pdbx_struct_conn_angle.ptnr2_PDB_ins_code 
_pdbx_struct_conn_angle.ptnr2_symmetry 
_pdbx_struct_conn_angle.ptnr3_label_atom_id 
_pdbx_struct_conn_angle.ptnr3_label_alt_id 
_pdbx_struct_conn_angle.ptnr3_label_asym_id 
_pdbx_struct_conn_angle.ptnr3_label_comp_id 
_pdbx_struct_conn_angle.ptnr3_label_seq_id 
_pdbx_struct_conn_angle.ptnr3_auth_atom_id 
_pdbx_struct_conn_angle.ptnr3_auth_asym_id 
_pdbx_struct_conn_angle.ptnr3_auth_comp_id 
_pdbx_struct_conn_angle.ptnr3_auth_seq_id 
_pdbx_struct_conn_angle.ptnr3_PDB_ins_code 
_pdbx_struct_conn_angle.ptnr3_symmetry 
_pdbx_struct_conn_angle.value 
_pdbx_struct_conn_angle.value_esd 
1 ND1 ? A HIS 38 ? A HIS 37 ? 1_555 CU ? B CU . ? A CU 100 ? 1_555 SG  ? A CYS 83 ? A CYS 84 ? 1_555 133.0 ? 
2 ND1 ? A HIS 38 ? A HIS 37 ? 1_555 CU ? B CU . ? A CU 100 ? 1_555 ND1 ? A HIS 86 ? A HIS 87 ? 1_555 96.2  ? 
3 SG  ? A CYS 83 ? A CYS 84 ? 1_555 CU ? B CU . ? A CU 100 ? 1_555 ND1 ? A HIS 86 ? A HIS 87 ? 1_555 115.3 ? 
4 ND1 ? A HIS 38 ? A HIS 37 ? 1_555 CU ? B CU . ? A CU 100 ? 1_555 SD  ? A MET 91 ? A MET 92 ? 1_555 89.5  ? 
5 SG  ? A CYS 83 ? A CYS 84 ? 1_555 CU ? B CU . ? A CU 100 ? 1_555 SD  ? A MET 91 ? A MET 92 ? 1_555 113.0 ? 
6 ND1 ? A HIS 86 ? A HIS 87 ? 1_555 CU ? B CU . ? A CU 100 ? 1_555 SD  ? A MET 91 ? A MET 92 ? 1_555 104.6 ? 
# 
loop_
_struct_mon_prot_cis.pdbx_id 
_struct_mon_prot_cis.label_comp_id 
_struct_mon_prot_cis.label_seq_id 
_struct_mon_prot_cis.label_asym_id 
_struct_mon_prot_cis.label_alt_id 
_struct_mon_prot_cis.pdbx_PDB_ins_code 
_struct_mon_prot_cis.auth_comp_id 
_struct_mon_prot_cis.auth_seq_id 
_struct_mon_prot_cis.auth_asym_id 
_struct_mon_prot_cis.pdbx_label_comp_id_2 
_struct_mon_prot_cis.pdbx_label_seq_id_2 
_struct_mon_prot_cis.pdbx_label_asym_id_2 
_struct_mon_prot_cis.pdbx_PDB_ins_code_2 
_struct_mon_prot_cis.pdbx_auth_comp_id_2 
_struct_mon_prot_cis.pdbx_auth_seq_id_2 
_struct_mon_prot_cis.pdbx_auth_asym_id_2 
_struct_mon_prot_cis.pdbx_PDB_model_num 
_struct_mon_prot_cis.pdbx_omega_angle 
1 VAL 16 A . ? VAL 15 A PRO 17 A ? PRO 16 A 1 -5.65 
2 PHE 36 A . ? PHE 35 A PRO 37 A ? PRO 36 A 1 3.23  
# 
loop_
_struct_sheet.id 
_struct_sheet.type 
_struct_sheet.number_strands 
_struct_sheet.details 
A ? 4 ? 
B ? 4 ? 
# 
loop_
_struct_sheet_order.sheet_id 
_struct_sheet_order.range_id_1 
_struct_sheet_order.range_id_2 
_struct_sheet_order.offset 
_struct_sheet_order.sense 
A 1 2 ? anti-parallel 
A 2 3 ? parallel      
A 3 4 ? anti-parallel 
B 1 2 ? parallel      
B 2 3 ? anti-parallel 
B 3 4 ? anti-parallel 
# 
loop_
_struct_sheet_range.sheet_id 
_struct_sheet_range.id 
_struct_sheet_range.beg_label_comp_id 
_struct_sheet_range.beg_label_asym_id 
_struct_sheet_range.beg_label_seq_id 
_struct_sheet_range.pdbx_beg_PDB_ins_code 
_struct_sheet_range.end_label_comp_id 
_struct_sheet_range.end_label_asym_id 
_struct_sheet_range.end_label_seq_id 
_struct_sheet_range.pdbx_end_PDB_ins_code 
_struct_sheet_range.beg_auth_comp_id 
_struct_sheet_range.beg_auth_asym_id 
_struct_sheet_range.beg_auth_seq_id 
_struct_sheet_range.end_auth_comp_id 
_struct_sheet_range.end_auth_asym_id 
_struct_sheet_range.end_auth_seq_id 
A 1 PHE A 15 ? VAL A 16 ? PHE A 14 VAL A 15 
A 2 GLN A 2  ? LEU A 6  ? GLN A 1  LEU A 5  
A 3 ALA A 27 ? ASN A 32 ? ALA A 26 ASN A 31 
A 4 THR A 68 ? LYS A 72 ? THR A 69 LYS A 73 
B 1 LYS A 19 ? ALA A 23 ? LYS A 18 ALA A 22 
B 2 LYS A 92 ? GLN A 98 ? LYS A 93 GLN A 99 
B 3 GLY A 77 ? TYR A 82 ? GLY A 78 TYR A 83 
B 4 ILE A 40 ? GLU A 44 ? ILE A 39 GLU A 43 
# 
loop_
_pdbx_struct_sheet_hbond.sheet_id 
_pdbx_struct_sheet_hbond.range_id_1 
_pdbx_struct_sheet_hbond.range_id_2 
_pdbx_struct_sheet_hbond.range_1_label_atom_id 
_pdbx_struct_sheet_hbond.range_1_label_comp_id 
_pdbx_struct_sheet_hbond.range_1_label_asym_id 
_pdbx_struct_sheet_hbond.range_1_label_seq_id 
_pdbx_struct_sheet_hbond.range_1_PDB_ins_code 
_pdbx_struct_sheet_hbond.range_1_auth_atom_id 
_pdbx_struct_sheet_hbond.range_1_auth_comp_id 
_pdbx_struct_sheet_hbond.range_1_auth_asym_id 
_pdbx_struct_sheet_hbond.range_1_auth_seq_id 
_pdbx_struct_sheet_hbond.range_2_label_atom_id 
_pdbx_struct_sheet_hbond.range_2_label_comp_id 
_pdbx_struct_sheet_hbond.range_2_label_asym_id 
_pdbx_struct_sheet_hbond.range_2_label_seq_id 
_pdbx_struct_sheet_hbond.range_2_PDB_ins_code 
_pdbx_struct_sheet_hbond.range_2_auth_atom_id 
_pdbx_struct_sheet_hbond.range_2_auth_comp_id 
_pdbx_struct_sheet_hbond.range_2_auth_asym_id 
_pdbx_struct_sheet_hbond.range_2_auth_seq_id 
A 1 2 O VAL A 16 ? O VAL A 15 N LYS A 5  ? N LYS A 4  
A 2 3 O GLN A 2  ? O GLN A 1  N GLU A 29 ? N GLU A 28 
A 3 4 O ILE A 28 ? O ILE A 27 N ARG A 71 ? N ARG A 72 
B 1 2 O ILE A 20 ? O ILE A 19 N THR A 94 ? N THR A 95 
B 2 3 O MET A 93 ? O MET A 94 N VAL A 81 ? N VAL A 82 
B 3 4 O TYR A 82 ? O TYR A 83 N VAL A 41 ? N VAL A 40 
# 
loop_
_struct_site.id 
_struct_site.pdbx_evidence_code 
_struct_site.pdbx_auth_asym_id 
_struct_site.pdbx_auth_comp_id 
_struct_site.pdbx_auth_seq_id 
_struct_site.pdbx_auth_ins_code 
_struct_site.pdbx_num_residues 
_struct_site.details 
COP Unknown  ? ?   ?   ? 5 'COPPER BINDING SITE.'               
AC1 Software A CU  100 ? 4 'BINDING SITE FOR RESIDUE CU A 100'  
AC2 Software A SO4 200 ? 3 'BINDING SITE FOR RESIDUE SO4 A 200' 
# 
loop_
_struct_site_gen.id 
_struct_site_gen.site_id 
_struct_site_gen.pdbx_num_res 
_struct_site_gen.label_comp_id 
_struct_site_gen.label_asym_id 
_struct_site_gen.label_seq_id 
_struct_site_gen.pdbx_auth_ins_code 
_struct_site_gen.auth_comp_id 
_struct_site_gen.auth_asym_id 
_struct_site_gen.auth_seq_id 
_struct_site_gen.label_atom_id 
_struct_site_gen.label_alt_id 
_struct_site_gen.symmetry 
_struct_site_gen.details 
1  COP 5 CU  B .  ? CU  A 100 . ? 1_555 ? 
2  COP 5 HIS A 38 ? HIS A 37  . ? 1_555 ? 
3  COP 5 CYS A 83 ? CYS A 84  . ? 1_555 ? 
4  COP 5 HIS A 86 ? HIS A 87  . ? 1_555 ? 
5  COP 5 MET A 91 ? MET A 92  . ? 1_555 ? 
6  AC1 4 HIS A 38 ? HIS A 37  . ? 1_555 ? 
7  AC1 4 CYS A 83 ? CYS A 84  . ? 1_555 ? 
8  AC1 4 HIS A 86 ? HIS A 87  . ? 1_555 ? 
9  AC1 4 MET A 91 ? MET A 92  . ? 1_555 ? 
10 AC2 3 ALA A 1  ? ALA A 0   . ? 1_555 ? 
11 AC2 3 GLU A 26 ? GLU A 25  . ? 1_555 ? 
12 AC2 3 ALA A 27 ? ALA A 26  . ? 1_555 ? 
# 
loop_
_pdbx_validate_rmsd_angle.id 
_pdbx_validate_rmsd_angle.PDB_model_num 
_pdbx_validate_rmsd_angle.auth_atom_id_1 
_pdbx_validate_rmsd_angle.auth_asym_id_1 
_pdbx_validate_rmsd_angle.auth_comp_id_1 
_pdbx_validate_rmsd_angle.auth_seq_id_1 
_pdbx_validate_rmsd_angle.PDB_ins_code_1 
_pdbx_validate_rmsd_angle.label_alt_id_1 
_pdbx_validate_rmsd_angle.auth_atom_id_2 
_pdbx_validate_rmsd_angle.auth_asym_id_2 
_pdbx_validate_rmsd_angle.auth_comp_id_2 
_pdbx_validate_rmsd_angle.auth_seq_id_2 
_pdbx_validate_rmsd_angle.PDB_ins_code_2 
_pdbx_validate_rmsd_angle.label_alt_id_2 
_pdbx_validate_rmsd_angle.auth_atom_id_3 
_pdbx_validate_rmsd_angle.auth_asym_id_3 
_pdbx_validate_rmsd_angle.auth_comp_id_3 
_pdbx_validate_rmsd_angle.auth_seq_id_3 
_pdbx_validate_rmsd_angle.PDB_ins_code_3 
_pdbx_validate_rmsd_angle.label_alt_id_3 
_pdbx_validate_rmsd_angle.angle_value 
_pdbx_validate_rmsd_angle.angle_target_value 
_pdbx_validate_rmsd_angle.angle_deviation 
_pdbx_validate_rmsd_angle.angle_standard_deviation 
_pdbx_validate_rmsd_angle.linker_flag 
1 1 CB A TYR 62 ? ? CG A TYR 62 ? ? CD2 A TYR 62 ? ? 115.95 121.00 -5.05 0.60 N 
2 1 NE A ARG 72 ? ? CZ A ARG 72 ? ? NH2 A ARG 72 ? ? 116.91 120.30 -3.39 0.50 N 
3 1 CB A TYR 80 ? ? CG A TYR 80 ? ? CD2 A TYR 80 ? ? 117.09 121.00 -3.91 0.60 N 
# 
_pdbx_validate_torsion.id              1 
_pdbx_validate_torsion.PDB_model_num   1 
_pdbx_validate_torsion.auth_comp_id    ASN 
_pdbx_validate_torsion.auth_asym_id    A 
_pdbx_validate_torsion.auth_seq_id     32 
_pdbx_validate_torsion.PDB_ins_code    ? 
_pdbx_validate_torsion.label_alt_id    ? 
_pdbx_validate_torsion.phi             -120.01 
_pdbx_validate_torsion.psi             -51.77 
# 
loop_
_pdbx_struct_special_symmetry.id 
_pdbx_struct_special_symmetry.PDB_model_num 
_pdbx_struct_special_symmetry.auth_asym_id 
_pdbx_struct_special_symmetry.auth_comp_id 
_pdbx_struct_special_symmetry.auth_seq_id 
_pdbx_struct_special_symmetry.PDB_ins_code 
_pdbx_struct_special_symmetry.label_asym_id 
_pdbx_struct_special_symmetry.label_comp_id 
_pdbx_struct_special_symmetry.label_seq_id 
1 1 A HOH 227 ? D HOH . 
2 1 A HOH 250 ? D HOH . 
# 
loop_
_chem_comp_atom.comp_id 
_chem_comp_atom.atom_id 
_chem_comp_atom.type_symbol 
_chem_comp_atom.pdbx_aromatic_flag 
_chem_comp_atom.pdbx_stereo_config 
_chem_comp_atom.pdbx_ordinal 
ALA N    N  N N 1   
ALA CA   C  N S 2   
ALA C    C  N N 3   
ALA O    O  N N 4   
ALA CB   C  N N 5   
ALA OXT  O  N N 6   
ALA H    H  N N 7   
ALA H2   H  N N 8   
ALA HA   H  N N 9   
ALA HB1  H  N N 10  
ALA HB2  H  N N 11  
ALA HB3  H  N N 12  
ALA HXT  H  N N 13  
ARG N    N  N N 14  
ARG CA   C  N S 15  
ARG C    C  N N 16  
ARG O    O  N N 17  
ARG CB   C  N N 18  
ARG CG   C  N N 19  
ARG CD   C  N N 20  
ARG NE   N  N N 21  
ARG CZ   C  N N 22  
ARG NH1  N  N N 23  
ARG NH2  N  N N 24  
ARG OXT  O  N N 25  
ARG H    H  N N 26  
ARG H2   H  N N 27  
ARG HA   H  N N 28  
ARG HB2  H  N N 29  
ARG HB3  H  N N 30  
ARG HG2  H  N N 31  
ARG HG3  H  N N 32  
ARG HD2  H  N N 33  
ARG HD3  H  N N 34  
ARG HE   H  N N 35  
ARG HH11 H  N N 36  
ARG HH12 H  N N 37  
ARG HH21 H  N N 38  
ARG HH22 H  N N 39  
ARG HXT  H  N N 40  
ASN N    N  N N 41  
ASN CA   C  N S 42  
ASN C    C  N N 43  
ASN O    O  N N 44  
ASN CB   C  N N 45  
ASN CG   C  N N 46  
ASN OD1  O  N N 47  
ASN ND2  N  N N 48  
ASN OXT  O  N N 49  
ASN H    H  N N 50  
ASN H2   H  N N 51  
ASN HA   H  N N 52  
ASN HB2  H  N N 53  
ASN HB3  H  N N 54  
ASN HD21 H  N N 55  
ASN HD22 H  N N 56  
ASN HXT  H  N N 57  
ASP N    N  N N 58  
ASP CA   C  N S 59  
ASP C    C  N N 60  
ASP O    O  N N 61  
ASP CB   C  N N 62  
ASP CG   C  N N 63  
ASP OD1  O  N N 64  
ASP OD2  O  N N 65  
ASP OXT  O  N N 66  
ASP H    H  N N 67  
ASP H2   H  N N 68  
ASP HA   H  N N 69  
ASP HB2  H  N N 70  
ASP HB3  H  N N 71  
ASP HD2  H  N N 72  
ASP HXT  H  N N 73  
CU  CU   CU N N 74  
CYS N    N  N N 75  
CYS CA   C  N R 76  
CYS C    C  N N 77  
CYS O    O  N N 78  
CYS CB   C  N N 79  
CYS SG   S  N N 80  
CYS OXT  O  N N 81  
CYS H    H  N N 82  
CYS H2   H  N N 83  
CYS HA   H  N N 84  
CYS HB2  H  N N 85  
CYS HB3  H  N N 86  
CYS HG   H  N N 87  
CYS HXT  H  N N 88  
GLN N    N  N N 89  
GLN CA   C  N S 90  
GLN C    C  N N 91  
GLN O    O  N N 92  
GLN CB   C  N N 93  
GLN CG   C  N N 94  
GLN CD   C  N N 95  
GLN OE1  O  N N 96  
GLN NE2  N  N N 97  
GLN OXT  O  N N 98  
GLN H    H  N N 99  
GLN H2   H  N N 100 
GLN HA   H  N N 101 
GLN HB2  H  N N 102 
GLN HB3  H  N N 103 
GLN HG2  H  N N 104 
GLN HG3  H  N N 105 
GLN HE21 H  N N 106 
GLN HE22 H  N N 107 
GLN HXT  H  N N 108 
GLU N    N  N N 109 
GLU CA   C  N S 110 
GLU C    C  N N 111 
GLU O    O  N N 112 
GLU CB   C  N N 113 
GLU CG   C  N N 114 
GLU CD   C  N N 115 
GLU OE1  O  N N 116 
GLU OE2  O  N N 117 
GLU OXT  O  N N 118 
GLU H    H  N N 119 
GLU H2   H  N N 120 
GLU HA   H  N N 121 
GLU HB2  H  N N 122 
GLU HB3  H  N N 123 
GLU HG2  H  N N 124 
GLU HG3  H  N N 125 
GLU HE2  H  N N 126 
GLU HXT  H  N N 127 
GLY N    N  N N 128 
GLY CA   C  N N 129 
GLY C    C  N N 130 
GLY O    O  N N 131 
GLY OXT  O  N N 132 
GLY H    H  N N 133 
GLY H2   H  N N 134 
GLY HA2  H  N N 135 
GLY HA3  H  N N 136 
GLY HXT  H  N N 137 
HIS N    N  N N 138 
HIS CA   C  N S 139 
HIS C    C  N N 140 
HIS O    O  N N 141 
HIS CB   C  N N 142 
HIS CG   C  Y N 143 
HIS ND1  N  Y N 144 
HIS CD2  C  Y N 145 
HIS CE1  C  Y N 146 
HIS NE2  N  Y N 147 
HIS OXT  O  N N 148 
HIS H    H  N N 149 
HIS H2   H  N N 150 
HIS HA   H  N N 151 
HIS HB2  H  N N 152 
HIS HB3  H  N N 153 
HIS HD1  H  N N 154 
HIS HD2  H  N N 155 
HIS HE1  H  N N 156 
HIS HE2  H  N N 157 
HIS HXT  H  N N 158 
HOH O    O  N N 159 
HOH H1   H  N N 160 
HOH H2   H  N N 161 
ILE N    N  N N 162 
ILE CA   C  N S 163 
ILE C    C  N N 164 
ILE O    O  N N 165 
ILE CB   C  N S 166 
ILE CG1  C  N N 167 
ILE CG2  C  N N 168 
ILE CD1  C  N N 169 
ILE OXT  O  N N 170 
ILE H    H  N N 171 
ILE H2   H  N N 172 
ILE HA   H  N N 173 
ILE HB   H  N N 174 
ILE HG12 H  N N 175 
ILE HG13 H  N N 176 
ILE HG21 H  N N 177 
ILE HG22 H  N N 178 
ILE HG23 H  N N 179 
ILE HD11 H  N N 180 
ILE HD12 H  N N 181 
ILE HD13 H  N N 182 
ILE HXT  H  N N 183 
LEU N    N  N N 184 
LEU CA   C  N S 185 
LEU C    C  N N 186 
LEU O    O  N N 187 
LEU CB   C  N N 188 
LEU CG   C  N N 189 
LEU CD1  C  N N 190 
LEU CD2  C  N N 191 
LEU OXT  O  N N 192 
LEU H    H  N N 193 
LEU H2   H  N N 194 
LEU HA   H  N N 195 
LEU HB2  H  N N 196 
LEU HB3  H  N N 197 
LEU HG   H  N N 198 
LEU HD11 H  N N 199 
LEU HD12 H  N N 200 
LEU HD13 H  N N 201 
LEU HD21 H  N N 202 
LEU HD22 H  N N 203 
LEU HD23 H  N N 204 
LEU HXT  H  N N 205 
LYS N    N  N N 206 
LYS CA   C  N S 207 
LYS C    C  N N 208 
LYS O    O  N N 209 
LYS CB   C  N N 210 
LYS CG   C  N N 211 
LYS CD   C  N N 212 
LYS CE   C  N N 213 
LYS NZ   N  N N 214 
LYS OXT  O  N N 215 
LYS H    H  N N 216 
LYS H2   H  N N 217 
LYS HA   H  N N 218 
LYS HB2  H  N N 219 
LYS HB3  H  N N 220 
LYS HG2  H  N N 221 
LYS HG3  H  N N 222 
LYS HD2  H  N N 223 
LYS HD3  H  N N 224 
LYS HE2  H  N N 225 
LYS HE3  H  N N 226 
LYS HZ1  H  N N 227 
LYS HZ2  H  N N 228 
LYS HZ3  H  N N 229 
LYS HXT  H  N N 230 
MET N    N  N N 231 
MET CA   C  N S 232 
MET C    C  N N 233 
MET O    O  N N 234 
MET CB   C  N N 235 
MET CG   C  N N 236 
MET SD   S  N N 237 
MET CE   C  N N 238 
MET OXT  O  N N 239 
MET H    H  N N 240 
MET H2   H  N N 241 
MET HA   H  N N 242 
MET HB2  H  N N 243 
MET HB3  H  N N 244 
MET HG2  H  N N 245 
MET HG3  H  N N 246 
MET HE1  H  N N 247 
MET HE2  H  N N 248 
MET HE3  H  N N 249 
MET HXT  H  N N 250 
PHE N    N  N N 251 
PHE CA   C  N S 252 
PHE C    C  N N 253 
PHE O    O  N N 254 
PHE CB   C  N N 255 
PHE CG   C  Y N 256 
PHE CD1  C  Y N 257 
PHE CD2  C  Y N 258 
PHE CE1  C  Y N 259 
PHE CE2  C  Y N 260 
PHE CZ   C  Y N 261 
PHE OXT  O  N N 262 
PHE H    H  N N 263 
PHE H2   H  N N 264 
PHE HA   H  N N 265 
PHE HB2  H  N N 266 
PHE HB3  H  N N 267 
PHE HD1  H  N N 268 
PHE HD2  H  N N 269 
PHE HE1  H  N N 270 
PHE HE2  H  N N 271 
PHE HZ   H  N N 272 
PHE HXT  H  N N 273 
PRO N    N  N N 274 
PRO CA   C  N S 275 
PRO C    C  N N 276 
PRO O    O  N N 277 
PRO CB   C  N N 278 
PRO CG   C  N N 279 
PRO CD   C  N N 280 
PRO OXT  O  N N 281 
PRO H    H  N N 282 
PRO HA   H  N N 283 
PRO HB2  H  N N 284 
PRO HB3  H  N N 285 
PRO HG2  H  N N 286 
PRO HG3  H  N N 287 
PRO HD2  H  N N 288 
PRO HD3  H  N N 289 
PRO HXT  H  N N 290 
SER N    N  N N 291 
SER CA   C  N S 292 
SER C    C  N N 293 
SER O    O  N N 294 
SER CB   C  N N 295 
SER OG   O  N N 296 
SER OXT  O  N N 297 
SER H    H  N N 298 
SER H2   H  N N 299 
SER HA   H  N N 300 
SER HB2  H  N N 301 
SER HB3  H  N N 302 
SER HG   H  N N 303 
SER HXT  H  N N 304 
SO4 S    S  N N 305 
SO4 O1   O  N N 306 
SO4 O2   O  N N 307 
SO4 O3   O  N N 308 
SO4 O4   O  N N 309 
THR N    N  N N 310 
THR CA   C  N S 311 
THR C    C  N N 312 
THR O    O  N N 313 
THR CB   C  N R 314 
THR OG1  O  N N 315 
THR CG2  C  N N 316 
THR OXT  O  N N 317 
THR H    H  N N 318 
THR H2   H  N N 319 
THR HA   H  N N 320 
THR HB   H  N N 321 
THR HG1  H  N N 322 
THR HG21 H  N N 323 
THR HG22 H  N N 324 
THR HG23 H  N N 325 
THR HXT  H  N N 326 
TYR N    N  N N 327 
TYR CA   C  N S 328 
TYR C    C  N N 329 
TYR O    O  N N 330 
TYR CB   C  N N 331 
TYR CG   C  Y N 332 
TYR CD1  C  Y N 333 
TYR CD2  C  Y N 334 
TYR CE1  C  Y N 335 
TYR CE2  C  Y N 336 
TYR CZ   C  Y N 337 
TYR OH   O  N N 338 
TYR OXT  O  N N 339 
TYR H    H  N N 340 
TYR H2   H  N N 341 
TYR HA   H  N N 342 
TYR HB2  H  N N 343 
TYR HB3  H  N N 344 
TYR HD1  H  N N 345 
TYR HD2  H  N N 346 
TYR HE1  H  N N 347 
TYR HE2  H  N N 348 
TYR HH   H  N N 349 
TYR HXT  H  N N 350 
VAL N    N  N N 351 
VAL CA   C  N S 352 
VAL C    C  N N 353 
VAL O    O  N N 354 
VAL CB   C  N N 355 
VAL CG1  C  N N 356 
VAL CG2  C  N N 357 
VAL OXT  O  N N 358 
VAL H    H  N N 359 
VAL H2   H  N N 360 
VAL HA   H  N N 361 
VAL HB   H  N N 362 
VAL HG11 H  N N 363 
VAL HG12 H  N N 364 
VAL HG13 H  N N 365 
VAL HG21 H  N N 366 
VAL HG22 H  N N 367 
VAL HG23 H  N N 368 
VAL HXT  H  N N 369 
# 
loop_
_chem_comp_bond.comp_id 
_chem_comp_bond.atom_id_1 
_chem_comp_bond.atom_id_2 
_chem_comp_bond.value_order 
_chem_comp_bond.pdbx_aromatic_flag 
_chem_comp_bond.pdbx_stereo_config 
_chem_comp_bond.pdbx_ordinal 
ALA N   CA   sing N N 1   
ALA N   H    sing N N 2   
ALA N   H2   sing N N 3   
ALA CA  C    sing N N 4   
ALA CA  CB   sing N N 5   
ALA CA  HA   sing N N 6   
ALA C   O    doub N N 7   
ALA C   OXT  sing N N 8   
ALA CB  HB1  sing N N 9   
ALA CB  HB2  sing N N 10  
ALA CB  HB3  sing N N 11  
ALA OXT HXT  sing N N 12  
ARG N   CA   sing N N 13  
ARG N   H    sing N N 14  
ARG N   H2   sing N N 15  
ARG CA  C    sing N N 16  
ARG CA  CB   sing N N 17  
ARG CA  HA   sing N N 18  
ARG C   O    doub N N 19  
ARG C   OXT  sing N N 20  
ARG CB  CG   sing N N 21  
ARG CB  HB2  sing N N 22  
ARG CB  HB3  sing N N 23  
ARG CG  CD   sing N N 24  
ARG CG  HG2  sing N N 25  
ARG CG  HG3  sing N N 26  
ARG CD  NE   sing N N 27  
ARG CD  HD2  sing N N 28  
ARG CD  HD3  sing N N 29  
ARG NE  CZ   sing N N 30  
ARG NE  HE   sing N N 31  
ARG CZ  NH1  sing N N 32  
ARG CZ  NH2  doub N N 33  
ARG NH1 HH11 sing N N 34  
ARG NH1 HH12 sing N N 35  
ARG NH2 HH21 sing N N 36  
ARG NH2 HH22 sing N N 37  
ARG OXT HXT  sing N N 38  
ASN N   CA   sing N N 39  
ASN N   H    sing N N 40  
ASN N   H2   sing N N 41  
ASN CA  C    sing N N 42  
ASN CA  CB   sing N N 43  
ASN CA  HA   sing N N 44  
ASN C   O    doub N N 45  
ASN C   OXT  sing N N 46  
ASN CB  CG   sing N N 47  
ASN CB  HB2  sing N N 48  
ASN CB  HB3  sing N N 49  
ASN CG  OD1  doub N N 50  
ASN CG  ND2  sing N N 51  
ASN ND2 HD21 sing N N 52  
ASN ND2 HD22 sing N N 53  
ASN OXT HXT  sing N N 54  
ASP N   CA   sing N N 55  
ASP N   H    sing N N 56  
ASP N   H2   sing N N 57  
ASP CA  C    sing N N 58  
ASP CA  CB   sing N N 59  
ASP CA  HA   sing N N 60  
ASP C   O    doub N N 61  
ASP C   OXT  sing N N 62  
ASP CB  CG   sing N N 63  
ASP CB  HB2  sing N N 64  
ASP CB  HB3  sing N N 65  
ASP CG  OD1  doub N N 66  
ASP CG  OD2  sing N N 67  
ASP OD2 HD2  sing N N 68  
ASP OXT HXT  sing N N 69  
CYS N   CA   sing N N 70  
CYS N   H    sing N N 71  
CYS N   H2   sing N N 72  
CYS CA  C    sing N N 73  
CYS CA  CB   sing N N 74  
CYS CA  HA   sing N N 75  
CYS C   O    doub N N 76  
CYS C   OXT  sing N N 77  
CYS CB  SG   sing N N 78  
CYS CB  HB2  sing N N 79  
CYS CB  HB3  sing N N 80  
CYS SG  HG   sing N N 81  
CYS OXT HXT  sing N N 82  
GLN N   CA   sing N N 83  
GLN N   H    sing N N 84  
GLN N   H2   sing N N 85  
GLN CA  C    sing N N 86  
GLN CA  CB   sing N N 87  
GLN CA  HA   sing N N 88  
GLN C   O    doub N N 89  
GLN C   OXT  sing N N 90  
GLN CB  CG   sing N N 91  
GLN CB  HB2  sing N N 92  
GLN CB  HB3  sing N N 93  
GLN CG  CD   sing N N 94  
GLN CG  HG2  sing N N 95  
GLN CG  HG3  sing N N 96  
GLN CD  OE1  doub N N 97  
GLN CD  NE2  sing N N 98  
GLN NE2 HE21 sing N N 99  
GLN NE2 HE22 sing N N 100 
GLN OXT HXT  sing N N 101 
GLU N   CA   sing N N 102 
GLU N   H    sing N N 103 
GLU N   H2   sing N N 104 
GLU CA  C    sing N N 105 
GLU CA  CB   sing N N 106 
GLU CA  HA   sing N N 107 
GLU C   O    doub N N 108 
GLU C   OXT  sing N N 109 
GLU CB  CG   sing N N 110 
GLU CB  HB2  sing N N 111 
GLU CB  HB3  sing N N 112 
GLU CG  CD   sing N N 113 
GLU CG  HG2  sing N N 114 
GLU CG  HG3  sing N N 115 
GLU CD  OE1  doub N N 116 
GLU CD  OE2  sing N N 117 
GLU OE2 HE2  sing N N 118 
GLU OXT HXT  sing N N 119 
GLY N   CA   sing N N 120 
GLY N   H    sing N N 121 
GLY N   H2   sing N N 122 
GLY CA  C    sing N N 123 
GLY CA  HA2  sing N N 124 
GLY CA  HA3  sing N N 125 
GLY C   O    doub N N 126 
GLY C   OXT  sing N N 127 
GLY OXT HXT  sing N N 128 
HIS N   CA   sing N N 129 
HIS N   H    sing N N 130 
HIS N   H2   sing N N 131 
HIS CA  C    sing N N 132 
HIS CA  CB   sing N N 133 
HIS CA  HA   sing N N 134 
HIS C   O    doub N N 135 
HIS C   OXT  sing N N 136 
HIS CB  CG   sing N N 137 
HIS CB  HB2  sing N N 138 
HIS CB  HB3  sing N N 139 
HIS CG  ND1  sing Y N 140 
HIS CG  CD2  doub Y N 141 
HIS ND1 CE1  doub Y N 142 
HIS ND1 HD1  sing N N 143 
HIS CD2 NE2  sing Y N 144 
HIS CD2 HD2  sing N N 145 
HIS CE1 NE2  sing Y N 146 
HIS CE1 HE1  sing N N 147 
HIS NE2 HE2  sing N N 148 
HIS OXT HXT  sing N N 149 
HOH O   H1   sing N N 150 
HOH O   H2   sing N N 151 
ILE N   CA   sing N N 152 
ILE N   H    sing N N 153 
ILE N   H2   sing N N 154 
ILE CA  C    sing N N 155 
ILE CA  CB   sing N N 156 
ILE CA  HA   sing N N 157 
ILE C   O    doub N N 158 
ILE C   OXT  sing N N 159 
ILE CB  CG1  sing N N 160 
ILE CB  CG2  sing N N 161 
ILE CB  HB   sing N N 162 
ILE CG1 CD1  sing N N 163 
ILE CG1 HG12 sing N N 164 
ILE CG1 HG13 sing N N 165 
ILE CG2 HG21 sing N N 166 
ILE CG2 HG22 sing N N 167 
ILE CG2 HG23 sing N N 168 
ILE CD1 HD11 sing N N 169 
ILE CD1 HD12 sing N N 170 
ILE CD1 HD13 sing N N 171 
ILE OXT HXT  sing N N 172 
LEU N   CA   sing N N 173 
LEU N   H    sing N N 174 
LEU N   H2   sing N N 175 
LEU CA  C    sing N N 176 
LEU CA  CB   sing N N 177 
LEU CA  HA   sing N N 178 
LEU C   O    doub N N 179 
LEU C   OXT  sing N N 180 
LEU CB  CG   sing N N 181 
LEU CB  HB2  sing N N 182 
LEU CB  HB3  sing N N 183 
LEU CG  CD1  sing N N 184 
LEU CG  CD2  sing N N 185 
LEU CG  HG   sing N N 186 
LEU CD1 HD11 sing N N 187 
LEU CD1 HD12 sing N N 188 
LEU CD1 HD13 sing N N 189 
LEU CD2 HD21 sing N N 190 
LEU CD2 HD22 sing N N 191 
LEU CD2 HD23 sing N N 192 
LEU OXT HXT  sing N N 193 
LYS N   CA   sing N N 194 
LYS N   H    sing N N 195 
LYS N   H2   sing N N 196 
LYS CA  C    sing N N 197 
LYS CA  CB   sing N N 198 
LYS CA  HA   sing N N 199 
LYS C   O    doub N N 200 
LYS C   OXT  sing N N 201 
LYS CB  CG   sing N N 202 
LYS CB  HB2  sing N N 203 
LYS CB  HB3  sing N N 204 
LYS CG  CD   sing N N 205 
LYS CG  HG2  sing N N 206 
LYS CG  HG3  sing N N 207 
LYS CD  CE   sing N N 208 
LYS CD  HD2  sing N N 209 
LYS CD  HD3  sing N N 210 
LYS CE  NZ   sing N N 211 
LYS CE  HE2  sing N N 212 
LYS CE  HE3  sing N N 213 
LYS NZ  HZ1  sing N N 214 
LYS NZ  HZ2  sing N N 215 
LYS NZ  HZ3  sing N N 216 
LYS OXT HXT  sing N N 217 
MET N   CA   sing N N 218 
MET N   H    sing N N 219 
MET N   H2   sing N N 220 
MET CA  C    sing N N 221 
MET CA  CB   sing N N 222 
MET CA  HA   sing N N 223 
MET C   O    doub N N 224 
MET C   OXT  sing N N 225 
MET CB  CG   sing N N 226 
MET CB  HB2  sing N N 227 
MET CB  HB3  sing N N 228 
MET CG  SD   sing N N 229 
MET CG  HG2  sing N N 230 
MET CG  HG3  sing N N 231 
MET SD  CE   sing N N 232 
MET CE  HE1  sing N N 233 
MET CE  HE2  sing N N 234 
MET CE  HE3  sing N N 235 
MET OXT HXT  sing N N 236 
PHE N   CA   sing N N 237 
PHE N   H    sing N N 238 
PHE N   H2   sing N N 239 
PHE CA  C    sing N N 240 
PHE CA  CB   sing N N 241 
PHE CA  HA   sing N N 242 
PHE C   O    doub N N 243 
PHE C   OXT  sing N N 244 
PHE CB  CG   sing N N 245 
PHE CB  HB2  sing N N 246 
PHE CB  HB3  sing N N 247 
PHE CG  CD1  doub Y N 248 
PHE CG  CD2  sing Y N 249 
PHE CD1 CE1  sing Y N 250 
PHE CD1 HD1  sing N N 251 
PHE CD2 CE2  doub Y N 252 
PHE CD2 HD2  sing N N 253 
PHE CE1 CZ   doub Y N 254 
PHE CE1 HE1  sing N N 255 
PHE CE2 CZ   sing Y N 256 
PHE CE2 HE2  sing N N 257 
PHE CZ  HZ   sing N N 258 
PHE OXT HXT  sing N N 259 
PRO N   CA   sing N N 260 
PRO N   CD   sing N N 261 
PRO N   H    sing N N 262 
PRO CA  C    sing N N 263 
PRO CA  CB   sing N N 264 
PRO CA  HA   sing N N 265 
PRO C   O    doub N N 266 
PRO C   OXT  sing N N 267 
PRO CB  CG   sing N N 268 
PRO CB  HB2  sing N N 269 
PRO CB  HB3  sing N N 270 
PRO CG  CD   sing N N 271 
PRO CG  HG2  sing N N 272 
PRO CG  HG3  sing N N 273 
PRO CD  HD2  sing N N 274 
PRO CD  HD3  sing N N 275 
PRO OXT HXT  sing N N 276 
SER N   CA   sing N N 277 
SER N   H    sing N N 278 
SER N   H2   sing N N 279 
SER CA  C    sing N N 280 
SER CA  CB   sing N N 281 
SER CA  HA   sing N N 282 
SER C   O    doub N N 283 
SER C   OXT  sing N N 284 
SER CB  OG   sing N N 285 
SER CB  HB2  sing N N 286 
SER CB  HB3  sing N N 287 
SER OG  HG   sing N N 288 
SER OXT HXT  sing N N 289 
SO4 S   O1   doub N N 290 
SO4 S   O2   doub N N 291 
SO4 S   O3   sing N N 292 
SO4 S   O4   sing N N 293 
THR N   CA   sing N N 294 
THR N   H    sing N N 295 
THR N   H2   sing N N 296 
THR CA  C    sing N N 297 
THR CA  CB   sing N N 298 
THR CA  HA   sing N N 299 
THR C   O    doub N N 300 
THR C   OXT  sing N N 301 
THR CB  OG1  sing N N 302 
THR CB  CG2  sing N N 303 
THR CB  HB   sing N N 304 
THR OG1 HG1  sing N N 305 
THR CG2 HG21 sing N N 306 
THR CG2 HG22 sing N N 307 
THR CG2 HG23 sing N N 308 
THR OXT HXT  sing N N 309 
TYR N   CA   sing N N 310 
TYR N   H    sing N N 311 
TYR N   H2   sing N N 312 
TYR CA  C    sing N N 313 
TYR CA  CB   sing N N 314 
TYR CA  HA   sing N N 315 
TYR C   O    doub N N 316 
TYR C   OXT  sing N N 317 
TYR CB  CG   sing N N 318 
TYR CB  HB2  sing N N 319 
TYR CB  HB3  sing N N 320 
TYR CG  CD1  doub Y N 321 
TYR CG  CD2  sing Y N 322 
TYR CD1 CE1  sing Y N 323 
TYR CD1 HD1  sing N N 324 
TYR CD2 CE2  doub Y N 325 
TYR CD2 HD2  sing N N 326 
TYR CE1 CZ   doub Y N 327 
TYR CE1 HE1  sing N N 328 
TYR CE2 CZ   sing Y N 329 
TYR CE2 HE2  sing N N 330 
TYR CZ  OH   sing N N 331 
TYR OH  HH   sing N N 332 
TYR OXT HXT  sing N N 333 
VAL N   CA   sing N N 334 
VAL N   H    sing N N 335 
VAL N   H2   sing N N 336 
VAL CA  C    sing N N 337 
VAL CA  CB   sing N N 338 
VAL CA  HA   sing N N 339 
VAL C   O    doub N N 340 
VAL C   OXT  sing N N 341 
VAL CB  CG1  sing N N 342 
VAL CB  CG2  sing N N 343 
VAL CB  HB   sing N N 344 
VAL CG1 HG11 sing N N 345 
VAL CG1 HG12 sing N N 346 
VAL CG1 HG13 sing N N 347 
VAL CG2 HG21 sing N N 348 
VAL CG2 HG22 sing N N 349 
VAL CG2 HG23 sing N N 350 
VAL OXT HXT  sing N N 351 
# 
_atom_sites.entry_id                    1IUZ 
_atom_sites.fract_transf_matrix[1][1]   0.00435635 
_atom_sites.fract_transf_matrix[1][2]   -0.00483218 
_atom_sites.fract_transf_matrix[1][3]   -0.00926973 
_atom_sites.fract_transf_matrix[2][1]   0.00749750 
_atom_sites.fract_transf_matrix[2][2]   -0.00555379 
_atom_sites.fract_transf_matrix[2][3]   0.00641860 
_atom_sites.fract_transf_matrix[3][1]   -0.00728459 
_atom_sites.fract_transf_matrix[3][2]   -0.00860587 
_atom_sites.fract_transf_matrix[3][3]   0.00106270 
_atom_sites.fract_transf_vector[1]      0.422349 
_atom_sites.fract_transf_vector[2]      -0.004362 
_atom_sites.fract_transf_vector[3]      0.296203 
# 
loop_
_atom_type.symbol 
C  
CU 
N  
O  
S  
# 
loop_
_atom_site.group_PDB 
_atom_site.id 
_atom_site.type_symbol 
_atom_site.label_atom_id 
_atom_site.label_alt_id 
_atom_site.label_comp_id 
_atom_site.label_asym_id 
_atom_site.label_entity_id 
_atom_site.label_seq_id 
_atom_site.pdbx_PDB_ins_code 
_atom_site.Cartn_x 
_atom_site.Cartn_y 
_atom_site.Cartn_z 
_atom_site.occupancy 
_atom_site.B_iso_or_equiv 
_atom_site.pdbx_formal_charge 
_atom_site.auth_seq_id 
_atom_site.auth_comp_id 
_atom_site.auth_asym_id 
_atom_site.auth_atom_id 
_atom_site.pdbx_PDB_model_num 
ATOM   1   N  N   . ALA A 1 1  ? -1.278  10.230  10.482  1.00 31.31  ? 0   ALA A N   1 
ATOM   2   C  CA  . ALA A 1 1  ? -1.648  8.952   9.924   1.00 28.91  ? 0   ALA A CA  1 
ATOM   3   C  C   . ALA A 1 1  ? -2.541  9.100   8.706   1.00 28.56  ? 0   ALA A C   1 
ATOM   4   O  O   . ALA A 1 1  ? -3.445  9.946   8.685   1.00 29.21  ? 0   ALA A O   1 
ATOM   5   C  CB  . ALA A 1 1  ? -2.382  8.103   10.953  1.00 27.98  ? 0   ALA A CB  1 
ATOM   6   N  N   . GLN A 1 2  ? -2.266  8.326   7.660   1.00 25.97  ? 1   GLN A N   1 
ATOM   7   C  CA  . GLN A 1 2  ? -3.102  8.268   6.487   1.00 23.95  ? 1   GLN A CA  1 
ATOM   8   C  C   . GLN A 1 2  ? -3.636  6.854   6.480   1.00 21.62  ? 1   GLN A C   1 
ATOM   9   O  O   . GLN A 1 2  ? -2.834  5.923   6.576   1.00 19.90  ? 1   GLN A O   1 
ATOM   10  C  CB  . GLN A 1 2  ? -2.298  8.478   5.237   1.00 26.75  ? 1   GLN A CB  1 
ATOM   11  C  CG  . GLN A 1 2  ? -2.630  9.816   4.592   1.00 35.27  ? 1   GLN A CG  1 
ATOM   12  C  CD  . GLN A 1 2  ? -3.855  9.860   3.666   1.00 37.74  ? 1   GLN A CD  1 
ATOM   13  O  OE1 . GLN A 1 2  ? -3.990  10.823  2.905   1.00 41.67  ? 1   GLN A OE1 1 
ATOM   14  N  NE2 . GLN A 1 2  ? -4.780  8.904   3.598   1.00 36.50  ? 1   GLN A NE2 1 
ATOM   15  N  N   . ILE A 1 3  ? -4.950  6.671   6.419   1.00 17.83  ? 2   ILE A N   1 
ATOM   16  C  CA  . ILE A 1 3  ? -5.546  5.346   6.302   1.00 16.89  ? 2   ILE A CA  1 
ATOM   17  C  C   . ILE A 1 3  ? -5.794  5.039   4.818   1.00 16.58  ? 2   ILE A C   1 
ATOM   18  O  O   . ILE A 1 3  ? -6.347  5.879   4.075   1.00 16.71  ? 2   ILE A O   1 
ATOM   19  C  CB  . ILE A 1 3  ? -6.874  5.302   7.061   1.00 17.48  ? 2   ILE A CB  1 
ATOM   20  C  CG1 . ILE A 1 3  ? -6.526  5.431   8.543   1.00 20.00  ? 2   ILE A CG1 1 
ATOM   21  C  CG2 . ILE A 1 3  ? -7.686  4.023   6.746   1.00 17.83  ? 2   ILE A CG2 1 
ATOM   22  C  CD1 . ILE A 1 3  ? -7.771  5.518   9.438   1.00 22.72  ? 2   ILE A CD1 1 
ATOM   23  N  N   . VAL A 1 4  ? -5.430  3.830   4.400   1.00 14.43  ? 3   VAL A N   1 
ATOM   24  C  CA  . VAL A 1 4  ? -5.614  3.384   3.034   1.00 12.23  ? 3   VAL A CA  1 
ATOM   25  C  C   . VAL A 1 4  ? -6.432  2.118   3.201   1.00 13.92  ? 3   VAL A C   1 
ATOM   26  O  O   . VAL A 1 4  ? -6.006  1.187   3.892   1.00 13.69  ? 3   VAL A O   1 
ATOM   27  C  CB  . VAL A 1 4  ? -4.275  3.045   2.347   1.00 11.72  ? 3   VAL A CB  1 
ATOM   28  C  CG1 . VAL A 1 4  ? -4.541  2.501   0.952   1.00 11.49  ? 3   VAL A CG1 1 
ATOM   29  C  CG2 . VAL A 1 4  ? -3.420  4.288   2.224   1.00 11.96  ? 3   VAL A CG2 1 
ATOM   30  N  N   . LYS A 1 5  ? -7.632  2.042   2.647   1.00 13.44  ? 4   LYS A N   1 
ATOM   31  C  CA  . LYS A 1 5  ? -8.416  0.819   2.709   1.00 13.97  ? 4   LYS A CA  1 
ATOM   32  C  C   . LYS A 1 5  ? -8.025  -0.122  1.567   1.00 13.02  ? 4   LYS A C   1 
ATOM   33  O  O   . LYS A 1 5  ? -7.755  0.346   0.459   1.00 12.32  ? 4   LYS A O   1 
ATOM   34  C  CB  . LYS A 1 5  ? -9.889  1.145   2.589   1.00 16.68  ? 4   LYS A CB  1 
ATOM   35  C  CG  . LYS A 1 5  ? -10.459 1.806   3.820   1.00 21.03  ? 4   LYS A CG  1 
ATOM   36  C  CD  . LYS A 1 5  ? -11.876 2.047   3.352   1.00 27.80  ? 4   LYS A CD  1 
ATOM   37  C  CE  . LYS A 1 5  ? -12.748 2.561   4.475   1.00 32.06  ? 4   LYS A CE  1 
ATOM   38  N  NZ  . LYS A 1 5  ? -14.040 2.879   3.894   1.00 35.29  ? 4   LYS A NZ  1 
ATOM   39  N  N   . LEU A 1 6  ? -7.972  -1.431  1.841   1.00 11.54  ? 5   LEU A N   1 
ATOM   40  C  CA  . LEU A 1 6  ? -7.636  -2.437  0.854   1.00 12.44  ? 5   LEU A CA  1 
ATOM   41  C  C   . LEU A 1 6  ? -8.969  -3.006  0.439   1.00 12.07  ? 5   LEU A C   1 
ATOM   42  O  O   . LEU A 1 6  ? -9.585  -3.768  1.190   1.00 12.84  ? 5   LEU A O   1 
ATOM   43  C  CB  . LEU A 1 6  ? -6.787  -3.547  1.454   1.00 13.15  ? 5   LEU A CB  1 
ATOM   44  C  CG  . LEU A 1 6  ? -5.552  -3.174  2.221   1.00 15.57  ? 5   LEU A CG  1 
ATOM   45  C  CD1 . LEU A 1 6  ? -4.813  -4.431  2.586   1.00 16.54  ? 5   LEU A CD1 1 
ATOM   46  C  CD2 . LEU A 1 6  ? -4.639  -2.343  1.385   1.00 15.38  ? 5   LEU A CD2 1 
ATOM   47  N  N   . GLY A 1 7  ? -9.426  -2.525  -0.715  1.00 13.65  ? 6   GLY A N   1 
ATOM   48  C  CA  . GLY A 1 7  ? -10.711 -2.890  -1.275  1.00 14.40  ? 6   GLY A CA  1 
ATOM   49  C  C   . GLY A 1 7  ? -11.696 -1.774  -0.954  1.00 16.79  ? 6   GLY A C   1 
ATOM   50  O  O   . GLY A 1 7  ? -11.756 -1.282  0.186   1.00 16.66  ? 6   GLY A O   1 
ATOM   51  N  N   . GLY A 1 8  ? -12.466 -1.322  -1.952  1.00 17.70  ? 7   GLY A N   1 
ATOM   52  C  CA  . GLY A 1 8  ? -13.445 -0.283  -1.728  1.00 17.74  ? 7   GLY A CA  1 
ATOM   53  C  C   . GLY A 1 8  ? -14.641 -0.935  -1.066  1.00 19.28  ? 7   GLY A C   1 
ATOM   54  O  O   . GLY A 1 8  ? -14.927 -2.115  -1.299  1.00 18.56  ? 7   GLY A O   1 
ATOM   55  N  N   . ASP A 1 9  ? -15.405 -0.184  -0.272  1.00 22.39  ? 8   ASP A N   1 
ATOM   56  C  CA  . ASP A 1 9  ? -16.635 -0.691  0.350   1.00 24.96  ? 8   ASP A CA  1 
ATOM   57  C  C   . ASP A 1 9  ? -17.612 -1.266  -0.683  1.00 25.81  ? 8   ASP A C   1 
ATOM   58  O  O   . ASP A 1 9  ? -18.308 -2.260  -0.475  1.00 27.08  ? 8   ASP A O   1 
ATOM   59  C  CB  . ASP A 1 9  ? -17.369 0.434   1.125   1.00 27.22  ? 8   ASP A CB  1 
ATOM   60  C  CG  . ASP A 1 9  ? -16.529 1.122   2.194   1.00 31.07  ? 8   ASP A CG  1 
ATOM   61  O  OD1 . ASP A 1 9  ? -15.816 0.437   2.921   1.00 32.31  ? 8   ASP A OD1 1 
ATOM   62  O  OD2 . ASP A 1 9  ? -16.573 2.347   2.303   1.00 33.94  ? 8   ASP A OD2 1 
ATOM   63  N  N   . ASP A 1 10 ? -17.628 -0.614  -1.843  1.00 24.96  ? 9   ASP A N   1 
ATOM   64  C  CA  . ASP A 1 10 ? -18.442 -0.985  -2.996  1.00 24.59  ? 9   ASP A CA  1 
ATOM   65  C  C   . ASP A 1 10 ? -17.963 -2.242  -3.740  1.00 24.44  ? 9   ASP A C   1 
ATOM   66  O  O   . ASP A 1 10 ? -18.532 -2.575  -4.790  1.00 24.95  ? 9   ASP A O   1 
ATOM   67  C  CB  . ASP A 1 10 ? -18.469 0.219   -3.956  1.00 23.58  ? 9   ASP A CB  1 
ATOM   68  C  CG  . ASP A 1 10 ? -17.056 0.704   -4.252  1.00 23.54  ? 9   ASP A CG  1 
ATOM   69  O  OD1 . ASP A 1 10 ? -16.326 0.012   -4.929  1.00 24.68  ? 9   ASP A OD1 1 
ATOM   70  O  OD2 . ASP A 1 10 ? -16.643 1.746   -3.767  1.00 27.05  ? 9   ASP A OD2 1 
ATOM   71  N  N   . GLY A 1 11 ? -16.862 -2.876  -3.298  1.00 23.70  ? 10  GLY A N   1 
ATOM   72  C  CA  . GLY A 1 11 ? -16.325 -4.070  -3.944  1.00 23.11  ? 10  GLY A CA  1 
ATOM   73  C  C   . GLY A 1 11 ? -15.221 -3.841  -4.986  1.00 21.96  ? 10  GLY A C   1 
ATOM   74  O  O   . GLY A 1 11 ? -14.720 -4.804  -5.571  1.00 22.87  ? 10  GLY A O   1 
ATOM   75  N  N   . SER A 1 12 ? -14.799 -2.626  -5.298  1.00 19.16  ? 11  SER A N   1 
ATOM   76  C  CA  . SER A 1 12 ? -13.741 -2.419  -6.255  1.00 17.79  ? 11  SER A CA  1 
ATOM   77  C  C   . SER A 1 12 ? -12.444 -2.950  -5.656  1.00 16.78  ? 11  SER A C   1 
ATOM   78  O  O   . SER A 1 12 ? -12.205 -2.804  -4.449  1.00 15.42  ? 11  SER A O   1 
ATOM   79  C  CB  . SER A 1 12 ? -13.597 -0.950  -6.523  1.00 20.04  ? 11  SER A CB  1 
ATOM   80  O  OG  . SER A 1 12 ? -14.820 -0.454  -7.055  1.00 25.63  ? 11  SER A OG  1 
ATOM   81  N  N   . LEU A 1 13 ? -11.617 -3.537  -6.515  1.00 14.87  ? 12  LEU A N   1 
ATOM   82  C  CA  . LEU A 1 13 ? -10.332 -4.048  -6.107  1.00 13.29  ? 12  LEU A CA  1 
ATOM   83  C  C   . LEU A 1 13 ? -9.392  -2.884  -6.284  1.00 12.23  ? 12  LEU A C   1 
ATOM   84  O  O   . LEU A 1 13 ? -8.754  -2.710  -7.319  1.00 13.01  ? 12  LEU A O   1 
ATOM   85  C  CB  . LEU A 1 13 ? -9.972  -5.223  -7.000  1.00 14.77  ? 12  LEU A CB  1 
ATOM   86  C  CG  . LEU A 1 13 ? -10.987 -6.365  -6.930  1.00 15.10  ? 12  LEU A CG  1 
ATOM   87  C  CD1 . LEU A 1 13 ? -10.651 -7.361  -8.019  1.00 16.46  ? 12  LEU A CD1 1 
ATOM   88  C  CD2 . LEU A 1 13 ? -11.006 -6.972  -5.527  1.00 16.77  ? 12  LEU A CD2 1 
ATOM   89  N  N   . ALA A 1 14 ? -9.330  -2.058  -5.251  1.00 11.95  ? 13  ALA A N   1 
ATOM   90  C  CA  . ALA A 1 14 ? -8.527  -0.847  -5.266  1.00 11.90  ? 13  ALA A CA  1 
ATOM   91  C  C   . ALA A 1 14 ? -8.023  -0.500  -3.881  1.00 10.59  ? 13  ALA A C   1 
ATOM   92  O  O   . ALA A 1 14 ? -8.593  -0.941  -2.884  1.00 11.09  ? 13  ALA A O   1 
ATOM   93  C  CB  . ALA A 1 14 ? -9.340  0.361   -5.730  1.00 13.11  ? 13  ALA A CB  1 
ATOM   94  N  N   . PHE A 1 15 ? -6.909  0.223   -3.839  1.00 11.55  ? 14  PHE A N   1 
ATOM   95  C  CA  . PHE A 1 15 ? -6.427  0.891   -2.643  1.00 11.55  ? 14  PHE A CA  1 
ATOM   96  C  C   . PHE A 1 15 ? -7.283  2.146   -2.581  1.00 11.42  ? 14  PHE A C   1 
ATOM   97  O  O   . PHE A 1 15 ? -7.410  2.836   -3.598  1.00 10.57  ? 14  PHE A O   1 
ATOM   98  C  CB  . PHE A 1 15 ? -4.979  1.303   -2.785  1.00 10.84  ? 14  PHE A CB  1 
ATOM   99  C  CG  . PHE A 1 15 ? -4.038  0.119   -2.693  1.00 11.77  ? 14  PHE A CG  1 
ATOM   100 C  CD1 . PHE A 1 15 ? -3.615  -0.322  -1.451  1.00 11.35  ? 14  PHE A CD1 1 
ATOM   101 C  CD2 . PHE A 1 15 ? -3.576  -0.489  -3.843  1.00 11.12  ? 14  PHE A CD2 1 
ATOM   102 C  CE1 . PHE A 1 15 ? -2.721  -1.375  -1.358  1.00 11.78  ? 14  PHE A CE1 1 
ATOM   103 C  CE2 . PHE A 1 15 ? -2.681  -1.542  -3.741  1.00 10.78  ? 14  PHE A CE2 1 
ATOM   104 C  CZ  . PHE A 1 15 ? -2.247  -1.988  -2.500  1.00 12.40  ? 14  PHE A CZ  1 
ATOM   105 N  N   . VAL A 1 16 ? -7.919  2.486   -1.465  1.00 11.21  ? 15  VAL A N   1 
ATOM   106 C  CA  . VAL A 1 16 ? -8.766  3.668   -1.414  1.00 12.75  ? 15  VAL A CA  1 
ATOM   107 C  C   . VAL A 1 16 ? -8.285  4.531   -0.237  1.00 12.81  ? 15  VAL A C   1 
ATOM   108 O  O   . VAL A 1 16 ? -8.461  4.146   0.922   1.00 12.12  ? 15  VAL A O   1 
ATOM   109 C  CB  . VAL A 1 16 ? -10.270 3.263   -1.233  1.00 12.80  ? 15  VAL A CB  1 
ATOM   110 C  CG1 . VAL A 1 16 ? -11.089 4.541   -1.279  1.00 14.48  ? 15  VAL A CG1 1 
ATOM   111 C  CG2 . VAL A 1 16 ? -10.790 2.352   -2.344  1.00 13.28  ? 15  VAL A CG2 1 
ATOM   112 N  N   . PRO A 1 17 ? -7.682  5.704   -0.416  1.00 13.07  ? 16  PRO A N   1 
ATOM   113 C  CA  . PRO A 1 17 ? -7.297  6.264   -1.712  1.00 13.29  ? 16  PRO A CA  1 
ATOM   114 C  C   . PRO A 1 17 ? -6.090  5.554   -2.331  1.00 14.39  ? 16  PRO A C   1 
ATOM   115 O  O   . PRO A 1 17 ? -5.420  4.768   -1.638  1.00 14.02  ? 16  PRO A O   1 
ATOM   116 C  CB  . PRO A 1 17 ? -7.043  7.723   -1.417  1.00 13.11  ? 16  PRO A CB  1 
ATOM   117 C  CG  . PRO A 1 17 ? -6.597  7.735   0.028   1.00 14.60  ? 16  PRO A CG  1 
ATOM   118 C  CD  . PRO A 1 17 ? -7.396  6.624   0.683   1.00 13.56  ? 16  PRO A CD  1 
ATOM   119 N  N   . SER A 1 18 ? -5.839  5.781   -3.631  1.00 13.01  ? 17  SER A N   1 
ATOM   120 C  CA  . SER A 1 18 ? -4.725  5.161   -4.297  1.00 11.83  ? 17  SER A CA  1 
ATOM   121 C  C   . SER A 1 18 ? -3.681  6.190   -4.630  1.00 12.24  ? 17  SER A C   1 
ATOM   122 O  O   . SER A 1 18 ? -2.678  5.871   -5.264  1.00 11.87  ? 17  SER A O   1 
ATOM   123 C  CB  . SER A 1 18 ? -5.192  4.449   -5.572  1.00 12.07  ? 17  SER A CB  1 
ATOM   124 O  OG  . SER A 1 18 ? -6.080  5.235   -6.379  1.00 13.29  ? 17  SER A OG  1 
ATOM   125 N  N   . LYS A 1 19 ? -3.848  7.456   -4.253  1.00 13.54  ? 18  LYS A N   1 
ATOM   126 C  CA  . LYS A 1 19 ? -2.830  8.459   -4.490  1.00 15.40  ? 18  LYS A CA  1 
ATOM   127 C  C   . LYS A 1 19 ? -2.809  9.295   -3.223  1.00 15.73  ? 18  LYS A C   1 
ATOM   128 O  O   . LYS A 1 19 ? -3.807  9.936   -2.883  1.00 15.71  ? 18  LYS A O   1 
ATOM   129 C  CB  . LYS A 1 19 ? -3.192  9.319   -5.700  1.00 17.86  ? 18  LYS A CB  1 
ATOM   130 C  CG  . LYS A 1 19 ? -1.978  10.149  -6.030  1.00 22.03  ? 18  LYS A CG  1 
ATOM   131 C  CD  . LYS A 1 19 ? -2.180  10.903  -7.313  1.00 28.64  ? 18  LYS A CD  1 
ATOM   132 C  CE  . LYS A 1 19 ? -0.889  11.690  -7.635  1.00 34.21  ? 18  LYS A CE  1 
ATOM   133 N  NZ  . LYS A 1 19 ? 0.285   10.837  -7.858  1.00 36.68  ? 18  LYS A NZ  1 
ATOM   134 N  N   . ILE A 1 20 ? -1.719  9.217   -2.450  1.00 15.57  ? 19  ILE A N   1 
ATOM   135 C  CA  . ILE A 1 20 ? -1.588  9.964   -1.207  1.00 14.44  ? 19  ILE A CA  1 
ATOM   136 C  C   . ILE A 1 20 ? -0.199  10.626  -1.120  1.00 14.53  ? 19  ILE A C   1 
ATOM   137 O  O   . ILE A 1 20 ? 0.775   10.202  -1.771  1.00 14.20  ? 19  ILE A O   1 
ATOM   138 C  CB  . ILE A 1 20 ? -1.808  9.029   0.060   1.00 14.36  ? 19  ILE A CB  1 
ATOM   139 C  CG1 . ILE A 1 20 ? -0.758  7.933   0.127   1.00 13.89  ? 19  ILE A CG1 1 
ATOM   140 C  CG2 . ILE A 1 20 ? -3.197  8.401   0.029   1.00 14.24  ? 19  ILE A CG2 1 
ATOM   141 C  CD1 . ILE A 1 20 ? -0.818  7.144   1.461   1.00 15.87  ? 19  ILE A CD1 1 
ATOM   142 N  N   . SER A 1 21 ? -0.099  11.695  -0.339  1.00 15.45  ? 20  SER A N   1 
ATOM   143 C  CA  . SER A 1 21 ? 1.173   12.359  -0.039  1.00 18.30  ? 20  SER A CA  1 
ATOM   144 C  C   . SER A 1 21 ? 1.282   12.353  1.476   1.00 18.38  ? 20  SER A C   1 
ATOM   145 O  O   . SER A 1 21 ? 0.298   12.643  2.189   1.00 18.63  ? 20  SER A O   1 
ATOM   146 C  CB  . SER A 1 21 ? 1.203   13.811  -0.497  1.00 20.87  ? 20  SER A CB  1 
ATOM   147 O  OG  . SER A 1 21 ? 1.025   13.871  -1.902  1.00 27.58  ? 20  SER A OG  1 
ATOM   148 N  N   . VAL A 1 22 ? 2.457   11.980  1.961   1.00 17.87  ? 21  VAL A N   1 
ATOM   149 C  CA  . VAL A 1 22 ? 2.651   11.876  3.400   1.00 18.89  ? 21  VAL A CA  1 
ATOM   150 C  C   . VAL A 1 22 ? 3.983   12.536  3.712   1.00 19.92  ? 21  VAL A C   1 
ATOM   151 O  O   . VAL A 1 22 ? 4.876   12.653  2.844   1.00 19.88  ? 21  VAL A O   1 
ATOM   152 C  CB  . VAL A 1 22 ? 2.728   10.382  3.921   1.00 18.63  ? 21  VAL A CB  1 
ATOM   153 C  CG1 . VAL A 1 22 ? 1.367   9.686   3.813   1.00 20.05  ? 21  VAL A CG1 1 
ATOM   154 C  CG2 . VAL A 1 22 ? 3.771   9.608   3.102   1.00 18.73  ? 21  VAL A CG2 1 
ATOM   155 N  N   . ALA A 1 23 ? 4.081   12.966  4.972   1.00 19.82  ? 22  ALA A N   1 
ATOM   156 C  CA  . ALA A 1 23 ? 5.358   13.404  5.535   1.00 18.83  ? 22  ALA A CA  1 
ATOM   157 C  C   . ALA A 1 23 ? 6.297   12.204  5.812   1.00 17.72  ? 22  ALA A C   1 
ATOM   158 O  O   . ALA A 1 23 ? 5.828   11.083  6.074   1.00 15.70  ? 22  ALA A O   1 
ATOM   159 C  CB  . ALA A 1 23 ? 5.089   14.132  6.847   1.00 18.53  ? 22  ALA A CB  1 
ATOM   160 N  N   . ALA A 1 24 ? 7.615   12.391  5.712   1.00 16.83  ? 23  ALA A N   1 
ATOM   161 C  CA  . ALA A 1 24 ? 8.565   11.372  6.147   1.00 17.51  ? 23  ALA A CA  1 
ATOM   162 C  C   . ALA A 1 24 ? 8.278   11.018  7.608   1.00 17.42  ? 23  ALA A C   1 
ATOM   163 O  O   . ALA A 1 24 ? 8.106   11.906  8.452   1.00 19.19  ? 23  ALA A O   1 
ATOM   164 C  CB  . ALA A 1 24 ? 9.991   11.895  6.048   1.00 17.25  ? 23  ALA A CB  1 
ATOM   165 N  N   . GLY A 1 25 ? 8.097   9.744   7.907   1.00 16.54  ? 24  GLY A N   1 
ATOM   166 C  CA  . GLY A 1 25 ? 7.855   9.276   9.249   1.00 15.92  ? 24  GLY A CA  1 
ATOM   167 C  C   . GLY A 1 25 ? 6.386   9.289   9.574   1.00 17.71  ? 24  GLY A C   1 
ATOM   168 O  O   . GLY A 1 25 ? 6.050   8.857   10.677  1.00 18.37  ? 24  GLY A O   1 
ATOM   169 N  N   . GLU A 1 26 ? 5.492   9.750   8.684   1.00 16.78  ? 25  GLU A N   1 
ATOM   170 C  CA  . GLU A 1 26 ? 4.069   9.781   8.993   1.00 15.20  ? 25  GLU A CA  1 
ATOM   171 C  C   . GLU A 1 26 ? 3.492   8.390   8.814   1.00 14.26  ? 25  GLU A C   1 
ATOM   172 O  O   . GLU A 1 26 ? 3.820   7.749   7.824   1.00 16.63  ? 25  GLU A O   1 
ATOM   173 C  CB  . GLU A 1 26 ? 3.390   10.718  8.061   1.00 15.26  ? 25  GLU A CB  1 
ATOM   174 C  CG  . GLU A 1 26 ? 1.898   10.780  8.331   1.00 18.41  ? 25  GLU A CG  1 
ATOM   175 C  CD  . GLU A 1 26 ? 1.152   11.806  7.492   1.00 20.68  ? 25  GLU A CD  1 
ATOM   176 O  OE1 . GLU A 1 26 ? 1.749   12.469  6.649   1.00 19.67  ? 25  GLU A OE1 1 
ATOM   177 O  OE2 . GLU A 1 26 ? -0.051  11.939  7.696   1.00 24.02  ? 25  GLU A OE2 1 
ATOM   178 N  N   . ALA A 1 27 ? 2.674   7.868   9.705   1.00 13.47  ? 26  ALA A N   1 
ATOM   179 C  CA  . ALA A 1 27 ? 2.130   6.532   9.590   1.00 14.10  ? 26  ALA A CA  1 
ATOM   180 C  C   . ALA A 1 27 ? 1.110   6.371   8.468   1.00 14.91  ? 26  ALA A C   1 
ATOM   181 O  O   . ALA A 1 27 ? 0.251   7.230   8.221   1.00 14.67  ? 26  ALA A O   1 
ATOM   182 C  CB  . ALA A 1 27 ? 1.455   6.129   10.889  1.00 14.41  ? 26  ALA A CB  1 
ATOM   183 N  N   . ILE A 1 28 ? 1.255   5.270   7.749   1.00 13.08  ? 27  ILE A N   1 
ATOM   184 C  CA  . ILE A 1 28 ? 0.308   4.912   6.732   1.00 13.48  ? 27  ILE A CA  1 
ATOM   185 C  C   . ILE A 1 28 ? -0.263  3.614   7.288   1.00 13.63  ? 27  ILE A C   1 
ATOM   186 O  O   . ILE A 1 28 ? 0.457   2.631   7.506   1.00 12.50  ? 27  ILE A O   1 
ATOM   187 C  CB  . ILE A 1 28 ? 0.997   4.649   5.380   1.00 13.92  ? 27  ILE A CB  1 
ATOM   188 C  CG1 . ILE A 1 28 ? 1.809   5.832   4.921   1.00 14.32  ? 27  ILE A CG1 1 
ATOM   189 C  CG2 . ILE A 1 28 ? -0.100  4.345   4.344   1.00 15.90  ? 27  ILE A CG2 1 
ATOM   190 C  CD1 . ILE A 1 28 ? 2.784   5.445   3.813   1.00 16.67  ? 27  ILE A CD1 1 
ATOM   191 N  N   . GLU A 1 29 ? -1.569  3.588   7.498   1.00 13.28  ? 28  GLU A N   1 
ATOM   192 C  CA  . GLU A 1 29 ? -2.276  2.435   8.001   1.00 14.04  ? 28  GLU A CA  1 
ATOM   193 C  C   . GLU A 1 29 ? -3.041  1.775   6.862   1.00 12.82  ? 28  GLU A C   1 
ATOM   194 O  O   . GLU A 1 29 ? -3.998  2.364   6.343   1.00 13.00  ? 28  GLU A O   1 
ATOM   195 C  CB  . GLU A 1 29 ? -3.248  2.852   9.063   1.00 16.05  ? 28  GLU A CB  1 
ATOM   196 C  CG  . GLU A 1 29 ? -2.560  3.366   10.308  1.00 22.68  ? 28  GLU A CG  1 
ATOM   197 C  CD  . GLU A 1 29 ? -3.532  3.908   11.373  1.00 26.34  ? 28  GLU A CD  1 
ATOM   198 O  OE1 . GLU A 1 29 ? -4.650  3.395   11.528  1.00 28.56  ? 28  GLU A OE1 1 
ATOM   199 O  OE2 . GLU A 1 29 ? -3.144  4.850   12.062  1.00 29.48  ? 28  GLU A OE2 1 
ATOM   200 N  N   . PHE A 1 30 ? -2.616  0.586   6.442   1.00 12.10  ? 29  PHE A N   1 
ATOM   201 C  CA  . PHE A 1 30 ? -3.274  -0.204  5.414   1.00 10.08  ? 29  PHE A CA  1 
ATOM   202 C  C   . PHE A 1 30 ? -4.273  -1.122  6.098   1.00 11.24  ? 29  PHE A C   1 
ATOM   203 O  O   . PHE A 1 30 ? -3.873  -2.046  6.828   1.00 10.24  ? 29  PHE A O   1 
ATOM   204 C  CB  . PHE A 1 30 ? -2.258  -1.048  4.684   1.00 10.46  ? 29  PHE A CB  1 
ATOM   205 C  CG  . PHE A 1 30 ? -1.207  -0.262  3.936   1.00 11.30  ? 29  PHE A CG  1 
ATOM   206 C  CD1 . PHE A 1 30 ? -1.488  0.189   2.655   1.00 12.96  ? 29  PHE A CD1 1 
ATOM   207 C  CD2 . PHE A 1 30 ? 0.035   -0.036  4.513   1.00 12.61  ? 29  PHE A CD2 1 
ATOM   208 C  CE1 . PHE A 1 30 ? -0.504  0.865   1.939   1.00 13.88  ? 29  PHE A CE1 1 
ATOM   209 C  CE2 . PHE A 1 30 ? 1.010   0.647   3.792   1.00 13.57  ? 29  PHE A CE2 1 
ATOM   210 C  CZ  . PHE A 1 30 ? 0.745   1.096   2.505   1.00 15.03  ? 29  PHE A CZ  1 
ATOM   211 N  N   . VAL A 1 31 ? -5.568  -0.868  5.874   1.00 10.82  ? 30  VAL A N   1 
ATOM   212 C  CA  . VAL A 1 31 ? -6.664  -1.546  6.564   1.00 10.67  ? 30  VAL A CA  1 
ATOM   213 C  C   . VAL A 1 31 ? -7.389  -2.463  5.603   1.00 10.82  ? 30  VAL A C   1 
ATOM   214 O  O   . VAL A 1 31 ? -7.998  -2.019  4.621   1.00 10.29  ? 30  VAL A O   1 
ATOM   215 C  CB  . VAL A 1 31 ? -7.683  -0.522  7.115   1.00 11.51  ? 30  VAL A CB  1 
ATOM   216 C  CG1 . VAL A 1 31 ? -8.734  -1.280  7.901   1.00 12.42  ? 30  VAL A CG1 1 
ATOM   217 C  CG2 . VAL A 1 31 ? -7.020  0.500   8.024   1.00 12.30  ? 30  VAL A CG2 1 
ATOM   218 N  N   . ASN A 1 32 ? -7.363  -3.760  5.900   1.00 10.54  ? 31  ASN A N   1 
ATOM   219 C  CA  . ASN A 1 32 ? -8.001  -4.779  5.082   1.00 11.70  ? 31  ASN A CA  1 
ATOM   220 C  C   . ASN A 1 32 ? -9.501  -4.569  5.160   1.00 11.76  ? 31  ASN A C   1 
ATOM   221 O  O   . ASN A 1 32 ? -10.104 -4.627  6.234   1.00 13.62  ? 31  ASN A O   1 
ATOM   222 C  CB  . ASN A 1 32 ? -7.657  -6.156  5.592   1.00 11.89  ? 31  ASN A CB  1 
ATOM   223 C  CG  . ASN A 1 32 ? -7.801  -7.169  4.482   1.00 13.76  ? 31  ASN A CG  1 
ATOM   224 O  OD1 . ASN A 1 32 ? -7.819  -6.846  3.303   1.00 15.13  ? 31  ASN A OD1 1 
ATOM   225 N  ND2 . ASN A 1 32 ? -7.898  -8.442  4.794   1.00 13.57  ? 31  ASN A ND2 1 
ATOM   226 N  N   . ASN A 1 33 ? -10.114 -4.280  4.033   1.00 11.61  ? 32  ASN A N   1 
ATOM   227 C  CA  . ASN A 1 33 ? -11.493 -3.886  4.067   1.00 13.51  ? 32  ASN A CA  1 
ATOM   228 C  C   . ASN A 1 33 ? -12.416 -4.775  3.291   1.00 13.91  ? 32  ASN A C   1 
ATOM   229 O  O   . ASN A 1 33 ? -13.382 -5.256  3.880   1.00 15.14  ? 32  ASN A O   1 
ATOM   230 C  CB  . ASN A 1 33 ? -11.561 -2.441  3.570   1.00 14.78  ? 32  ASN A CB  1 
ATOM   231 C  CG  . ASN A 1 33 ? -12.947 -1.810  3.664   1.00 17.04  ? 32  ASN A CG  1 
ATOM   232 O  OD1 . ASN A 1 33 ? -13.579 -1.700  4.720   1.00 17.36  ? 32  ASN A OD1 1 
ATOM   233 N  ND2 . ASN A 1 33 ? -13.408 -1.331  2.519   1.00 15.58  ? 32  ASN A ND2 1 
ATOM   234 N  N   . ALA A 1 34 ? -12.181 -5.091  2.025   1.00 13.53  ? 33  ALA A N   1 
ATOM   235 C  CA  . ALA A 1 34 ? -13.141 -5.853  1.249   1.00 12.37  ? 33  ALA A CA  1 
ATOM   236 C  C   . ALA A 1 34 ? -12.468 -6.513  0.071   1.00 12.52  ? 33  ALA A C   1 
ATOM   237 O  O   . ALA A 1 34 ? -11.451 -6.009  -0.381  1.00 14.02  ? 33  ALA A O   1 
ATOM   238 C  CB  . ALA A 1 34 ? -14.218 -4.935  0.698   1.00 13.47  ? 33  ALA A CB  1 
ATOM   239 N  N   . GLY A 1 35 ? -13.012 -7.619  -0.437  1.00 13.06  ? 34  GLY A N   1 
ATOM   240 C  CA  . GLY A 1 35 ? -12.463 -8.288  -1.608  1.00 14.97  ? 34  GLY A CA  1 
ATOM   241 C  C   . GLY A 1 35 ? -11.103 -8.944  -1.386  1.00 15.96  ? 34  GLY A C   1 
ATOM   242 O  O   . GLY A 1 35 ? -10.330 -9.181  -2.331  1.00 15.23  ? 34  GLY A O   1 
ATOM   243 N  N   . PHE A 1 36 ? -10.833 -9.245  -0.121  1.00 15.56  ? 35  PHE A N   1 
ATOM   244 C  CA  . PHE A 1 36 ? -9.558  -9.841  0.234   1.00 17.46  ? 35  PHE A CA  1 
ATOM   245 C  C   . PHE A 1 36 ? -9.597  -11.316 -0.155  1.00 17.56  ? 35  PHE A C   1 
ATOM   246 O  O   . PHE A 1 36 ? -10.700 -11.814 -0.404  1.00 19.35  ? 35  PHE A O   1 
ATOM   247 C  CB  . PHE A 1 36 ? -9.286  -9.665  1.749   1.00 16.91  ? 35  PHE A CB  1 
ATOM   248 C  CG  . PHE A 1 36 ? -10.506 -9.666  2.647   1.00 17.02  ? 35  PHE A CG  1 
ATOM   249 C  CD1 . PHE A 1 36 ? -11.098 -10.851 2.977   1.00 17.04  ? 35  PHE A CD1 1 
ATOM   250 C  CD2 . PHE A 1 36 ? -10.999 -8.456  3.099   1.00 16.06  ? 35  PHE A CD2 1 
ATOM   251 C  CE1 . PHE A 1 36 ? -12.214 -10.820 3.779   1.00 19.43  ? 35  PHE A CE1 1 
ATOM   252 C  CE2 . PHE A 1 36 ? -12.113 -8.433  3.897   1.00 17.30  ? 35  PHE A CE2 1 
ATOM   253 C  CZ  . PHE A 1 36 ? -12.722 -9.619  4.236   1.00 18.14  ? 35  PHE A CZ  1 
ATOM   254 N  N   . PRO A 1 37 ? -8.521  -12.096 -0.245  1.00 16.96  ? 36  PRO A N   1 
ATOM   255 C  CA  . PRO A 1 37 ? -7.158  -11.680 0.078   1.00 14.90  ? 36  PRO A CA  1 
ATOM   256 C  C   . PRO A 1 37 ? -6.450  -10.598 -0.727  1.00 12.75  ? 36  PRO A C   1 
ATOM   257 O  O   . PRO A 1 37 ? -6.546  -10.467 -1.953  1.00 12.96  ? 36  PRO A O   1 
ATOM   258 C  CB  . PRO A 1 37 ? -6.411  -13.012 0.084   1.00 15.97  ? 36  PRO A CB  1 
ATOM   259 C  CG  . PRO A 1 37 ? -7.137  -13.817 -0.980  1.00 17.93  ? 36  PRO A CG  1 
ATOM   260 C  CD  . PRO A 1 37 ? -8.575  -13.524 -0.602  1.00 17.17  ? 36  PRO A CD  1 
ATOM   261 N  N   . HIS A 1 38 ? -5.691  -9.775  -0.015  1.00 11.01  ? 37  HIS A N   1 
ATOM   262 C  CA  . HIS A 1 38 ? -4.864  -8.752  -0.624  1.00 11.47  ? 37  HIS A CA  1 
ATOM   263 C  C   . HIS A 1 38 ? -3.455  -8.868  -0.036  1.00 11.75  ? 37  HIS A C   1 
ATOM   264 O  O   . HIS A 1 38 ? -3.293  -9.515  1.000   1.00 12.77  ? 37  HIS A O   1 
ATOM   265 C  CB  . HIS A 1 38 ? -5.368  -7.324  -0.321  1.00 10.86  ? 37  HIS A CB  1 
ATOM   266 C  CG  . HIS A 1 38 ? -6.801  -7.008  -0.774  1.00 11.62  ? 37  HIS A CG  1 
ATOM   267 N  ND1 . HIS A 1 38 ? -7.119  -6.909  -2.058  1.00 11.41  ? 37  HIS A ND1 1 
ATOM   268 C  CD2 . HIS A 1 38 ? -7.859  -6.754  0.047   1.00 11.34  ? 37  HIS A CD2 1 
ATOM   269 C  CE1 . HIS A 1 38 ? -8.392  -6.594  -2.050  1.00 10.38  ? 37  HIS A CE1 1 
ATOM   270 N  NE2 . HIS A 1 38 ? -8.822  -6.499  -0.806  1.00 11.91  ? 37  HIS A NE2 1 
ATOM   271 N  N   . ASN A 1 39 ? -2.411  -8.333  -0.675  1.00 11.47  ? 38  ASN A N   1 
ATOM   272 C  CA  . ASN A 1 39 ? -1.150  -8.157  0.027   1.00 11.30  ? 38  ASN A CA  1 
ATOM   273 C  C   . ASN A 1 39 ? -0.646  -6.782  -0.447  1.00 12.08  ? 38  ASN A C   1 
ATOM   274 O  O   . ASN A 1 39 ? -1.373  -6.070  -1.188  1.00 11.48  ? 38  ASN A O   1 
ATOM   275 C  CB  . ASN A 1 39 ? -0.136  -9.292  -0.281  1.00 11.15  ? 38  ASN A CB  1 
ATOM   276 C  CG  . ASN A 1 39 ? 0.353   -9.403  -1.699  1.00 12.78  ? 38  ASN A CG  1 
ATOM   277 O  OD1 . ASN A 1 39 ? -0.028  -8.671  -2.608  1.00 11.07  ? 38  ASN A OD1 1 
ATOM   278 N  ND2 . ASN A 1 39 ? 1.210   -10.379 -1.931  1.00 13.04  ? 38  ASN A ND2 1 
ATOM   279 N  N   . ILE A 1 40 ? 0.504   -6.333  0.077   1.00 10.91  ? 39  ILE A N   1 
ATOM   280 C  CA  . ILE A 1 40 ? 1.002   -4.969  -0.122  1.00 10.67  ? 39  ILE A CA  1 
ATOM   281 C  C   . ILE A 1 40 ? 2.453   -5.085  -0.583  1.00 12.03  ? 39  ILE A C   1 
ATOM   282 O  O   . ILE A 1 40 ? 3.361   -5.330  0.229   1.00 12.21  ? 39  ILE A O   1 
ATOM   283 C  CB  . ILE A 1 40 ? 0.915   -4.180  1.223   1.00 10.29  ? 39  ILE A CB  1 
ATOM   284 C  CG1 . ILE A 1 40 ? -0.515  -4.160  1.729   1.00 9.96   ? 39  ILE A CG1 1 
ATOM   285 C  CG2 . ILE A 1 40 ? 1.431   -2.772  1.031   1.00 9.52   ? 39  ILE A CG2 1 
ATOM   286 C  CD1 . ILE A 1 40 ? -0.590  -3.877  3.231   1.00 10.41  ? 39  ILE A CD1 1 
ATOM   287 N  N   . VAL A 1 41 ? 2.727   -4.914  -1.875  1.00 10.42  ? 40  VAL A N   1 
ATOM   288 C  CA  . VAL A 1 41 ? 4.065   -5.078  -2.385  1.00 10.06  ? 40  VAL A CA  1 
ATOM   289 C  C   . VAL A 1 41 ? 4.603   -3.764  -2.904  1.00 10.99  ? 40  VAL A C   1 
ATOM   290 O  O   . VAL A 1 41 ? 4.004   -3.143  -3.789  1.00 12.03  ? 40  VAL A O   1 
ATOM   291 C  CB  . VAL A 1 41 ? 4.031   -6.129  -3.488  1.00 10.15  ? 40  VAL A CB  1 
ATOM   292 C  CG1 . VAL A 1 41 ? 5.430   -6.332  -4.027  1.00 11.10  ? 40  VAL A CG1 1 
ATOM   293 C  CG2 . VAL A 1 41 ? 3.454   -7.426  -2.932  1.00 11.72  ? 40  VAL A CG2 1 
ATOM   294 N  N   . PHE A 1 42 ? 5.707   -3.286  -2.356  1.00 10.83  ? 41  PHE A N   1 
ATOM   295 C  CA  . PHE A 1 42 ? 6.322   -2.076  -2.872  1.00 11.72  ? 41  PHE A CA  1 
ATOM   296 C  C   . PHE A 1 42 ? 7.124   -2.515  -4.079  1.00 14.41  ? 41  PHE A C   1 
ATOM   297 O  O   . PHE A 1 42 ? 7.825   -3.536  -4.067  1.00 15.15  ? 41  PHE A O   1 
ATOM   298 C  CB  . PHE A 1 42 ? 7.251   -1.412  -1.862  1.00 10.76  ? 41  PHE A CB  1 
ATOM   299 C  CG  . PHE A 1 42 ? 6.465   -0.635  -0.821  1.00 12.33  ? 41  PHE A CG  1 
ATOM   300 C  CD1 . PHE A 1 42 ? 5.866   -1.284  0.252   1.00 13.22  ? 41  PHE A CD1 1 
ATOM   301 C  CD2 . PHE A 1 42 ? 6.339   0.737   -0.949  1.00 12.92  ? 41  PHE A CD2 1 
ATOM   302 C  CE1 . PHE A 1 42 ? 5.156   -0.548  1.182   1.00 14.29  ? 41  PHE A CE1 1 
ATOM   303 C  CE2 . PHE A 1 42 ? 5.627   1.461   -0.010  1.00 12.92  ? 41  PHE A CE2 1 
ATOM   304 C  CZ  . PHE A 1 42 ? 5.034   0.820   1.057   1.00 13.58  ? 41  PHE A CZ  1 
ATOM   305 N  N   . ASP A 1 43 ? 6.994   -1.753  -5.151  1.00 15.16  ? 42  ASP A N   1 
ATOM   306 C  CA  . ASP A 1 43 ? 7.604   -2.104  -6.403  1.00 16.68  ? 42  ASP A CA  1 
ATOM   307 C  C   . ASP A 1 43 ? 9.067   -1.735  -6.367  1.00 17.11  ? 42  ASP A C   1 
ATOM   308 O  O   . ASP A 1 43 ? 9.410   -0.556  -6.323  1.00 15.47  ? 42  ASP A O   1 
ATOM   309 C  CB  . ASP A 1 43 ? 6.903   -1.349  -7.500  1.00 19.35  ? 42  ASP A CB  1 
ATOM   310 C  CG  . ASP A 1 43 ? 7.251   -1.734  -8.925  1.00 22.61  ? 42  ASP A CG  1 
ATOM   311 O  OD1 . ASP A 1 43 ? 8.288   -2.344  -9.191  1.00 22.26  ? 42  ASP A OD1 1 
ATOM   312 O  OD2 . ASP A 1 43 ? 6.427   -1.415  -9.784  1.00 26.13  ? 42  ASP A OD2 1 
ATOM   313 N  N   . GLU A 1 44 ? 9.944   -2.723  -6.518  1.00 19.36  ? 43  GLU A N   1 
ATOM   314 C  CA  . GLU A 1 44 ? 11.366  -2.413  -6.515  1.00 23.35  ? 43  GLU A CA  1 
ATOM   315 C  C   . GLU A 1 44 ? 11.866  -1.520  -7.648  1.00 22.82  ? 43  GLU A C   1 
ATOM   316 O  O   . GLU A 1 44 ? 12.948  -0.940  -7.553  1.00 23.52  ? 43  GLU A O   1 
ATOM   317 C  CB  . GLU A 1 44 ? 12.145  -3.704  -6.508  1.00 27.73  ? 43  GLU A CB  1 
ATOM   318 C  CG  . GLU A 1 44 ? 11.858  -4.643  -7.642  1.00 35.35  ? 43  GLU A CG  1 
ATOM   319 C  CD  . GLU A 1 44 ? 12.763  -5.846  -7.485  1.00 41.73  ? 43  GLU A CD  1 
ATOM   320 O  OE1 . GLU A 1 44 ? 12.491  -6.685  -6.612  1.00 45.72  ? 43  GLU A OE1 1 
ATOM   321 O  OE2 . GLU A 1 44 ? 13.754  -5.915  -8.222  1.00 44.81  ? 43  GLU A OE2 1 
ATOM   322 N  N   . ASP A 1 45 ? 11.089  -1.373  -8.722  1.00 22.32  ? 44  ASP A N   1 
ATOM   323 C  CA  . ASP A 1 45 ? 11.427  -0.482  -9.825  1.00 23.78  ? 44  ASP A CA  1 
ATOM   324 C  C   . ASP A 1 45 ? 10.806  0.893   -9.638  1.00 22.32  ? 44  ASP A C   1 
ATOM   325 O  O   . ASP A 1 45 ? 10.954  1.756   -10.515 1.00 22.83  ? 44  ASP A O   1 
ATOM   326 C  CB  . ASP A 1 45 ? 10.949  -1.071  -11.194 1.00 28.28  ? 44  ASP A CB  1 
ATOM   327 C  CG  . ASP A 1 45 ? 11.528  -2.448  -11.554 1.00 33.65  ? 44  ASP A CG  1 
ATOM   328 O  OD1 . ASP A 1 45 ? 12.732  -2.672  -11.363 1.00 36.47  ? 44  ASP A OD1 1 
ATOM   329 O  OD2 . ASP A 1 45 ? 10.769  -3.316  -12.010 1.00 37.45  ? 44  ASP A OD2 1 
ATOM   330 N  N   . ALA A 1 46 ? 10.085  1.111   -8.534  1.00 18.34  ? 45  ALA A N   1 
ATOM   331 C  CA  . ALA A 1 46 ? 9.442   2.382   -8.293  1.00 17.18  ? 45  ALA A CA  1 
ATOM   332 C  C   . ALA A 1 46 ? 9.544   2.801   -6.840  1.00 16.92  ? 45  ALA A C   1 
ATOM   333 O  O   . ALA A 1 46 ? 8.552   3.100   -6.161  1.00 17.20  ? 45  ALA A O   1 
ATOM   334 C  CB  . ALA A 1 46 ? 7.967   2.294   -8.709  1.00 17.88  ? 45  ALA A CB  1 
ATOM   335 N  N   . VAL A 1 47 ? 10.755  2.763   -6.300  1.00 15.38  ? 46  VAL A N   1 
ATOM   336 C  CA  . VAL A 1 47 ? 10.967  3.281   -4.967  1.00 15.37  ? 46  VAL A CA  1 
ATOM   337 C  C   . VAL A 1 47 ? 12.192  4.189   -5.086  1.00 15.81  ? 46  VAL A C   1 
ATOM   338 O  O   . VAL A 1 47 ? 12.950  4.000   -6.036  1.00 16.01  ? 46  VAL A O   1 
ATOM   339 C  CB  . VAL A 1 47 ? 11.226  2.160   -3.890  1.00 14.34  ? 46  VAL A CB  1 
ATOM   340 C  CG1 . VAL A 1 47 ? 9.926   1.397   -3.686  1.00 13.16  ? 46  VAL A CG1 1 
ATOM   341 C  CG2 . VAL A 1 47 ? 12.330  1.202   -4.296  1.00 14.09  ? 46  VAL A CG2 1 
ATOM   342 N  N   . PRO A 1 48 ? 12.477  5.172   -4.221  1.00 15.07  ? 47  PRO A N   1 
ATOM   343 C  CA  . PRO A 1 48 ? 13.652  6.017   -4.290  1.00 15.13  ? 47  PRO A CA  1 
ATOM   344 C  C   . PRO A 1 48 ? 14.904  5.176   -4.122  1.00 17.04  ? 47  PRO A C   1 
ATOM   345 O  O   . PRO A 1 48 ? 14.904  4.049   -3.589  1.00 16.35  ? 47  PRO A O   1 
ATOM   346 C  CB  . PRO A 1 48 ? 13.511  7.003   -3.178  1.00 15.98  ? 47  PRO A CB  1 
ATOM   347 C  CG  . PRO A 1 48 ? 12.037  7.043   -2.958  1.00 16.58  ? 47  PRO A CG  1 
ATOM   348 C  CD  . PRO A 1 48 ? 11.621  5.593   -3.127  1.00 15.11  ? 47  PRO A CD  1 
ATOM   349 N  N   . ALA A 1 49 ? 15.991  5.764   -4.593  1.00 16.39  ? 48  ALA A N   1 
ATOM   350 C  CA  . ALA A 1 49 ? 17.289  5.134   -4.467  1.00 17.47  ? 48  ALA A CA  1 
ATOM   351 C  C   . ALA A 1 49 ? 17.640  4.949   -2.991  1.00 15.52  ? 48  ALA A C   1 
ATOM   352 O  O   . ALA A 1 49 ? 17.300  5.764   -2.125  1.00 16.37  ? 48  ALA A O   1 
ATOM   353 C  CB  . ALA A 1 49 ? 18.359  6.000   -5.104  1.00 17.58  ? 48  ALA A CB  1 
ATOM   354 N  N   . GLY A 1 50 ? 18.233  3.797   -2.727  1.00 15.23  ? 49  GLY A N   1 
ATOM   355 C  CA  . GLY A 1 50 ? 18.633  3.477   -1.377  1.00 15.49  ? 49  GLY A CA  1 
ATOM   356 C  C   . GLY A 1 50 ? 17.507  2.853   -0.572  1.00 15.44  ? 49  GLY A C   1 
ATOM   357 O  O   . GLY A 1 50 ? 17.704  2.640   0.632   1.00 16.27  ? 49  GLY A O   1 
ATOM   358 N  N   . VAL A 1 51 ? 16.339  2.561   -1.161  1.00 14.21  ? 50  VAL A N   1 
ATOM   359 C  CA  . VAL A 1 51 ? 15.251  1.960   -0.417  1.00 14.44  ? 50  VAL A CA  1 
ATOM   360 C  C   . VAL A 1 51 ? 15.135  0.494   -0.789  1.00 14.51  ? 50  VAL A C   1 
ATOM   361 O  O   . VAL A 1 51 ? 15.080  0.167   -1.982  1.00 15.43  ? 50  VAL A O   1 
ATOM   362 C  CB  . VAL A 1 51 ? 13.900  2.690   -0.721  1.00 13.49  ? 50  VAL A CB  1 
ATOM   363 C  CG1 . VAL A 1 51 ? 12.679  1.938   -0.164  1.00 12.43  ? 50  VAL A CG1 1 
ATOM   364 C  CG2 . VAL A 1 51 ? 13.938  4.036   -0.033  1.00 14.15  ? 50  VAL A CG2 1 
ATOM   365 N  N   . ASP A 1 52 ? 15.097  -0.389  0.210   1.00 12.27  ? 51  ASP A N   1 
ATOM   366 C  CA  . ASP A 1 52 ? 14.823  -1.782  -0.034  1.00 12.00  ? 51  ASP A CA  1 
ATOM   367 C  C   . ASP A 1 52 ? 13.298  -1.959  -0.070  1.00 12.37  ? 51  ASP A C   1 
ATOM   368 O  O   . ASP A 1 52 ? 12.613  -1.936  0.962   1.00 11.73  ? 51  ASP A O   1 
ATOM   369 C  CB  . ASP A 1 52 ? 15.451  -2.576  1.081   1.00 13.64  ? 51  ASP A CB  1 
ATOM   370 C  CG  . ASP A 1 52 ? 15.275  -4.081  1.052   1.00 17.00  ? 51  ASP A CG  1 
ATOM   371 O  OD1 . ASP A 1 52 ? 14.549  -4.633  0.230   1.00 17.88  ? 51  ASP A OD1 1 
ATOM   372 O  OD2 . ASP A 1 52 ? 15.881  -4.729  1.902   1.00 21.34  ? 51  ASP A OD2 1 
ATOM   373 N  N   . ALA A 1 53 ? 12.735  -2.201  -1.260  1.00 12.11  ? 52  ALA A N   1 
ATOM   374 C  CA  . ALA A 1 53 ? 11.295  -2.400  -1.429  1.00 12.18  ? 52  ALA A CA  1 
ATOM   375 C  C   . ALA A 1 53 ? 10.808  -3.662  -0.726  1.00 13.14  ? 52  ALA A C   1 
ATOM   376 O  O   . ALA A 1 53 ? 9.705   -3.672  -0.189  1.00 13.81  ? 52  ALA A O   1 
ATOM   377 C  CB  . ALA A 1 53 ? 10.929  -2.547  -2.891  1.00 11.53  ? 52  ALA A CB  1 
ATOM   378 N  N   . ASP A 1 54 ? 11.599  -4.734  -0.642  1.00 14.02  ? 53  ASP A N   1 
ATOM   379 C  CA  . ASP A 1 54 ? 11.169  -5.955  0.025   1.00 15.97  ? 53  ASP A CA  1 
ATOM   380 C  C   . ASP A 1 54 ? 11.044  -5.760  1.526   1.00 14.65  ? 53  ASP A C   1 
ATOM   381 O  O   . ASP A 1 54 ? 10.117  -6.324  2.108   1.00 16.02  ? 53  ASP A O   1 
ATOM   382 C  CB  . ASP A 1 54 ? 12.143  -7.112  -0.248  1.00 20.22  ? 53  ASP A CB  1 
ATOM   383 C  CG  . ASP A 1 54 ? 12.298  -7.518  -1.726  1.00 29.29  ? 53  ASP A CG  1 
ATOM   384 O  OD1 . ASP A 1 54 ? 11.571  -7.047  -2.617  1.00 33.73  ? 53  ASP A OD1 1 
ATOM   385 O  OD2 . ASP A 1 54 ? 13.185  -8.324  -2.015  1.00 34.93  ? 53  ASP A OD2 1 
ATOM   386 N  N   . ALA A 1 55 ? 11.889  -4.933  2.164   1.00 12.99  ? 54  ALA A N   1 
ATOM   387 C  CA  . ALA A 1 55 ? 11.843  -4.701  3.590   1.00 12.14  ? 54  ALA A CA  1 
ATOM   388 C  C   . ALA A 1 55 ? 10.509  -4.167  4.057   1.00 13.72  ? 54  ALA A C   1 
ATOM   389 O  O   . ALA A 1 55 ? 9.986   -4.573  5.100   1.00 14.59  ? 54  ALA A O   1 
ATOM   390 C  CB  . ALA A 1 55 ? 12.870  -3.687  4.016   1.00 12.07  ? 54  ALA A CB  1 
ATOM   391 N  N   . ILE A 1 56 ? 9.922   -3.249  3.287   1.00 12.91  ? 55  ILE A N   1 
ATOM   392 C  CA  . ILE A 1 56 ? 8.667   -2.659  3.696   1.00 13.50  ? 55  ILE A CA  1 
ATOM   393 C  C   . ILE A 1 56 ? 7.416   -3.331  3.126   1.00 14.34  ? 55  ILE A C   1 
ATOM   394 O  O   . ILE A 1 56 ? 6.307   -2.942  3.497   1.00 15.39  ? 55  ILE A O   1 
ATOM   395 C  CB  . ILE A 1 56 ? 8.672   -1.164  3.332   1.00 13.17  ? 55  ILE A CB  1 
ATOM   396 C  CG1 . ILE A 1 56 ? 9.216   -0.881  1.941   1.00 13.50  ? 55  ILE A CG1 1 
ATOM   397 C  CG2 . ILE A 1 56 ? 9.448   -0.494  4.434   1.00 14.08  ? 55  ILE A CG2 1 
ATOM   398 C  CD1 . ILE A 1 56 ? 9.167   0.584   1.487   1.00 13.83  ? 55  ILE A CD1 1 
ATOM   399 N  N   . SER A 1 57 ? 7.536   -4.333  2.249   1.00 12.34  ? 56  SER A N   1 
ATOM   400 C  CA  . SER A 1 57 ? 6.368   -4.982  1.708   1.00 12.36  ? 56  SER A CA  1 
ATOM   401 C  C   . SER A 1 57 ? 5.754   -5.917  2.752   1.00 14.24  ? 56  SER A C   1 
ATOM   402 O  O   . SER A 1 57 ? 6.406   -6.303  3.734   1.00 15.55  ? 56  SER A O   1 
ATOM   403 C  CB  . SER A 1 57 ? 6.752   -5.792  0.489   1.00 10.17  ? 56  SER A CB  1 
ATOM   404 O  OG  . SER A 1 57 ? 7.210   -5.001  -0.589  1.00 11.67  ? 56  SER A OG  1 
ATOM   405 N  N   . TYR A 1 58 ? 4.491   -6.282  2.594   1.00 13.26  ? 57  TYR A N   1 
ATOM   406 C  CA  . TYR A 1 58 ? 3.851   -7.300  3.382   1.00 13.19  ? 57  TYR A CA  1 
ATOM   407 C  C   . TYR A 1 58 ? 3.374   -8.281  2.309   1.00 13.86  ? 57  TYR A C   1 
ATOM   408 O  O   . TYR A 1 58 ? 2.335   -8.118  1.671   1.00 12.38  ? 57  TYR A O   1 
ATOM   409 C  CB  . TYR A 1 58 ? 2.695   -6.684  4.164   1.00 12.70  ? 57  TYR A CB  1 
ATOM   410 C  CG  . TYR A 1 58 ? 2.094   -7.661  5.157   1.00 13.44  ? 57  TYR A CG  1 
ATOM   411 C  CD1 . TYR A 1 58 ? 1.085   -8.518  4.754   1.00 12.55  ? 57  TYR A CD1 1 
ATOM   412 C  CD2 . TYR A 1 58 ? 2.589   -7.682  6.448   1.00 14.31  ? 57  TYR A CD2 1 
ATOM   413 C  CE1 . TYR A 1 58 ? 0.573   -9.411  5.650   1.00 14.33  ? 57  TYR A CE1 1 
ATOM   414 C  CE2 . TYR A 1 58 ? 2.070   -8.577  7.354   1.00 14.87  ? 57  TYR A CE2 1 
ATOM   415 C  CZ  . TYR A 1 58 ? 1.073   -9.429  6.945   1.00 16.99  ? 57  TYR A CZ  1 
ATOM   416 O  OH  . TYR A 1 58 ? 0.545   -10.325 7.854   1.00 18.32  ? 57  TYR A OH  1 
ATOM   417 N  N   . ASP A 1 59 ? 4.157   -9.320  2.060   1.00 16.27  ? 59  ASP A N   1 
ATOM   418 C  CA  . ASP A 1 59 ? 3.885   -10.306 1.018   1.00 18.38  ? 59  ASP A CA  1 
ATOM   419 C  C   . ASP A 1 59 ? 2.796   -11.317 1.322   1.00 16.82  ? 59  ASP A C   1 
ATOM   420 O  O   . ASP A 1 59 ? 2.214   -11.895 0.398   1.00 16.61  ? 59  ASP A O   1 
ATOM   421 C  CB  . ASP A 1 59 ? 5.132   -11.128 0.691   1.00 24.37  ? 59  ASP A CB  1 
ATOM   422 C  CG  . ASP A 1 59 ? 6.255   -10.292 0.136   1.00 31.00  ? 59  ASP A CG  1 
ATOM   423 O  OD1 . ASP A 1 59 ? 6.043   -9.678  -0.915  1.00 34.63  ? 59  ASP A OD1 1 
ATOM   424 O  OD2 . ASP A 1 59 ? 7.318   -10.253 0.769   1.00 35.06  ? 59  ASP A OD2 1 
ATOM   425 N  N   . ASP A 1 60 ? 2.587   -11.626 2.598   1.00 15.38  ? 61  ASP A N   1 
ATOM   426 C  CA  . ASP A 1 60 ? 1.573   -12.588 2.968   1.00 16.17  ? 61  ASP A CA  1 
ATOM   427 C  C   . ASP A 1 60 ? 0.208   -12.008 2.716   1.00 12.72  ? 61  ASP A C   1 
ATOM   428 O  O   . ASP A 1 60 ? -0.013  -10.803 2.784   1.00 13.30  ? 61  ASP A O   1 
ATOM   429 C  CB  . ASP A 1 60 ? 1.602   -12.952 4.435   1.00 19.98  ? 61  ASP A CB  1 
ATOM   430 C  CG  . ASP A 1 60 ? 2.690   -13.891 4.874   1.00 26.31  ? 61  ASP A CG  1 
ATOM   431 O  OD1 . ASP A 1 60 ? 3.863   -13.669 4.593   1.00 30.39  ? 61  ASP A OD1 1 
ATOM   432 O  OD2 . ASP A 1 60 ? 2.339   -14.861 5.530   1.00 34.09  ? 61  ASP A OD2 1 
ATOM   433 N  N   . TYR A 1 61 ? -0.706  -12.907 2.449   1.00 11.03  ? 62  TYR A N   1 
ATOM   434 C  CA  . TYR A 1 61 ? -2.053  -12.486 2.276   1.00 11.60  ? 62  TYR A CA  1 
ATOM   435 C  C   . TYR A 1 61 ? -2.674  -11.994 3.581   1.00 12.32  ? 62  TYR A C   1 
ATOM   436 O  O   . TYR A 1 61 ? -2.485  -12.571 4.665   1.00 12.98  ? 62  TYR A O   1 
ATOM   437 C  CB  . TYR A 1 61 ? -2.866  -13.638 1.762   1.00 13.30  ? 62  TYR A CB  1 
ATOM   438 C  CG  . TYR A 1 61 ? -2.735  -14.002 0.298   1.00 15.57  ? 62  TYR A CG  1 
ATOM   439 C  CD1 . TYR A 1 61 ? -1.984  -13.250 -0.588  1.00 16.34  ? 62  TYR A CD1 1 
ATOM   440 C  CD2 . TYR A 1 61 ? -3.491  -15.088 -0.129  1.00 18.12  ? 62  TYR A CD2 1 
ATOM   441 C  CE1 . TYR A 1 61 ? -1.996  -13.592 -1.934  1.00 19.15  ? 62  TYR A CE1 1 
ATOM   442 C  CE2 . TYR A 1 61 ? -3.516  -15.442 -1.465  1.00 21.26  ? 62  TYR A CE2 1 
ATOM   443 C  CZ  . TYR A 1 61 ? -2.766  -14.688 -2.362  1.00 22.90  ? 62  TYR A CZ  1 
ATOM   444 O  OH  . TYR A 1 61 ? -2.791  -14.983 -3.715  1.00 26.75  ? 62  TYR A OH  1 
ATOM   445 N  N   . LEU A 1 62 ? -3.453  -10.930 3.450   1.00 10.65  ? 63  LEU A N   1 
ATOM   446 C  CA  . LEU A 1 62 ? -4.274  -10.401 4.493   1.00 11.26  ? 63  LEU A CA  1 
ATOM   447 C  C   . LEU A 1 62 ? -5.654  -10.982 4.218   1.00 12.78  ? 63  LEU A C   1 
ATOM   448 O  O   . LEU A 1 62 ? -6.294  -10.682 3.204   1.00 12.26  ? 63  LEU A O   1 
ATOM   449 C  CB  . LEU A 1 62 ? -4.280  -8.890  4.398   1.00 13.05  ? 63  LEU A CB  1 
ATOM   450 C  CG  . LEU A 1 62 ? -2.980  -8.182  4.696   1.00 15.04  ? 63  LEU A CG  1 
ATOM   451 C  CD1 . LEU A 1 62 ? -3.158  -6.703  4.534   1.00 19.11  ? 63  LEU A CD1 1 
ATOM   452 C  CD2 . LEU A 1 62 ? -2.606  -8.377  6.140   1.00 16.45  ? 63  LEU A CD2 1 
ATOM   453 N  N   . ASN A 1 63 ? -6.108  -11.837 5.132   1.00 12.96  ? 64  ASN A N   1 
ATOM   454 C  CA  . ASN A 1 63 ? -7.331  -12.621 5.008   1.00 14.96  ? 64  ASN A CA  1 
ATOM   455 C  C   . ASN A 1 63 ? -8.580  -12.193 5.744   1.00 14.89  ? 64  ASN A C   1 
ATOM   456 O  O   . ASN A 1 63 ? -9.661  -12.707 5.428   1.00 17.51  ? 64  ASN A O   1 
ATOM   457 C  CB  . ASN A 1 63 ? -7.086  -14.046 5.439   1.00 14.24  ? 64  ASN A CB  1 
ATOM   458 C  CG  . ASN A 1 63 ? -6.084  -14.728 4.553   1.00 16.90  ? 64  ASN A CG  1 
ATOM   459 O  OD1 . ASN A 1 63 ? -6.374  -15.033 3.396   1.00 18.19  ? 64  ASN A OD1 1 
ATOM   460 N  ND2 . ASN A 1 63 ? -4.859  -14.925 5.022   1.00 17.03  ? 64  ASN A ND2 1 
ATOM   461 N  N   . SER A 1 64 ? -8.518  -11.298 6.727   1.00 13.92  ? 65  SER A N   1 
ATOM   462 C  CA  . SER A 1 64 ? -9.672  -10.971 7.545   1.00 13.69  ? 65  SER A CA  1 
ATOM   463 C  C   . SER A 1 64 ? -9.898  -9.490  7.535   1.00 13.16  ? 65  SER A C   1 
ATOM   464 O  O   . SER A 1 64 ? -8.919  -8.719  7.501   1.00 13.25  ? 65  SER A O   1 
ATOM   465 C  CB  . SER A 1 64 ? -9.431  -11.395 8.965   1.00 16.60  ? 65  SER A CB  1 
ATOM   466 O  OG  . SER A 1 64 ? -8.904  -12.711 8.972   1.00 21.40  ? 65  SER A OG  1 
ATOM   467 N  N   . LYS A 1 65 ? -11.160 -9.075  7.554   1.00 13.80  ? 66  LYS A N   1 
ATOM   468 C  CA  . LYS A 1 65 ? -11.504 -7.663  7.605   1.00 14.82  ? 66  LYS A CA  1 
ATOM   469 C  C   . LYS A 1 65 ? -10.884 -7.025  8.864   1.00 14.43  ? 66  LYS A C   1 
ATOM   470 O  O   . LYS A 1 65 ? -10.914 -7.650  9.931   1.00 13.53  ? 66  LYS A O   1 
ATOM   471 C  CB  . LYS A 1 65 ? -13.009 -7.467  7.683   1.00 16.08  ? 66  LYS A CB  1 
ATOM   472 C  CG  . LYS A 1 65 ? -13.330 -6.050  7.284   1.00 19.61  ? 66  LYS A CG  1 
ATOM   473 C  CD  . LYS A 1 65 ? -14.787 -5.741  7.459   1.00 25.65  ? 66  LYS A CD  1 
ATOM   474 C  CE  . LYS A 1 65 ? -15.034 -4.384  6.814   1.00 29.24  ? 66  LYS A CE  1 
ATOM   475 N  NZ  . LYS A 1 65 ? -16.096 -3.682  7.523   1.00 35.19  ? 66  LYS A NZ  1 
ATOM   476 N  N   . GLY A 1 66 ? -10.280 -5.840  8.776   1.00 14.10  ? 67  GLY A N   1 
ATOM   477 C  CA  . GLY A 1 66 ? -9.751  -5.157  9.937   1.00 13.53  ? 67  GLY A CA  1 
ATOM   478 C  C   . GLY A 1 66 ? -8.278  -5.373  10.189  1.00 12.92  ? 67  GLY A C   1 
ATOM   479 O  O   . GLY A 1 66 ? -7.697  -4.553  10.913  1.00 13.83  ? 67  GLY A O   1 
ATOM   480 N  N   . GLU A 1 67 ? -7.620  -6.393  9.620   1.00 11.64  ? 68  GLU A N   1 
ATOM   481 C  CA  . GLU A 1 67 ? -6.177  -6.587  9.798   1.00 11.27  ? 68  GLU A CA  1 
ATOM   482 C  C   . GLU A 1 67 ? -5.508  -5.317  9.323   1.00 11.44  ? 68  GLU A C   1 
ATOM   483 O  O   . GLU A 1 67 ? -5.895  -4.810  8.262   1.00 12.59  ? 68  GLU A O   1 
ATOM   484 C  CB  . GLU A 1 67 ? -5.624  -7.732  8.955   1.00 11.59  ? 68  GLU A CB  1 
ATOM   485 C  CG  . GLU A 1 67 ? -5.919  -9.081  9.554   1.00 16.29  ? 68  GLU A CG  1 
ATOM   486 C  CD  . GLU A 1 67 ? -5.499  -10.233 8.659   1.00 19.51  ? 68  GLU A CD  1 
ATOM   487 O  OE1 . GLU A 1 67 ? -5.851  -10.262 7.494   1.00 20.75  ? 68  GLU A OE1 1 
ATOM   488 O  OE2 . GLU A 1 67 ? -4.826  -11.137 9.110   1.00 24.02  ? 68  GLU A OE2 1 
ATOM   489 N  N   . THR A 1 68 ? -4.575  -4.747  10.066  1.00 9.86   ? 69  THR A N   1 
ATOM   490 C  CA  . THR A 1 68 ? -3.996  -3.468  9.682   1.00 11.28  ? 69  THR A CA  1 
ATOM   491 C  C   . THR A 1 68 ? -2.486  -3.560  9.805   1.00 12.27  ? 69  THR A C   1 
ATOM   492 O  O   . THR A 1 68 ? -1.939  -4.003  10.840  1.00 11.58  ? 69  THR A O   1 
ATOM   493 C  CB  . THR A 1 68 ? -4.551  -2.313  10.602  1.00 12.55  ? 69  THR A CB  1 
ATOM   494 O  OG1 . THR A 1 68 ? -5.973  -2.266  10.435  1.00 12.08  ? 69  THR A OG1 1 
ATOM   495 C  CG2 . THR A 1 68 ? -3.944  -0.938  10.262  1.00 10.68  ? 69  THR A CG2 1 
ATOM   496 N  N   . VAL A 1 69 ? -1.842  -3.186  8.693   1.00 11.34  ? 70  VAL A N   1 
ATOM   497 C  CA  . VAL A 1 69 ? -0.392  -3.127  8.588   1.00 11.56  ? 70  VAL A CA  1 
ATOM   498 C  C   . VAL A 1 69 ? 0.003   -1.654  8.592   1.00 11.53  ? 70  VAL A C   1 
ATOM   499 O  O   . VAL A 1 69 ? -0.635  -0.850  7.906   1.00 11.31  ? 70  VAL A O   1 
ATOM   500 C  CB  . VAL A 1 69 ? 0.060   -3.835  7.279   1.00 11.83  ? 70  VAL A CB  1 
ATOM   501 C  CG1 . VAL A 1 69 ? 1.575   -3.654  7.034   1.00 12.00  ? 70  VAL A CG1 1 
ATOM   502 C  CG2 . VAL A 1 69 ? -0.309  -5.312  7.393   1.00 11.23  ? 70  VAL A CG2 1 
ATOM   503 N  N   . VAL A 1 70 ? 1.018   -1.263  9.369   1.00 10.54  ? 71  VAL A N   1 
ATOM   504 C  CA  . VAL A 1 70 ? 1.426   0.132   9.436   1.00 10.66  ? 71  VAL A CA  1 
ATOM   505 C  C   . VAL A 1 70 ? 2.855   0.274   8.949   1.00 12.25  ? 71  VAL A C   1 
ATOM   506 O  O   . VAL A 1 70 ? 3.720   -0.503  9.365   1.00 12.33  ? 71  VAL A O   1 
ATOM   507 C  CB  . VAL A 1 70 ? 1.290   0.638   10.888  1.00 11.20  ? 71  VAL A CB  1 
ATOM   508 C  CG1 . VAL A 1 70 ? 1.758   2.062   11.012  1.00 11.79  ? 71  VAL A CG1 1 
ATOM   509 C  CG2 . VAL A 1 70 ? -0.170  0.596   11.296  1.00 12.16  ? 71  VAL A CG2 1 
ATOM   510 N  N   . ARG A 1 71 ? 3.145   1.246   8.068   1.00 12.09  ? 72  ARG A N   1 
ATOM   511 C  CA  . ARG A 1 71 ? 4.500   1.531   7.597   1.00 12.08  ? 72  ARG A CA  1 
ATOM   512 C  C   . ARG A 1 71 ? 4.740   3.029   7.712   1.00 13.36  ? 72  ARG A C   1 
ATOM   513 O  O   . ARG A 1 71 ? 3.797   3.824   7.618   1.00 14.16  ? 72  ARG A O   1 
ATOM   514 C  CB  . ARG A 1 71 ? 4.708   1.139   6.133   1.00 11.46  ? 72  ARG A CB  1 
ATOM   515 C  CG  . ARG A 1 71 ? 4.637   -0.349  5.826   1.00 11.49  ? 72  ARG A CG  1 
ATOM   516 C  CD  . ARG A 1 71 ? 5.728   -1.067  6.577   1.00 11.95  ? 72  ARG A CD  1 
ATOM   517 N  NE  . ARG A 1 71 ? 5.680   -2.486  6.307   1.00 12.77  ? 72  ARG A NE  1 
ATOM   518 C  CZ  . ARG A 1 71 ? 5.327   -3.387  7.214   1.00 13.51  ? 72  ARG A CZ  1 
ATOM   519 N  NH1 . ARG A 1 71 ? 4.974   -3.069  8.461   1.00 14.16  ? 72  ARG A NH1 1 
ATOM   520 N  NH2 . ARG A 1 71 ? 5.379   -4.657  6.848   1.00 15.98  ? 72  ARG A NH2 1 
ATOM   521 N  N   . LYS A 1 72 ? 5.971   3.417   8.019   1.00 12.95  ? 73  LYS A N   1 
ATOM   522 C  CA  . LYS A 1 72 ? 6.351   4.810   8.034   1.00 13.94  ? 73  LYS A CA  1 
ATOM   523 C  C   . LYS A 1 72 ? 7.516   4.868   7.071   1.00 14.37  ? 73  LYS A C   1 
ATOM   524 O  O   . LYS A 1 72 ? 8.381   3.990   7.104   1.00 14.98  ? 73  LYS A O   1 
ATOM   525 C  CB  . LYS A 1 72 ? 6.787   5.251   9.433   1.00 13.36  ? 73  LYS A CB  1 
ATOM   526 C  CG  . LYS A 1 72 ? 5.636   5.179   10.377  1.00 13.93  ? 73  LYS A CG  1 
ATOM   527 C  CD  . LYS A 1 72 ? 6.132   5.666   11.691  1.00 19.87  ? 73  LYS A CD  1 
ATOM   528 C  CE  . LYS A 1 72 ? 4.999   5.445   12.664  1.00 23.04  ? 73  LYS A CE  1 
ATOM   529 N  NZ  . LYS A 1 72 ? 5.355   6.082   13.913  1.00 29.47  ? 73  LYS A NZ  1 
ATOM   530 N  N   . LEU A 1 73 ? 7.582   5.833   6.164   1.00 14.60  ? 74  LEU A N   1 
ATOM   531 C  CA  . LEU A 1 73 ? 8.630   5.881   5.162   1.00 14.97  ? 74  LEU A CA  1 
ATOM   532 C  C   . LEU A 1 73 ? 9.554   7.030   5.494   1.00 16.83  ? 74  LEU A C   1 
ATOM   533 O  O   . LEU A 1 73 ? 9.109   8.081   5.944   1.00 17.70  ? 74  LEU A O   1 
ATOM   534 C  CB  . LEU A 1 73 ? 7.968   6.050   3.797   1.00 13.44  ? 74  LEU A CB  1 
ATOM   535 C  CG  . LEU A 1 73 ? 7.024   4.917   3.386   1.00 13.61  ? 74  LEU A CG  1 
ATOM   536 C  CD1 . LEU A 1 73 ? 6.416   5.263   2.039   1.00 13.15  ? 74  LEU A CD1 1 
ATOM   537 C  CD2 . LEU A 1 73 ? 7.785   3.573   3.381   1.00 14.25  ? 74  LEU A CD2 1 
ATOM   538 N  N   . SER A 1 74 ? 10.835  6.862   5.248   1.00 17.33  ? 75  SER A N   1 
ATOM   539 C  CA  . SER A 1 74 ? 11.808  7.859   5.658   1.00 20.20  ? 75  SER A CA  1 
ATOM   540 C  C   . SER A 1 74 ? 12.331  8.674   4.484   1.00 19.25  ? 75  SER A C   1 
ATOM   541 O  O   . SER A 1 74 ? 12.375  9.902   4.567   1.00 22.03  ? 75  SER A O   1 
ATOM   542 C  CB  . SER A 1 74 ? 12.920  7.092   6.395   1.00 21.44  ? 75  SER A CB  1 
ATOM   543 O  OG  . SER A 1 74 ? 13.749  7.941   7.178   1.00 26.59  ? 75  SER A OG  1 
ATOM   544 N  N   . THR A 1 75 ? 12.694  8.057   3.362   1.00 18.44  ? 76  THR A N   1 
ATOM   545 C  CA  . THR A 1 75 ? 13.308  8.721   2.223   1.00 18.02  ? 76  THR A CA  1 
ATOM   546 C  C   . THR A 1 75 ? 12.290  9.426   1.329   1.00 18.76  ? 76  THR A C   1 
ATOM   547 O  O   . THR A 1 75 ? 11.302  8.823   0.919   1.00 17.79  ? 76  THR A O   1 
ATOM   548 C  CB  . THR A 1 75 ? 14.107  7.650   1.455   1.00 17.40  ? 76  THR A CB  1 
ATOM   549 O  OG1 . THR A 1 75 ? 15.080  7.183   2.394   1.00 18.55  ? 76  THR A OG1 1 
ATOM   550 C  CG2 . THR A 1 75 ? 14.783  8.145   0.197   1.00 17.28  ? 76  THR A CG2 1 
ATOM   551 N  N   . PRO A 1 76 ? 12.418  10.715  1.014   1.00 19.43  ? 77  PRO A N   1 
ATOM   552 C  CA  . PRO A 1 76 ? 11.471  11.418  0.164   1.00 18.86  ? 77  PRO A CA  1 
ATOM   553 C  C   . PRO A 1 76 ? 11.462  10.822  -1.224  1.00 17.69  ? 77  PRO A C   1 
ATOM   554 O  O   . PRO A 1 76 ? 12.484  10.302  -1.696  1.00 17.38  ? 77  PRO A O   1 
ATOM   555 C  CB  . PRO A 1 76 ? 11.940  12.839  0.186   1.00 20.79  ? 77  PRO A CB  1 
ATOM   556 C  CG  . PRO A 1 76 ? 12.726  12.954  1.484   1.00 22.04  ? 77  PRO A CG  1 
ATOM   557 C  CD  . PRO A 1 76 ? 13.458  11.619  1.505   1.00 20.78  ? 77  PRO A CD  1 
ATOM   558 N  N   . GLY A 1 77 ? 10.327  10.881  -1.894  1.00 16.56  ? 78  GLY A N   1 
ATOM   559 C  CA  . GLY A 1 77 ? 10.259  10.395  -3.243  1.00 16.34  ? 78  GLY A CA  1 
ATOM   560 C  C   . GLY A 1 77 ? 8.930   9.722   -3.463  1.00 16.07  ? 78  GLY A C   1 
ATOM   561 O  O   . GLY A 1 77 ? 8.027   9.813   -2.628  1.00 17.40  ? 78  GLY A O   1 
ATOM   562 N  N   . VAL A 1 78 ? 8.850   9.034   -4.594  1.00 16.50  ? 79  VAL A N   1 
ATOM   563 C  CA  . VAL A 1 78 ? 7.628   8.362   -5.011  1.00 17.17  ? 79  VAL A CA  1 
ATOM   564 C  C   . VAL A 1 78 ? 7.827   6.852   -4.864  1.00 16.01  ? 79  VAL A C   1 
ATOM   565 O  O   . VAL A 1 78 ? 8.894   6.320   -5.208  1.00 15.65  ? 79  VAL A O   1 
ATOM   566 C  CB  . VAL A 1 78 ? 7.291   8.742   -6.484  1.00 18.21  ? 79  VAL A CB  1 
ATOM   567 C  CG1 . VAL A 1 78 ? 6.021   8.035   -6.961  1.00 18.29  ? 79  VAL A CG1 1 
ATOM   568 C  CG2 . VAL A 1 78 ? 7.071   10.261  -6.549  1.00 19.16  ? 79  VAL A CG2 1 
ATOM   569 N  N   . TYR A 1 79 ? 6.794   6.200   -4.317  1.00 14.34  ? 80  TYR A N   1 
ATOM   570 C  CA  . TYR A 1 79 ? 6.790   4.776   -4.025  1.00 13.40  ? 80  TYR A CA  1 
ATOM   571 C  C   . TYR A 1 79 ? 5.600   4.163   -4.721  1.00 12.85  ? 80  TYR A C   1 
ATOM   572 O  O   . TYR A 1 79 ? 4.467   4.588   -4.463  1.00 13.69  ? 80  TYR A O   1 
ATOM   573 C  CB  . TYR A 1 79 ? 6.642   4.531   -2.529  1.00 12.54  ? 80  TYR A CB  1 
ATOM   574 C  CG  . TYR A 1 79 ? 7.784   5.032   -1.647  1.00 13.68  ? 80  TYR A CG  1 
ATOM   575 C  CD1 . TYR A 1 79 ? 8.051   6.385   -1.446  1.00 14.40  ? 80  TYR A CD1 1 
ATOM   576 C  CD2 . TYR A 1 79 ? 8.562   4.074   -1.020  1.00 14.03  ? 80  TYR A CD2 1 
ATOM   577 C  CE1 . TYR A 1 79 ? 9.093   6.779   -0.624  1.00 12.67  ? 80  TYR A CE1 1 
ATOM   578 C  CE2 . TYR A 1 79 ? 9.598   4.468   -0.195  1.00 13.63  ? 80  TYR A CE2 1 
ATOM   579 C  CZ  . TYR A 1 79 ? 9.851   5.805   -0.011  1.00 13.30  ? 80  TYR A CZ  1 
ATOM   580 O  OH  . TYR A 1 79 ? 10.903  6.143   0.801   1.00 13.64  ? 80  TYR A OH  1 
ATOM   581 N  N   . GLY A 1 80 ? 5.821   3.217   -5.614  1.00 12.20  ? 81  GLY A N   1 
ATOM   582 C  CA  . GLY A 1 80 ? 4.724   2.514   -6.258  1.00 12.79  ? 81  GLY A CA  1 
ATOM   583 C  C   . GLY A 1 80 ? 4.418   1.265   -5.431  1.00 12.63  ? 81  GLY A C   1 
ATOM   584 O  O   . GLY A 1 80 ? 5.351   0.620   -4.943  1.00 14.92  ? 81  GLY A O   1 
ATOM   585 N  N   . VAL A 1 81 ? 3.158   0.888   -5.253  1.00 11.65  ? 82  VAL A N   1 
ATOM   586 C  CA  . VAL A 1 81 ? 2.732   -0.220  -4.421  1.00 12.19  ? 82  VAL A CA  1 
ATOM   587 C  C   . VAL A 1 81 ? 1.733   -0.996  -5.252  1.00 12.71  ? 82  VAL A C   1 
ATOM   588 O  O   . VAL A 1 81 ? 0.927   -0.370  -5.957  1.00 14.26  ? 82  VAL A O   1 
ATOM   589 C  CB  . VAL A 1 81 ? 1.996   0.291   -3.132  1.00 12.41  ? 82  VAL A CB  1 
ATOM   590 C  CG1 . VAL A 1 81 ? 1.489   -0.859  -2.278  1.00 14.91  ? 82  VAL A CG1 1 
ATOM   591 C  CG2 . VAL A 1 81 ? 2.952   1.155   -2.331  1.00 13.63  ? 82  VAL A CG2 1 
ATOM   592 N  N   . TYR A 1 82 ? 1.683   -2.317  -5.178  1.00 11.31  ? 83  TYR A N   1 
ATOM   593 C  CA  . TYR A 1 82 ? 0.576   -3.025  -5.817  1.00 12.14  ? 83  TYR A CA  1 
ATOM   594 C  C   . TYR A 1 82 ? 0.121   -4.208  -4.974  1.00 11.07  ? 83  TYR A C   1 
ATOM   595 O  O   . TYR A 1 82 ? 0.792   -4.593  -4.008  1.00 12.48  ? 83  TYR A O   1 
ATOM   596 C  CB  . TYR A 1 82 ? 0.989   -3.523  -7.208  1.00 12.70  ? 83  TYR A CB  1 
ATOM   597 C  CG  . TYR A 1 82 ? 2.222   -4.416  -7.276  1.00 14.96  ? 83  TYR A CG  1 
ATOM   598 C  CD1 . TYR A 1 82 ? 3.457   -3.808  -7.356  1.00 15.99  ? 83  TYR A CD1 1 
ATOM   599 C  CD2 . TYR A 1 82 ? 2.106   -5.796  -7.285  1.00 15.53  ? 83  TYR A CD2 1 
ATOM   600 C  CE1 . TYR A 1 82 ? 4.600   -4.574  -7.454  1.00 18.86  ? 83  TYR A CE1 1 
ATOM   601 C  CE2 . TYR A 1 82 ? 3.254   -6.563  -7.382  1.00 18.93  ? 83  TYR A CE2 1 
ATOM   602 C  CZ  . TYR A 1 82 ? 4.491   -5.942  -7.465  1.00 19.01  ? 83  TYR A CZ  1 
ATOM   603 O  OH  . TYR A 1 82 ? 5.657   -6.690  -7.534  1.00 23.56  ? 83  TYR A OH  1 
ATOM   604 N  N   . CYS A 1 83 ? -1.000  -4.809  -5.333  1.00 10.64  ? 84  CYS A N   1 
ATOM   605 C  CA  . CYS A 1 83 ? -1.481  -6.011  -4.690  1.00 10.30  ? 84  CYS A CA  1 
ATOM   606 C  C   . CYS A 1 83 ? -1.225  -7.136  -5.673  1.00 12.08  ? 84  CYS A C   1 
ATOM   607 O  O   . CYS A 1 83 ? -1.779  -7.066  -6.778  1.00 12.36  ? 84  CYS A O   1 
ATOM   608 C  CB  . CYS A 1 83 ? -2.944  -5.867  -4.421  1.00 10.59  ? 84  CYS A CB  1 
ATOM   609 S  SG  . CYS A 1 83 ? -3.721  -7.418  -3.926  1.00 12.42  ? 84  CYS A SG  1 
ATOM   610 N  N   . GLU A 1 84 ? -0.502  -8.210  -5.343  1.00 11.47  ? 85  GLU A N   1 
ATOM   611 C  CA  . GLU A 1 84 ? -0.192  -9.201  -6.351  1.00 13.62  ? 85  GLU A CA  1 
ATOM   612 C  C   . GLU A 1 84 ? -1.383  -9.873  -6.973  1.00 12.86  ? 85  GLU A C   1 
ATOM   613 O  O   . GLU A 1 84 ? -1.471  -9.869  -8.207  1.00 13.86  ? 85  GLU A O   1 
ATOM   614 C  CB  . GLU A 1 84 ? 0.721   -10.304 -5.815  1.00 15.51  ? 85  GLU A CB  1 
ATOM   615 C  CG  . GLU A 1 84 ? 2.071   -9.719  -5.533  1.00 24.54  ? 85  GLU A CG  1 
ATOM   616 C  CD  . GLU A 1 84 ? 3.116   -10.696 -4.980  1.00 28.76  ? 85  GLU A CD  1 
ATOM   617 O  OE1 . GLU A 1 84 ? 2.792   -11.545 -4.140  1.00 30.97  ? 85  GLU A OE1 1 
ATOM   618 O  OE2 . GLU A 1 84 ? 4.275   -10.580 -5.388  1.00 31.94  ? 85  GLU A OE2 1 
ATOM   619 N  N   . PRO A 1 85 ? -2.360  -10.407 -6.253  1.00 13.37  ? 86  PRO A N   1 
ATOM   620 C  CA  . PRO A 1 85 ? -3.476  -11.073 -6.915  1.00 14.90  ? 86  PRO A CA  1 
ATOM   621 C  C   . PRO A 1 85 ? -4.323  -10.126 -7.779  1.00 14.63  ? 86  PRO A C   1 
ATOM   622 O  O   . PRO A 1 85 ? -4.942  -10.540 -8.760  1.00 15.36  ? 86  PRO A O   1 
ATOM   623 C  CB  . PRO A 1 85 ? -4.253  -11.705 -5.765  1.00 14.66  ? 86  PRO A CB  1 
ATOM   624 C  CG  . PRO A 1 85 ? -3.845  -10.910 -4.546  1.00 14.48  ? 86  PRO A CG  1 
ATOM   625 C  CD  . PRO A 1 85 ? -2.381  -10.631 -4.799  1.00 12.60  ? 86  PRO A CD  1 
ATOM   626 N  N   . HIS A 1 86 ? -4.315  -8.818  -7.479  1.00 12.71  ? 87  HIS A N   1 
ATOM   627 C  CA  . HIS A 1 86 ? -5.278  -7.925  -8.105  1.00 11.44  ? 87  HIS A CA  1 
ATOM   628 C  C   . HIS A 1 86 ? -4.641  -6.870  -8.989  1.00 12.68  ? 87  HIS A C   1 
ATOM   629 O  O   . HIS A 1 86 ? -5.324  -5.924  -9.430  1.00 11.23  ? 87  HIS A O   1 
ATOM   630 C  CB  . HIS A 1 86 ? -6.108  -7.252  -7.023  1.00 10.82  ? 87  HIS A CB  1 
ATOM   631 C  CG  . HIS A 1 86 ? -6.963  -8.222  -6.217  1.00 12.28  ? 87  HIS A CG  1 
ATOM   632 N  ND1 . HIS A 1 86 ? -7.103  -8.096  -4.909  1.00 13.81  ? 87  HIS A ND1 1 
ATOM   633 C  CD2 . HIS A 1 86 ? -7.640  -9.298  -6.692  1.00 12.44  ? 87  HIS A CD2 1 
ATOM   634 C  CE1 . HIS A 1 86 ? -7.881  -9.098  -4.544  1.00 13.33  ? 87  HIS A CE1 1 
ATOM   635 N  NE2 . HIS A 1 86 ? -8.191  -9.805  -5.608  1.00 13.24  ? 87  HIS A NE2 1 
ATOM   636 N  N   . ALA A 1 87 ? -3.350  -7.060  -9.297  1.00 12.87  ? 88  ALA A N   1 
ATOM   637 C  CA  . ALA A 1 87 ? -2.598  -6.086  -10.086 1.00 14.41  ? 88  ALA A CA  1 
ATOM   638 C  C   . ALA A 1 87 ? -3.250  -5.847  -11.449 1.00 15.16  ? 88  ALA A C   1 
ATOM   639 O  O   . ALA A 1 87 ? -3.436  -4.678  -11.838 1.00 14.59  ? 88  ALA A O   1 
ATOM   640 C  CB  . ALA A 1 87 ? -1.176  -6.569  -10.289 1.00 16.40  ? 88  ALA A CB  1 
ATOM   641 N  N   . GLY A 1 88 ? -3.762  -6.921  -12.088 1.00 14.05  ? 89  GLY A N   1 
ATOM   642 C  CA  . GLY A 1 88 ? -4.426  -6.857  -13.398 1.00 14.84  ? 89  GLY A CA  1 
ATOM   643 C  C   . GLY A 1 88 ? -5.785  -6.169  -13.355 1.00 15.38  ? 89  GLY A C   1 
ATOM   644 O  O   . GLY A 1 88 ? -6.305  -5.719  -14.384 1.00 16.40  ? 89  GLY A O   1 
ATOM   645 N  N   . ALA A 1 89 ? -6.387  -6.040  -12.156 1.00 13.95  ? 90  ALA A N   1 
ATOM   646 C  CA  . ALA A 1 89 ? -7.640  -5.312  -12.002 1.00 14.24  ? 90  ALA A CA  1 
ATOM   647 C  C   . ALA A 1 89 ? -7.378  -3.813  -11.753 1.00 14.07  ? 90  ALA A C   1 
ATOM   648 O  O   . ALA A 1 89 ? -8.301  -3.004  -11.710 1.00 14.65  ? 90  ALA A O   1 
ATOM   649 C  CB  . ALA A 1 89 ? -8.436  -5.880  -10.830 1.00 13.69  ? 90  ALA A CB  1 
ATOM   650 N  N   . GLY A 1 90 ? -6.122  -3.377  -11.614 1.00 13.55  ? 91  GLY A N   1 
ATOM   651 C  CA  . GLY A 1 90 ? -5.824  -1.976  -11.367 1.00 12.95  ? 91  GLY A CA  1 
ATOM   652 C  C   . GLY A 1 90 ? -5.551  -1.695  -9.897  1.00 12.29  ? 91  GLY A C   1 
ATOM   653 O  O   . GLY A 1 90 ? -5.496  -0.524  -9.523  1.00 12.59  ? 91  GLY A O   1 
ATOM   654 N  N   . MET A 1 91 ? -5.323  -2.708  -9.034  1.00 11.86  ? 92  MET A N   1 
ATOM   655 C  CA  . MET A 1 91 ? -5.076  -2.442  -7.624  1.00 10.54  ? 92  MET A CA  1 
ATOM   656 C  C   . MET A 1 91 ? -3.597  -2.149  -7.406  1.00 9.75   ? 92  MET A C   1 
ATOM   657 O  O   . MET A 1 91 ? -2.768  -3.020  -7.113  1.00 9.96   ? 92  MET A O   1 
ATOM   658 C  CB  . MET A 1 91 ? -5.524  -3.645  -6.789  1.00 9.43   ? 92  MET A CB  1 
ATOM   659 C  CG  . MET A 1 91 ? -5.592  -3.255  -5.319  1.00 10.16  ? 92  MET A CG  1 
ATOM   660 S  SD  . MET A 1 91 ? -6.459  -4.427  -4.266  1.00 12.32  ? 92  MET A SD  1 
ATOM   661 C  CE  . MET A 1 91 ? -6.104  -3.728  -2.685  1.00 11.41  ? 92  MET A CE  1 
ATOM   662 N  N   . LYS A 1 92 ? -3.311  -0.872  -7.625  1.00 10.23  ? 93  LYS A N   1 
ATOM   663 C  CA  . LYS A 1 92 ? -1.992  -0.276  -7.524  1.00 11.07  ? 93  LYS A CA  1 
ATOM   664 C  C   . LYS A 1 92 ? -2.169  1.111   -6.895  1.00 11.37  ? 93  LYS A C   1 
ATOM   665 O  O   . LYS A 1 92 ? -3.266  1.696   -6.961  1.00 11.78  ? 93  LYS A O   1 
ATOM   666 C  CB  . LYS A 1 92 ? -1.340  -0.071  -8.895  1.00 12.30  ? 93  LYS A CB  1 
ATOM   667 C  CG  . LYS A 1 92 ? -1.191  -1.346  -9.664  1.00 16.79  ? 93  LYS A CG  1 
ATOM   668 C  CD  . LYS A 1 92 ? -0.584  -1.072  -11.008 1.00 23.45  ? 93  LYS A CD  1 
ATOM   669 C  CE  . LYS A 1 92 ? -0.494  -2.409  -11.722 1.00 28.55  ? 93  LYS A CE  1 
ATOM   670 N  NZ  . LYS A 1 92 ? -0.021  -2.237  -13.088 1.00 33.40  ? 93  LYS A NZ  1 
ATOM   671 N  N   . MET A 1 93 ? -1.151  1.662   -6.235  1.00 10.79  ? 94  MET A N   1 
ATOM   672 C  CA  . MET A 1 93 ? -1.258  2.999   -5.693  1.00 9.86   ? 94  MET A CA  1 
ATOM   673 C  C   . MET A 1 93 ? 0.105   3.681   -5.693  1.00 11.06  ? 94  MET A C   1 
ATOM   674 O  O   . MET A 1 93 ? 1.129   3.051   -5.957  1.00 11.41  ? 94  MET A O   1 
ATOM   675 C  CB  . MET A 1 93 ? -1.840  2.939   -4.280  1.00 10.11  ? 94  MET A CB  1 
ATOM   676 C  CG  . MET A 1 93 ? -0.887  2.500   -3.195  1.00 12.92  ? 94  MET A CG  1 
ATOM   677 S  SD  . MET A 1 93 ? -1.588  2.695   -1.553  1.00 14.64  ? 94  MET A SD  1 
ATOM   678 C  CE  . MET A 1 93 ? -1.664  4.464   -1.456  1.00 14.80  ? 94  MET A CE  1 
ATOM   679 N  N   . THR A 1 94 ? 0.144   4.979   -5.474  1.00 11.42  ? 95  THR A N   1 
ATOM   680 C  CA  . THR A 1 94 ? 1.348   5.777   -5.500  1.00 12.99  ? 95  THR A CA  1 
ATOM   681 C  C   . THR A 1 94 ? 1.373   6.591   -4.217  1.00 13.72  ? 95  THR A C   1 
ATOM   682 O  O   . THR A 1 94 ? 0.372   7.224   -3.837  1.00 13.84  ? 95  THR A O   1 
ATOM   683 C  CB  . THR A 1 94 ? 1.296   6.690   -6.735  1.00 15.35  ? 95  THR A CB  1 
ATOM   684 O  OG1 . THR A 1 94 ? 1.378   5.863   -7.895  1.00 18.52  ? 95  THR A OG1 1 
ATOM   685 C  CG2 . THR A 1 94 ? 2.426   7.687   -6.755  1.00 17.63  ? 95  THR A CG2 1 
ATOM   686 N  N   . ILE A 1 95 ? 2.504   6.576   -3.532  1.00 13.41  ? 96  ILE A N   1 
ATOM   687 C  CA  . ILE A 1 95 ? 2.698   7.316   -2.299  1.00 13.94  ? 96  ILE A CA  1 
ATOM   688 C  C   . ILE A 1 95 ? 3.817   8.327   -2.564  1.00 14.57  ? 96  ILE A C   1 
ATOM   689 O  O   . ILE A 1 95 ? 4.881   7.930   -3.043  1.00 15.15  ? 96  ILE A O   1 
ATOM   690 C  CB  . ILE A 1 95 ? 3.114   6.335   -1.160  1.00 15.56  ? 96  ILE A CB  1 
ATOM   691 C  CG1 . ILE A 1 95 ? 1.999   5.308   -0.906  1.00 15.50  ? 96  ILE A CG1 1 
ATOM   692 C  CG2 . ILE A 1 95 ? 3.425   7.127   0.123   1.00 16.01  ? 96  ILE A CG2 1 
ATOM   693 C  CD1 . ILE A 1 95 ? 2.461   4.077   -0.080  1.00 15.09  ? 96  ILE A CD1 1 
ATOM   694 N  N   . THR A 1 96 ? 3.620   9.614   -2.293  1.00 15.28  ? 97  THR A N   1 
ATOM   695 C  CA  . THR A 1 96 ? 4.686   10.583  -2.395  1.00 15.35  ? 97  THR A CA  1 
ATOM   696 C  C   . THR A 1 96 ? 5.030   10.952  -0.961  1.00 15.18  ? 97  THR A C   1 
ATOM   697 O  O   . THR A 1 96 ? 4.152   11.339  -0.174  1.00 15.48  ? 97  THR A O   1 
ATOM   698 C  CB  . THR A 1 96 ? 4.203   11.806  -3.147  1.00 15.61  ? 97  THR A CB  1 
ATOM   699 O  OG1 . THR A 1 96 ? 3.925   11.361  -4.461  1.00 19.14  ? 97  THR A OG1 1 
ATOM   700 C  CG2 . THR A 1 96 ? 5.224   12.929  -3.154  1.00 16.80  ? 97  THR A CG2 1 
ATOM   701 N  N   . VAL A 1 97 ? 6.286   10.783  -0.598  1.00 16.28  ? 98  VAL A N   1 
ATOM   702 C  CA  . VAL A 1 97 ? 6.756   11.149  0.721   1.00 18.84  ? 98  VAL A CA  1 
ATOM   703 C  C   . VAL A 1 97 ? 7.466   12.483  0.573   1.00 22.61  ? 98  VAL A C   1 
ATOM   704 O  O   . VAL A 1 97 ? 8.261   12.625  -0.367  1.00 21.20  ? 98  VAL A O   1 
ATOM   705 C  CB  . VAL A 1 97 ? 7.751   10.108  1.256   1.00 17.49  ? 98  VAL A CB  1 
ATOM   706 C  CG1 . VAL A 1 97 ? 8.292   10.549  2.611   1.00 17.16  ? 98  VAL A CG1 1 
ATOM   707 C  CG2 . VAL A 1 97 ? 7.046   8.779   1.399   1.00 16.89  ? 98  VAL A CG2 1 
ATOM   708 N  N   . GLN A 1 98 ? 7.207   13.455  1.430   1.00 28.07  ? 99  GLN A N   1 
ATOM   709 C  CA  . GLN A 1 98 ? 7.895   14.738  1.390   1.00 35.34  ? 99  GLN A CA  1 
ATOM   710 C  C   . GLN A 1 98 ? 8.694   14.955  2.680   1.00 38.06  ? 99  GLN A C   1 
ATOM   711 O  O   . GLN A 1 98 ? 8.187   14.693  3.789   1.00 39.11  ? 99  GLN A O   1 
ATOM   712 C  CB  . GLN A 1 98 ? 6.862   15.833  1.199   1.00 39.21  ? 99  GLN A CB  1 
ATOM   713 C  CG  . GLN A 1 98 ? 6.267   15.717  -0.212  1.00 46.71  ? 99  GLN A CG  1 
ATOM   714 C  CD  . GLN A 1 98 ? 4.862   16.278  -0.404  1.00 50.29  ? 99  GLN A CD  1 
ATOM   715 O  OE1 . GLN A 1 98 ? 4.039   16.344  0.509   1.00 53.53  ? 99  GLN A OE1 1 
ATOM   716 N  NE2 . GLN A 1 98 ? 4.478   16.679  -1.613  1.00 51.49  ? 99  GLN A NE2 1 
ATOM   717 O  OXT . GLN A 1 98 ? 9.861   15.348  2.554   1.00 41.05  ? 99  GLN A OXT 1 
HETATM 718 CU CU  . CU  B 2 .  ? -5.846  -6.985  -3.707  1.00 13.89  ? 100 CU  A CU  1 
HETATM 719 S  S   . SO4 C 3 .  ? 0.764   10.357  12.447  1.00 101.97 ? 200 SO4 A S   1 
HETATM 720 O  O1  . SO4 C 3 .  ? -0.434  9.938   13.132  1.00 102.71 ? 200 SO4 A O1  1 
HETATM 721 O  O2  . SO4 C 3 .  ? 0.518   11.614  11.786  1.00 103.38 ? 200 SO4 A O2  1 
HETATM 722 O  O3  . SO4 C 3 .  ? 1.046   9.395   11.440  1.00 122.37 ? 200 SO4 A O3  1 
HETATM 723 O  O4  . SO4 C 3 .  ? 1.880   10.401  13.337  1.00 93.27  ? 200 SO4 A O4  1 
HETATM 724 O  O   . HOH D 4 .  ? -8.624  4.510   -5.421  1.00 16.17  ? 201 HOH A O   1 
HETATM 725 O  O   . HOH D 4 .  ? -5.882  0.889   -6.383  1.00 12.69  ? 202 HOH A O   1 
HETATM 726 O  O   . HOH D 4 .  ? -10.773 -2.135  -10.951 1.00 26.21  ? 203 HOH A O   1 
HETATM 727 O  O   . HOH D 4 .  ? 5.698   8.023   5.869   1.00 14.02  ? 204 HOH A O   1 
HETATM 728 O  O   . HOH D 4 .  ? -15.305 -8.670  0.869   1.00 46.68  ? 205 HOH A O   1 
HETATM 729 O  O   . HOH D 4 .  ? 11.600  8.927   -6.139  1.00 40.62  ? 206 HOH A O   1 
HETATM 730 O  O   . HOH D 4 .  ? -4.391  -9.715  -11.448 1.00 17.90  ? 207 HOH A O   1 
HETATM 731 O  O   . HOH D 4 .  ? 19.032  1.537   -5.008  1.00 53.83  ? 208 HOH A O   1 
HETATM 732 O  O   . HOH D 4 .  ? 16.199  1.084   -4.333  1.00 24.03  ? 209 HOH A O   1 
HETATM 733 O  O   . HOH D 4 .  ? 2.476   -3.507  10.556  1.00 17.77  ? 210 HOH A O   1 
HETATM 734 O  O   . HOH D 4 .  ? -17.858 2.998   -1.807  1.00 41.09  ? 211 HOH A O   1 
HETATM 735 O  O   . HOH D 4 .  ? -8.994  -0.746  -9.342  1.00 26.67  ? 212 HOH A O   1 
HETATM 736 O  O   . HOH D 4 .  ? -6.725  4.127   -8.944  1.00 14.64  ? 213 HOH A O   1 
HETATM 737 O  O   . HOH D 4 .  ? -9.583  3.775   -7.971  1.00 25.46  ? 214 HOH A O   1 
HETATM 738 O  O   . HOH D 4 .  ? -11.963 5.162   -7.950  1.00 17.44  ? 215 HOH A O   1 
HETATM 739 O  O   . HOH D 4 .  ? 8.920   -5.487  -6.345  1.00 39.96  ? 216 HOH A O   1 
HETATM 740 O  O   . HOH D 4 .  ? 2.003   1.541   -8.742  1.00 30.33  ? 217 HOH A O   1 
HETATM 741 O  O   . HOH D 4 .  ? 0.223   3.158   -10.316 1.00 22.99  ? 218 HOH A O   1 
HETATM 742 O  O   . HOH D 4 .  ? -0.780  -13.839 -5.385  1.00 73.16  ? 219 HOH A O   1 
HETATM 743 O  O   . HOH D 4 .  ? -13.181 -11.291 7.914   1.00 29.18  ? 220 HOH A O   1 
HETATM 744 O  O   . HOH D 4 .  ? -6.472  -13.289 10.286  1.00 20.72  ? 221 HOH A O   1 
HETATM 745 O  O   . HOH D 4 .  ? 10.904  2.889   6.338   1.00 24.67  ? 222 HOH A O   1 
HETATM 746 O  O   . HOH D 4 .  ? -6.040  -5.365  -17.145 1.00 32.64  ? 223 HOH A O   1 
HETATM 747 O  O   . HOH D 4 .  ? -12.248 -1.927  7.110   1.00 48.64  ? 224 HOH A O   1 
HETATM 748 O  O   . HOH D 4 .  ? 8.290   -8.167  -1.662  1.00 27.35  ? 225 HOH A O   1 
HETATM 749 O  O   . HOH D 4 .  ? -1.897  -11.992 7.286   1.00 23.66  ? 226 HOH A O   1 
HETATM 750 O  O   . HOH D 4 .  ? -8.801  -16.778 -3.681  0.33 5.21   ? 227 HOH A O   1 
HETATM 751 O  O   . HOH D 4 .  ? -4.411  -13.117 7.233   1.00 22.11  ? 228 HOH A O   1 
HETATM 752 O  O   . HOH D 4 .  ? -6.348  9.323   6.708   1.00 31.63  ? 229 HOH A O   1 
HETATM 753 O  O   . HOH D 4 .  ? -14.614 2.625   -0.213  1.00 45.64  ? 230 HOH A O   1 
HETATM 754 O  O   . HOH D 4 .  ? -12.049 -3.991  -9.291  1.00 22.68  ? 231 HOH A O   1 
HETATM 755 O  O   . HOH D 4 .  ? 1.409   10.339  -4.620  1.00 23.75  ? 232 HOH A O   1 
HETATM 756 O  O   . HOH D 4 .  ? -0.397  4.593   13.128  1.00 32.51  ? 233 HOH A O   1 
HETATM 757 O  O   . HOH D 4 .  ? 15.200  -1.154  -5.740  1.00 48.07  ? 234 HOH A O   1 
HETATM 758 O  O   . HOH D 4 .  ? 14.504  -2.758  -3.518  1.00 18.69  ? 235 HOH A O   1 
HETATM 759 O  O   . HOH D 4 .  ? 15.325  8.765   -5.554  1.00 47.71  ? 236 HOH A O   1 
HETATM 760 O  O   . HOH D 4 .  ? 9.082   -5.873  -3.189  1.00 26.50  ? 237 HOH A O   1 
HETATM 761 O  O   . HOH D 4 .  ? 6.521   -9.182  3.925   1.00 52.12  ? 238 HOH A O   1 
HETATM 762 O  O   . HOH D 4 .  ? 9.068   14.130  -2.579  1.00 41.64  ? 239 HOH A O   1 
HETATM 763 O  O   . HOH D 4 .  ? -2.276  -11.334 -10.612 1.00 24.58  ? 240 HOH A O   1 
HETATM 764 O  O   . HOH D 4 .  ? 9.017   14.761  8.210   1.00 43.88  ? 241 HOH A O   1 
HETATM 765 O  O   . HOH D 4 .  ? -9.629  -2.460  12.037  1.00 61.11  ? 242 HOH A O   1 
HETATM 766 O  O   . HOH D 4 .  ? 10.577  6.359   -7.459  1.00 39.20  ? 243 HOH A O   1 
HETATM 767 O  O   . HOH D 4 .  ? -10.232 -12.081 -6.644  1.00 45.65  ? 244 HOH A O   1 
HETATM 768 O  O   . HOH D 4 .  ? -4.989  11.870  -1.076  1.00 32.09  ? 245 HOH A O   1 
HETATM 769 O  O   . HOH D 4 .  ? -13.437 -11.320 -0.205  1.00 40.53  ? 246 HOH A O   1 
HETATM 770 O  O   . HOH D 4 .  ? -2.849  12.503  0.773   1.00 34.86  ? 247 HOH A O   1 
HETATM 771 O  O   . HOH D 4 .  ? 16.656  4.911   2.545   1.00 28.58  ? 248 HOH A O   1 
HETATM 772 O  O   . HOH D 4 .  ? 4.273   -10.595 4.886   1.00 31.29  ? 249 HOH A O   1 
HETATM 773 O  O   . HOH D 4 .  ? -4.332  -17.193 -4.596  0.33 31.45  ? 250 HOH A O   1 
HETATM 774 O  O   . HOH D 4 .  ? -7.144  1.366   -8.659  1.00 30.36  ? 251 HOH A O   1 
HETATM 775 O  O   . HOH D 4 .  ? -0.111  -5.958  11.512  1.00 43.38  ? 252 HOH A O   1 
HETATM 776 O  O   . HOH D 4 .  ? -5.995  14.151  -2.087  1.00 71.03  ? 253 HOH A O   1 
HETATM 777 O  O   . HOH D 4 .  ? -11.863 -10.614 -4.401  1.00 45.58  ? 254 HOH A O   1 
HETATM 778 O  O   . HOH D 4 .  ? 15.527  -6.013  -2.260  1.00 53.63  ? 255 HOH A O   1 
HETATM 779 O  O   . HOH D 4 .  ? 1.413   -14.430 -0.721  1.00 71.77  ? 256 HOH A O   1 
HETATM 780 O  O   . HOH D 4 .  ? 13.363  12.470  5.229   1.00 38.62  ? 257 HOH A O   1 
HETATM 781 O  O   . HOH D 4 .  ? 15.503  10.126  -2.961  1.00 54.69  ? 258 HOH A O   1 
HETATM 782 O  O   . HOH D 4 .  ? -10.533 5.451   2.683   1.00 39.17  ? 259 HOH A O   1 
HETATM 783 O  O   . HOH D 4 .  ? 6.221   12.544  10.470  1.00 59.64  ? 260 HOH A O   1 
HETATM 784 O  O   . HOH D 4 .  ? -15.747 -7.189  3.529   1.00 61.60  ? 261 HOH A O   1 
HETATM 785 O  O   . HOH D 4 .  ? 0.058   -9.859  10.432  1.00 43.07  ? 262 HOH A O   1 
HETATM 786 O  O   . HOH D 4 .  ? -10.866 -14.530 7.917   1.00 46.57  ? 263 HOH A O   1 
HETATM 787 O  O   . HOH D 4 .  ? 5.899   -7.669  8.148   1.00 49.09  ? 264 HOH A O   1 
HETATM 788 O  O   . HOH D 4 .  ? 0.517   1.870   -12.939 1.00 74.35  ? 265 HOH A O   1 
HETATM 789 O  O   . HOH D 4 .  ? 4.739   13.127  -6.553  1.00 44.81  ? 266 HOH A O   1 
HETATM 790 O  O   . HOH D 4 .  ? -15.167 5.018   -1.715  1.00 41.00  ? 267 HOH A O   1 
HETATM 791 O  O   . HOH D 4 .  ? -0.308  -16.737 -0.971  1.00 47.67  ? 268 HOH A O   1 
HETATM 792 O  O   . HOH D 4 .  ? 4.483   0.831   -9.473  1.00 81.71  ? 269 HOH A O   1 
HETATM 793 O  O   . HOH D 4 .  ? 7.428   9.153   13.146  1.00 54.48  ? 270 HOH A O   1 
HETATM 794 O  O   . HOH D 4 .  ? -18.203 4.083   0.636   1.00 62.22  ? 271 HOH A O   1 
HETATM 795 O  O   . HOH D 4 .  ? -14.762 -6.744  -7.533  1.00 43.53  ? 272 HOH A O   1 
HETATM 796 O  O   . HOH D 4 .  ? 0.009   12.760  -4.395  1.00 61.98  ? 273 HOH A O   1 
HETATM 797 O  O   . HOH D 4 .  ? 1.099   14.969  5.359   1.00 63.97  ? 274 HOH A O   1 
HETATM 798 O  O   . HOH D 4 .  ? -2.024  14.188  7.780   1.00 71.66  ? 275 HOH A O   1 
HETATM 799 O  O   . HOH D 4 .  ? -1.413  16.857  6.624   1.00 60.03  ? 276 HOH A O   1 
HETATM 800 O  O   . HOH D 4 .  ? -8.259  -12.469 -3.692  1.00 59.33  ? 277 HOH A O   1 
HETATM 801 O  O   . HOH D 4 .  ? 7.157   -0.535  -12.314 1.00 76.03  ? 278 HOH A O   1 
HETATM 802 O  O   . HOH D 4 .  ? 15.518  2.593   -6.543  1.00 43.39  ? 279 HOH A O   1 
HETATM 803 O  O   . HOH D 4 .  ? 17.003  4.017   -8.378  1.00 96.37  ? 280 HOH A O   1 
HETATM 804 O  O   . HOH D 4 .  ? 10.943  11.737  -6.669  1.00 90.71  ? 281 HOH A O   1 
HETATM 805 O  O   . HOH D 4 .  ? 0.685   -9.490  -9.975  1.00 30.53  ? 282 HOH A O   1 
HETATM 806 O  O   . HOH D 4 .  ? -9.861  -14.675 -4.661  1.00 59.53  ? 283 HOH A O   1 
HETATM 807 O  O   . HOH D 4 .  ? 0.787   7.322   14.550  1.00 60.72  ? 284 HOH A O   1 
HETATM 808 O  O   . HOH D 4 .  ? -12.190 -14.133 0.894   1.00 55.71  ? 285 HOH A O   1 
HETATM 809 O  O   . HOH D 4 .  ? 7.925   -6.124  6.093   1.00 57.50  ? 286 HOH A O   1 
HETATM 810 O  O   . HOH D 4 .  ? -10.404 -14.205 3.054   1.00 45.24  ? 287 HOH A O   1 
HETATM 811 O  O   . HOH D 4 .  ? -2.339  -3.382  -14.243 1.00 41.44  ? 288 HOH A O   1 
HETATM 812 O  O   . HOH D 4 .  ? 13.267  1.701   -7.991  1.00 51.38  ? 289 HOH A O   1 
HETATM 813 O  O   . HOH D 4 .  ? -7.499  8.884   3.885   1.00 50.89  ? 290 HOH A O   1 
HETATM 814 O  O   . HOH D 4 .  ? -4.540  4.599   15.034  1.00 68.16  ? 291 HOH A O   1 
HETATM 815 O  O   . HOH D 4 .  ? -7.971  -0.386  11.394  1.00 84.70  ? 292 HOH A O   1 
HETATM 816 O  O   . HOH D 4 .  ? 16.979  9.058   3.293   1.00 47.96  ? 293 HOH A O   1 
HETATM 817 O  O   . HOH D 4 .  ? 18.852  7.116   2.486   1.00 55.95  ? 294 HOH A O   1 
HETATM 818 O  O   . HOH D 4 .  ? 5.418   -9.496  -7.970  1.00 72.36  ? 295 HOH A O   1 
HETATM 819 O  O   . HOH D 4 .  ? -5.881  6.378   12.499  1.00 53.28  ? 296 HOH A O   1 
HETATM 820 O  O   . HOH D 4 .  ? -15.610 -11.283 1.372   1.00 75.32  ? 297 HOH A O   1 
HETATM 821 O  O   . HOH D 4 .  ? -13.832 4.756   1.436   1.00 62.80  ? 298 HOH A O   1 
HETATM 822 O  O   . HOH D 4 .  ? 6.759   -10.171 6.572   1.00 85.68  ? 299 HOH A O   1 
HETATM 823 O  O   . HOH D 4 .  ? 8.099   -3.514  -11.822 1.00 52.21  ? 300 HOH A O   1 
HETATM 824 O  O   . HOH D 4 .  ? -15.388 -11.895 6.388   1.00 70.88  ? 301 HOH A O   1 
HETATM 825 O  O   . HOH D 4 .  ? -16.624 -9.231  6.401   1.00 57.30  ? 302 HOH A O   1 
HETATM 826 O  O   . HOH D 4 .  ? 10.479  -10.410 -3.136  1.00 71.74  ? 303 HOH A O   1 
HETATM 827 O  O   . HOH D 4 .  ? 3.153   -10.408 -9.282  1.00 63.91  ? 304 HOH A O   1 
HETATM 828 O  O   . HOH D 4 .  ? 3.941   -15.228 1.594   1.00 50.60  ? 305 HOH A O   1 
# 
